data_6D07
# 
_entry.id   6D07 
# 
_audit_conform.dict_name       mmcif_pdbx.dic 
_audit_conform.dict_version    5.379 
_audit_conform.dict_location   http://mmcif.pdb.org/dictionaries/ascii/mmcif_pdbx.dic 
# 
loop_
_database_2.database_id 
_database_2.database_code 
_database_2.pdbx_database_accession 
_database_2.pdbx_DOI 
PDB   6D07         pdb_00006d07 10.2210/pdb6d07/pdb 
WWPDB D_1000233794 ?            ?                   
# 
_pdbx_database_related.content_type   unspecified 
_pdbx_database_related.db_id          6D08 
_pdbx_database_related.db_name        PDB 
_pdbx_database_related.details        . 
# 
_pdbx_database_status.status_code                     REL 
_pdbx_database_status.status_code_sf                  REL 
_pdbx_database_status.status_code_mr                  ? 
_pdbx_database_status.entry_id                        6D07 
_pdbx_database_status.recvd_initial_deposition_date   2018-04-10 
_pdbx_database_status.SG_entry                        N 
_pdbx_database_status.deposit_site                    RCSB 
_pdbx_database_status.process_site                    RCSB 
_pdbx_database_status.status_code_cs                  ? 
_pdbx_database_status.methods_development_category    ? 
_pdbx_database_status.pdb_format_compatible           Y 
_pdbx_database_status.status_code_nmr_data            ? 
# 
loop_
_audit_author.name 
_audit_author.pdbx_ordinal 
_audit_author.identifier_ORCID 
'Arora, S.'   1 ? 
'Horne, W.S.' 2 ? 
'Islam, K.'   3 ? 
# 
_citation.abstract                  ? 
_citation.abstract_id_CAS           ? 
_citation.book_id_ISBN              ? 
_citation.book_publisher            ? 
_citation.book_publisher_city       ? 
_citation.book_title                ? 
_citation.coordinate_linkage        ? 
_citation.country                   US 
_citation.database_id_Medline       ? 
_citation.details                   ? 
_citation.id                        primary 
_citation.journal_abbrev            J.Am.Chem.Soc. 
_citation.journal_id_ASTM           JACSAT 
_citation.journal_id_CSD            ? 
_citation.journal_id_ISSN           1520-5126 
_citation.journal_full              ? 
_citation.journal_issue             ? 
_citation.journal_volume            141 
_citation.language                  ? 
_citation.page_first                15466 
_citation.page_last                 15470 
_citation.title                     
'Engineering Methyllysine Writers and Readers for Allele-Specific Regulation of Protein-Protein Interactions.' 
_citation.year                      2019 
_citation.database_id_CSD           ? 
_citation.pdbx_database_id_DOI      10.1021/jacs.9b05725 
_citation.pdbx_database_id_PubMed   31518125 
_citation.unpublished_flag          ? 
# 
loop_
_citation_author.citation_id 
_citation_author.name 
_citation_author.ordinal 
_citation_author.identifier_ORCID 
primary 'Arora, S.'   1 ?                   
primary 'Horne, W.S.' 2 0000-0003-2927-1739 
primary 'Islam, K.'   3 0000-0002-8680-6130 
# 
_cell.entry_id           6D07 
_cell.length_a           32.016 
_cell.length_b           32.124 
_cell.length_c           34.053 
_cell.angle_alpha        99.05 
_cell.angle_beta         106.20 
_cell.angle_gamma        102.42 
_cell.Z_PDB              2 
_cell.pdbx_unique_axis   ? 
# 
_symmetry.entry_id                         6D07 
_symmetry.space_group_name_H-M             'P 1' 
_symmetry.pdbx_full_space_group_name_H-M   ? 
_symmetry.cell_setting                     ? 
_symmetry.Int_Tables_number                1 
# 
loop_
_entity.id 
_entity.type 
_entity.src_method 
_entity.pdbx_description 
_entity.formula_weight 
_entity.pdbx_number_of_molecules 
_entity.pdbx_ec 
_entity.pdbx_mutation 
_entity.pdbx_fragment 
_entity.details 
1 polymer     man 'Chromobox protein homolog 1' 6496.267 2   ? ? 'UNP residues 20-73'                    ? 
2 polymer     syn 'Histone H3.1'                1605.885 2   ? ? 'H3K9(me)3 peptide (UNP residues 2-16)' ? 
3 non-polymer syn GLYCEROL                      92.094   1   ? ? ?                                       ? 
4 water       nat water                         18.015   100 ? ? ?                                       ? 
# 
loop_
_entity_name_com.entity_id 
_entity_name_com.name 
1 'HP1Hsbeta, Heterochromatin protein 1 homolog beta, HP1 beta, Heterochromatin protein p25, M31, Modifier 1 protein, p25beta' 
2 
;Histone H3/a, Histone H3/b, Histone H3/c, Histone H3/d, Histone H3/f, Histone H3/h, Histone H3/i, Histone H3/j, Histone H3/k, Histone H3/l
;
# 
loop_
_entity_poly.entity_id 
_entity_poly.type 
_entity_poly.nstd_linkage 
_entity_poly.nstd_monomer 
_entity_poly.pdbx_seq_one_letter_code 
_entity_poly.pdbx_seq_one_letter_code_can 
_entity_poly.pdbx_strand_id 
_entity_poly.pdbx_target_identifier 
1 'polypeptide(L)' no no  GEYVVEKVLDRRVVKGKVEYLLKWKGFSDEDNTWEPEENLDCPDLIAEFLQSQKT 
GEYVVEKVLDRRVVKGKVEYLLKWKGFSDEDNTWEPEENLDCPDLIAEFLQSQKT A,B ? 
2 'polypeptide(L)' no yes 'ARTKQTAR(M3L)STGGKA(NH2)'                              ARTKQTARKSTGGKAX C,D ? 
# 
loop_
_entity_poly_seq.entity_id 
_entity_poly_seq.num 
_entity_poly_seq.mon_id 
_entity_poly_seq.hetero 
1 1  GLY n 
1 2  GLU n 
1 3  TYR n 
1 4  VAL n 
1 5  VAL n 
1 6  GLU n 
1 7  LYS n 
1 8  VAL n 
1 9  LEU n 
1 10 ASP n 
1 11 ARG n 
1 12 ARG n 
1 13 VAL n 
1 14 VAL n 
1 15 LYS n 
1 16 GLY n 
1 17 LYS n 
1 18 VAL n 
1 19 GLU n 
1 20 TYR n 
1 21 LEU n 
1 22 LEU n 
1 23 LYS n 
1 24 TRP n 
1 25 LYS n 
1 26 GLY n 
1 27 PHE n 
1 28 SER n 
1 29 ASP n 
1 30 GLU n 
1 31 ASP n 
1 32 ASN n 
1 33 THR n 
1 34 TRP n 
1 35 GLU n 
1 36 PRO n 
1 37 GLU n 
1 38 GLU n 
1 39 ASN n 
1 40 LEU n 
1 41 ASP n 
1 42 CYS n 
1 43 PRO n 
1 44 ASP n 
1 45 LEU n 
1 46 ILE n 
1 47 ALA n 
1 48 GLU n 
1 49 PHE n 
1 50 LEU n 
1 51 GLN n 
1 52 SER n 
1 53 GLN n 
1 54 LYS n 
1 55 THR n 
2 1  ALA n 
2 2  ARG n 
2 3  THR n 
2 4  LYS n 
2 5  GLN n 
2 6  THR n 
2 7  ALA n 
2 8  ARG n 
2 9  M3L n 
2 10 SER n 
2 11 THR n 
2 12 GLY n 
2 13 GLY n 
2 14 LYS n 
2 15 ALA n 
2 16 NH2 n 
# 
_entity_src_gen.entity_id                          1 
_entity_src_gen.pdbx_src_id                        1 
_entity_src_gen.pdbx_alt_source_flag               sample 
_entity_src_gen.pdbx_seq_type                      'Biological sequence' 
_entity_src_gen.pdbx_beg_seq_num                   1 
_entity_src_gen.pdbx_end_seq_num                   55 
_entity_src_gen.gene_src_common_name               Human 
_entity_src_gen.gene_src_genus                     ? 
_entity_src_gen.pdbx_gene_src_gene                 'CBX1, CBX' 
_entity_src_gen.gene_src_species                   ? 
_entity_src_gen.gene_src_strain                    ? 
_entity_src_gen.gene_src_tissue                    ? 
_entity_src_gen.gene_src_tissue_fraction           ? 
_entity_src_gen.gene_src_details                   ? 
_entity_src_gen.pdbx_gene_src_fragment             ? 
_entity_src_gen.pdbx_gene_src_scientific_name      'Homo sapiens' 
_entity_src_gen.pdbx_gene_src_ncbi_taxonomy_id     9606 
_entity_src_gen.pdbx_gene_src_variant              ? 
_entity_src_gen.pdbx_gene_src_cell_line            ? 
_entity_src_gen.pdbx_gene_src_atcc                 ? 
_entity_src_gen.pdbx_gene_src_organ                ? 
_entity_src_gen.pdbx_gene_src_organelle            ? 
_entity_src_gen.pdbx_gene_src_cell                 ? 
_entity_src_gen.pdbx_gene_src_cellular_location    ? 
_entity_src_gen.host_org_common_name               ? 
_entity_src_gen.pdbx_host_org_scientific_name      'Escherichia coli' 
_entity_src_gen.pdbx_host_org_ncbi_taxonomy_id     562 
_entity_src_gen.host_org_genus                     ? 
_entity_src_gen.pdbx_host_org_gene                 ? 
_entity_src_gen.pdbx_host_org_organ                ? 
_entity_src_gen.host_org_species                   ? 
_entity_src_gen.pdbx_host_org_tissue               ? 
_entity_src_gen.pdbx_host_org_tissue_fraction      ? 
_entity_src_gen.pdbx_host_org_strain               ? 
_entity_src_gen.pdbx_host_org_variant              ? 
_entity_src_gen.pdbx_host_org_cell_line            ? 
_entity_src_gen.pdbx_host_org_atcc                 ? 
_entity_src_gen.pdbx_host_org_culture_collection   ? 
_entity_src_gen.pdbx_host_org_cell                 ? 
_entity_src_gen.pdbx_host_org_organelle            ? 
_entity_src_gen.pdbx_host_org_cellular_location    ? 
_entity_src_gen.pdbx_host_org_vector_type          ? 
_entity_src_gen.pdbx_host_org_vector               ? 
_entity_src_gen.host_org_details                   ? 
_entity_src_gen.expression_system_id               ? 
_entity_src_gen.plasmid_name                       ? 
_entity_src_gen.plasmid_details                    ? 
_entity_src_gen.pdbx_description                   ? 
# 
_pdbx_entity_src_syn.entity_id              2 
_pdbx_entity_src_syn.pdbx_src_id            1 
_pdbx_entity_src_syn.pdbx_alt_source_flag   sample 
_pdbx_entity_src_syn.pdbx_beg_seq_num       1 
_pdbx_entity_src_syn.pdbx_end_seq_num       16 
_pdbx_entity_src_syn.organism_scientific    'Homo sapiens' 
_pdbx_entity_src_syn.organism_common_name   Human 
_pdbx_entity_src_syn.ncbi_taxonomy_id       9606 
_pdbx_entity_src_syn.details                ? 
# 
loop_
_struct_ref.id 
_struct_ref.db_name 
_struct_ref.db_code 
_struct_ref.pdbx_db_accession 
_struct_ref.pdbx_db_isoform 
_struct_ref.entity_id 
_struct_ref.pdbx_seq_one_letter_code 
_struct_ref.pdbx_align_begin 
1 UNP CBX1_HUMAN P83916 ? 1 EYVVEKVLDRRVVKGKVEYLLKWKGFSDEDNTWEPEENLDCPDLIAEFLQSQKT 20 
2 UNP H31_HUMAN  P68431 ? 2 ARTKQTARKSTGGKA                                        2  
# 
loop_
_struct_ref_seq.align_id 
_struct_ref_seq.ref_id 
_struct_ref_seq.pdbx_PDB_id_code 
_struct_ref_seq.pdbx_strand_id 
_struct_ref_seq.seq_align_beg 
_struct_ref_seq.pdbx_seq_align_beg_ins_code 
_struct_ref_seq.seq_align_end 
_struct_ref_seq.pdbx_seq_align_end_ins_code 
_struct_ref_seq.pdbx_db_accession 
_struct_ref_seq.db_align_beg 
_struct_ref_seq.pdbx_db_align_beg_ins_code 
_struct_ref_seq.db_align_end 
_struct_ref_seq.pdbx_db_align_end_ins_code 
_struct_ref_seq.pdbx_auth_seq_align_beg 
_struct_ref_seq.pdbx_auth_seq_align_end 
1 1 6D07 A 2 ? 55 ? P83916 20 ? 73 ? 2 55 
2 1 6D07 B 2 ? 55 ? P83916 20 ? 73 ? 2 55 
3 2 6D07 C 1 ? 15 ? P68431 2  ? 16 ? 1 15 
4 2 6D07 D 1 ? 15 ? P68431 2  ? 16 ? 1 15 
# 
loop_
_struct_ref_seq_dif.align_id 
_struct_ref_seq_dif.pdbx_pdb_id_code 
_struct_ref_seq_dif.mon_id 
_struct_ref_seq_dif.pdbx_pdb_strand_id 
_struct_ref_seq_dif.seq_num 
_struct_ref_seq_dif.pdbx_pdb_ins_code 
_struct_ref_seq_dif.pdbx_seq_db_name 
_struct_ref_seq_dif.pdbx_seq_db_accession_code 
_struct_ref_seq_dif.db_mon_id 
_struct_ref_seq_dif.pdbx_seq_db_seq_num 
_struct_ref_seq_dif.details 
_struct_ref_seq_dif.pdbx_auth_seq_num 
_struct_ref_seq_dif.pdbx_ordinal 
1 6D07 GLY A 1  ? UNP P83916 ? ? 'expression tag' 1  1 
2 6D07 GLY B 1  ? UNP P83916 ? ? 'expression tag' 1  2 
3 6D07 NH2 C 16 ? UNP P68431 ? ? amidation        16 3 
4 6D07 NH2 D 16 ? UNP P68431 ? ? amidation        16 4 
# 
loop_
_chem_comp.id 
_chem_comp.type 
_chem_comp.mon_nstd_flag 
_chem_comp.name 
_chem_comp.pdbx_synonyms 
_chem_comp.formula 
_chem_comp.formula_weight 
ALA 'L-peptide linking' y ALANINE           ?                               'C3 H7 N O2'     89.093  
ARG 'L-peptide linking' y ARGININE          ?                               'C6 H15 N4 O2 1' 175.209 
ASN 'L-peptide linking' y ASPARAGINE        ?                               'C4 H8 N2 O3'    132.118 
ASP 'L-peptide linking' y 'ASPARTIC ACID'   ?                               'C4 H7 N O4'     133.103 
CYS 'L-peptide linking' y CYSTEINE          ?                               'C3 H7 N O2 S'   121.158 
GLN 'L-peptide linking' y GLUTAMINE         ?                               'C5 H10 N2 O3'   146.144 
GLU 'L-peptide linking' y 'GLUTAMIC ACID'   ?                               'C5 H9 N O4'     147.129 
GLY 'peptide linking'   y GLYCINE           ?                               'C2 H5 N O2'     75.067  
GOL non-polymer         . GLYCEROL          'GLYCERIN; PROPANE-1,2,3-TRIOL' 'C3 H8 O3'       92.094  
HOH non-polymer         . WATER             ?                               'H2 O'           18.015  
ILE 'L-peptide linking' y ISOLEUCINE        ?                               'C6 H13 N O2'    131.173 
LEU 'L-peptide linking' y LEUCINE           ?                               'C6 H13 N O2'    131.173 
LYS 'L-peptide linking' y LYSINE            ?                               'C6 H15 N2 O2 1' 147.195 
M3L 'L-peptide linking' n N-TRIMETHYLLYSINE ?                               'C9 H21 N2 O2 1' 189.275 
NH2 non-polymer         . 'AMINO GROUP'     ?                               'H2 N'           16.023  
PHE 'L-peptide linking' y PHENYLALANINE     ?                               'C9 H11 N O2'    165.189 
PRO 'L-peptide linking' y PROLINE           ?                               'C5 H9 N O2'     115.130 
SER 'L-peptide linking' y SERINE            ?                               'C3 H7 N O3'     105.093 
THR 'L-peptide linking' y THREONINE         ?                               'C4 H9 N O3'     119.119 
TRP 'L-peptide linking' y TRYPTOPHAN        ?                               'C11 H12 N2 O2'  204.225 
TYR 'L-peptide linking' y TYROSINE          ?                               'C9 H11 N O3'    181.189 
VAL 'L-peptide linking' y VALINE            ?                               'C5 H11 N O2'    117.146 
# 
_exptl.absorpt_coefficient_mu     ? 
_exptl.absorpt_correction_T_max   ? 
_exptl.absorpt_correction_T_min   ? 
_exptl.absorpt_correction_type    ? 
_exptl.absorpt_process_details    ? 
_exptl.entry_id                   6D07 
_exptl.crystals_number            1 
_exptl.details                    ? 
_exptl.method                     'X-RAY DIFFRACTION' 
_exptl.method_details             ? 
# 
_exptl_crystal.colour                      ? 
_exptl_crystal.density_diffrn              ? 
_exptl_crystal.density_Matthews            1.97 
_exptl_crystal.density_method              ? 
_exptl_crystal.density_percent_sol         37.62 
_exptl_crystal.description                 ? 
_exptl_crystal.F_000                       ? 
_exptl_crystal.id                          1 
_exptl_crystal.preparation                 ? 
_exptl_crystal.size_max                    ? 
_exptl_crystal.size_mid                    ? 
_exptl_crystal.size_min                    ? 
_exptl_crystal.size_rad                    ? 
_exptl_crystal.colour_lustre               ? 
_exptl_crystal.colour_modifier             ? 
_exptl_crystal.colour_primary              ? 
_exptl_crystal.density_meas                ? 
_exptl_crystal.density_meas_esd            ? 
_exptl_crystal.density_meas_gt             ? 
_exptl_crystal.density_meas_lt             ? 
_exptl_crystal.density_meas_temp           ? 
_exptl_crystal.density_meas_temp_esd       ? 
_exptl_crystal.density_meas_temp_gt        ? 
_exptl_crystal.density_meas_temp_lt        ? 
_exptl_crystal.pdbx_crystal_image_url      ? 
_exptl_crystal.pdbx_crystal_image_format   ? 
_exptl_crystal.pdbx_mosaicity              ? 
_exptl_crystal.pdbx_mosaicity_esd          ? 
# 
_exptl_crystal_grow.apparatus       ? 
_exptl_crystal_grow.atmosphere      ? 
_exptl_crystal_grow.crystal_id      1 
_exptl_crystal_grow.details         ? 
_exptl_crystal_grow.method          'VAPOR DIFFUSION, HANGING DROP' 
_exptl_crystal_grow.method_ref      ? 
_exptl_crystal_grow.pH              8 
_exptl_crystal_grow.pressure        ? 
_exptl_crystal_grow.pressure_esd    ? 
_exptl_crystal_grow.seeding         ? 
_exptl_crystal_grow.seeding_ref     ? 
_exptl_crystal_grow.temp            298 
_exptl_crystal_grow.temp_details    ? 
_exptl_crystal_grow.temp_esd        ? 
_exptl_crystal_grow.time            ? 
_exptl_crystal_grow.pdbx_details    '0.2 M sodium chloride, 0.1 M Tris, pH 8.0, 30% w/v PEG3350' 
_exptl_crystal_grow.pdbx_pH_range   ? 
# 
_diffrn.ambient_environment    ? 
_diffrn.ambient_temp           100 
_diffrn.ambient_temp_details   ? 
_diffrn.ambient_temp_esd       ? 
_diffrn.crystal_id             1 
_diffrn.crystal_support        ? 
_diffrn.crystal_treatment      ? 
_diffrn.details                ? 
_diffrn.id                     1 
_diffrn.ambient_pressure       ? 
_diffrn.ambient_pressure_esd   ? 
_diffrn.ambient_pressure_gt    ? 
_diffrn.ambient_pressure_lt    ? 
_diffrn.ambient_temp_gt        ? 
_diffrn.ambient_temp_lt        ? 
# 
_diffrn_detector.details                      ? 
_diffrn_detector.detector                     CCD 
_diffrn_detector.diffrn_id                    1 
_diffrn_detector.type                         'RIGAKU SATURN 944' 
_diffrn_detector.area_resol_mean              ? 
_diffrn_detector.dtime                        ? 
_diffrn_detector.pdbx_frames_total            ? 
_diffrn_detector.pdbx_collection_time_total   ? 
_diffrn_detector.pdbx_collection_date         2017-03-29 
# 
_diffrn_radiation.collimation                      ? 
_diffrn_radiation.diffrn_id                        1 
_diffrn_radiation.filter_edge                      ? 
_diffrn_radiation.inhomogeneity                    ? 
_diffrn_radiation.monochromator                    ? 
_diffrn_radiation.polarisn_norm                    ? 
_diffrn_radiation.polarisn_ratio                   ? 
_diffrn_radiation.probe                            ? 
_diffrn_radiation.type                             ? 
_diffrn_radiation.xray_symbol                      ? 
_diffrn_radiation.wavelength_id                    1 
_diffrn_radiation.pdbx_monochromatic_or_laue_m_l   M 
_diffrn_radiation.pdbx_wavelength_list             ? 
_diffrn_radiation.pdbx_wavelength                  ? 
_diffrn_radiation.pdbx_diffrn_protocol             'SINGLE WAVELENGTH' 
_diffrn_radiation.pdbx_analyzer                    ? 
_diffrn_radiation.pdbx_scattering_type             x-ray 
# 
_diffrn_radiation_wavelength.id           1 
_diffrn_radiation_wavelength.wavelength   1.5418 
_diffrn_radiation_wavelength.wt           1.0 
# 
_diffrn_source.current                     ? 
_diffrn_source.details                     ? 
_diffrn_source.diffrn_id                   1 
_diffrn_source.power                       ? 
_diffrn_source.size                        ? 
_diffrn_source.source                      'ROTATING ANODE' 
_diffrn_source.target                      ? 
_diffrn_source.type                        'RIGAKU FR-E SUPERBRIGHT' 
_diffrn_source.voltage                     ? 
_diffrn_source.take-off_angle              ? 
_diffrn_source.pdbx_wavelength_list        1.5418 
_diffrn_source.pdbx_wavelength             ? 
_diffrn_source.pdbx_synchrotron_beamline   ? 
_diffrn_source.pdbx_synchrotron_site       ? 
# 
_reflns.B_iso_Wilson_estimate            ? 
_reflns.entry_id                         6D07 
_reflns.data_reduction_details           ? 
_reflns.data_reduction_method            ? 
_reflns.d_resolution_high                2.1 
_reflns.d_resolution_low                 26.34 
_reflns.details                          ? 
_reflns.limit_h_max                      ? 
_reflns.limit_h_min                      ? 
_reflns.limit_k_max                      ? 
_reflns.limit_k_min                      ? 
_reflns.limit_l_max                      ? 
_reflns.limit_l_min                      ? 
_reflns.number_all                       ? 
_reflns.number_obs                       6737 
_reflns.observed_criterion               ? 
_reflns.observed_criterion_F_max         ? 
_reflns.observed_criterion_F_min         ? 
_reflns.observed_criterion_I_max         ? 
_reflns.observed_criterion_I_min         ? 
_reflns.observed_criterion_sigma_F       ? 
_reflns.observed_criterion_sigma_I       ? 
_reflns.percent_possible_obs             93.5 
_reflns.R_free_details                   ? 
_reflns.Rmerge_F_all                     ? 
_reflns.Rmerge_F_obs                     ? 
_reflns.Friedel_coverage                 ? 
_reflns.number_gt                        ? 
_reflns.threshold_expression             ? 
_reflns.pdbx_redundancy                  1.9 
_reflns.pdbx_Rmerge_I_obs                0.073 
_reflns.pdbx_Rmerge_I_all                ? 
_reflns.pdbx_Rsym_value                  ? 
_reflns.pdbx_netI_over_av_sigmaI         ? 
_reflns.pdbx_netI_over_sigmaI            8.5 
_reflns.pdbx_res_netI_over_av_sigmaI_2   ? 
_reflns.pdbx_res_netI_over_sigmaI_2      ? 
_reflns.pdbx_chi_squared                 ? 
_reflns.pdbx_scaling_rejects             ? 
_reflns.pdbx_d_res_high_opt              ? 
_reflns.pdbx_d_res_low_opt               ? 
_reflns.pdbx_d_res_opt_method            ? 
_reflns.phase_calculation_details        ? 
_reflns.pdbx_Rrim_I_all                  ? 
_reflns.pdbx_Rpim_I_all                  ? 
_reflns.pdbx_d_opt                       ? 
_reflns.pdbx_number_measured_all         ? 
_reflns.pdbx_diffrn_id                   1 
_reflns.pdbx_ordinal                     1 
_reflns.pdbx_CC_half                     ? 
_reflns.pdbx_R_split                     ? 
# 
_reflns_shell.d_res_high                  2.10 
_reflns_shell.d_res_low                   2.18 
_reflns_shell.meanI_over_sigI_all         ? 
_reflns_shell.meanI_over_sigI_obs         2.6 
_reflns_shell.number_measured_all         ? 
_reflns_shell.number_measured_obs         ? 
_reflns_shell.number_possible             ? 
_reflns_shell.number_unique_all           ? 
_reflns_shell.number_unique_obs           ? 
_reflns_shell.percent_possible_all        86.7 
_reflns_shell.percent_possible_obs        ? 
_reflns_shell.Rmerge_F_all                ? 
_reflns_shell.Rmerge_F_obs                ? 
_reflns_shell.Rmerge_I_all                ? 
_reflns_shell.Rmerge_I_obs                0.208 
_reflns_shell.meanI_over_sigI_gt          ? 
_reflns_shell.meanI_over_uI_all           ? 
_reflns_shell.meanI_over_uI_gt            ? 
_reflns_shell.number_measured_gt          ? 
_reflns_shell.number_unique_gt            ? 
_reflns_shell.percent_possible_gt         ? 
_reflns_shell.Rmerge_F_gt                 ? 
_reflns_shell.Rmerge_I_gt                 ? 
_reflns_shell.pdbx_redundancy             1.8 
_reflns_shell.pdbx_Rsym_value             ? 
_reflns_shell.pdbx_chi_squared            ? 
_reflns_shell.pdbx_netI_over_sigmaI_all   ? 
_reflns_shell.pdbx_netI_over_sigmaI_obs   ? 
_reflns_shell.pdbx_Rrim_I_all             ? 
_reflns_shell.pdbx_Rpim_I_all             ? 
_reflns_shell.pdbx_rejects                ? 
_reflns_shell.pdbx_ordinal                1 
_reflns_shell.pdbx_diffrn_id              1 
_reflns_shell.pdbx_CC_half                ? 
_reflns_shell.pdbx_R_split                ? 
# 
_refine.pdbx_refine_id                           'X-RAY DIFFRACTION' 
_refine.entry_id                                 6D07 
_refine.pdbx_diffrn_id                           1 
_refine.pdbx_TLS_residual_ADP_flag               ? 
_refine.ls_number_reflns_obs                     6734 
_refine.ls_number_reflns_all                     ? 
_refine.pdbx_ls_sigma_I                          ? 
_refine.pdbx_ls_sigma_F                          2.22 
_refine.pdbx_data_cutoff_high_absF               ? 
_refine.pdbx_data_cutoff_low_absF                ? 
_refine.pdbx_data_cutoff_high_rms_absF           ? 
_refine.ls_d_res_low                             26.336 
_refine.ls_d_res_high                            2.100 
_refine.ls_percent_reflns_obs                    93.42 
_refine.ls_R_factor_obs                          0.2094 
_refine.ls_R_factor_all                          ? 
_refine.ls_R_factor_R_work                       0.2044 
_refine.ls_R_factor_R_free                       0.2569 
_refine.ls_R_factor_R_free_error                 ? 
_refine.ls_R_factor_R_free_error_details         ? 
_refine.ls_percent_reflns_R_free                 9.73 
_refine.ls_number_reflns_R_free                  655 
_refine.ls_number_parameters                     ? 
_refine.ls_number_restraints                     ? 
_refine.occupancy_min                            ? 
_refine.occupancy_max                            ? 
_refine.correlation_coeff_Fo_to_Fc               ? 
_refine.correlation_coeff_Fo_to_Fc_free          ? 
_refine.B_iso_mean                               ? 
_refine.aniso_B[1][1]                            ? 
_refine.aniso_B[2][2]                            ? 
_refine.aniso_B[3][3]                            ? 
_refine.aniso_B[1][2]                            ? 
_refine.aniso_B[1][3]                            ? 
_refine.aniso_B[2][3]                            ? 
_refine.solvent_model_details                    'FLAT BULK SOLVENT MODEL' 
_refine.solvent_model_param_ksol                 ? 
_refine.solvent_model_param_bsol                 ? 
_refine.pdbx_solvent_vdw_probe_radii             1.11 
_refine.pdbx_solvent_ion_probe_radii             ? 
_refine.pdbx_solvent_shrinkage_radii             0.90 
_refine.pdbx_ls_cross_valid_method               'FREE R-VALUE' 
_refine.details                                  ? 
_refine.pdbx_starting_model                      'PDB entry 3FDT' 
_refine.pdbx_method_to_determine_struct          'MOLECULAR REPLACEMENT' 
_refine.pdbx_isotropic_thermal_model             ? 
_refine.pdbx_stereochemistry_target_values       ML 
_refine.pdbx_stereochem_target_val_spec_case     ? 
_refine.pdbx_R_Free_selection_details            ? 
_refine.pdbx_overall_ESU_R                       ? 
_refine.pdbx_overall_ESU_R_Free                  ? 
_refine.overall_SU_ML                            0.24 
_refine.pdbx_overall_phase_error                 30.70 
_refine.overall_SU_B                             ? 
_refine.overall_SU_R_Cruickshank_DPI             ? 
_refine.pdbx_overall_SU_R_free_Cruickshank_DPI   ? 
_refine.pdbx_overall_SU_R_Blow_DPI               ? 
_refine.pdbx_overall_SU_R_free_Blow_DPI          ? 
# 
_refine_hist.pdbx_refine_id                   'X-RAY DIFFRACTION' 
_refine_hist.cycle_id                         LAST 
_refine_hist.pdbx_number_atoms_protein        1007 
_refine_hist.pdbx_number_atoms_nucleic_acid   0 
_refine_hist.pdbx_number_atoms_ligand         6 
_refine_hist.number_atoms_solvent             100 
_refine_hist.number_atoms_total               1113 
_refine_hist.d_res_high                       2.100 
_refine_hist.d_res_low                        26.336 
# 
loop_
_refine_ls_restr.type 
_refine_ls_restr.dev_ideal 
_refine_ls_restr.dev_ideal_target 
_refine_ls_restr.weight 
_refine_ls_restr.number 
_refine_ls_restr.pdbx_refine_id 
_refine_ls_restr.pdbx_restraint_function 
f_bond_d           0.002  ? ? 1028 'X-RAY DIFFRACTION' ? 
f_angle_d          0.515  ? ? 1383 'X-RAY DIFFRACTION' ? 
f_dihedral_angle_d 13.120 ? ? 620  'X-RAY DIFFRACTION' ? 
f_chiral_restr     0.043  ? ? 146  'X-RAY DIFFRACTION' ? 
f_plane_restr      0.002  ? ? 175  'X-RAY DIFFRACTION' ? 
# 
loop_
_refine_ls_shell.pdbx_refine_id 
_refine_ls_shell.pdbx_total_number_of_bins_used 
_refine_ls_shell.d_res_high 
_refine_ls_shell.d_res_low 
_refine_ls_shell.number_reflns_R_work 
_refine_ls_shell.R_factor_R_work 
_refine_ls_shell.percent_reflns_obs 
_refine_ls_shell.R_factor_R_free 
_refine_ls_shell.R_factor_R_free_error 
_refine_ls_shell.percent_reflns_R_free 
_refine_ls_shell.number_reflns_R_free 
_refine_ls_shell.number_reflns_all 
_refine_ls_shell.R_factor_all 
'X-RAY DIFFRACTION' . 2.1001 2.2622  1158 0.2382 90.00 0.3332 . . 137 . . 
'X-RAY DIFFRACTION' . 2.2622 2.4897  1213 0.2449 92.00 0.2910 . . 123 . . 
'X-RAY DIFFRACTION' . 2.4897 2.8496  1219 0.2407 95.00 0.3109 . . 145 . . 
'X-RAY DIFFRACTION' . 2.8496 3.5888  1231 0.1957 94.00 0.2270 . . 130 . . 
'X-RAY DIFFRACTION' . 3.5888 26.3377 1258 0.1707 96.00 0.2117 . . 120 . . 
# 
_struct.entry_id                     6D07 
_struct.title                        
'Crystal structure of the complex between human chromobox homolog 1 (CBX1) and H3K9me3 peptide' 
_struct.pdbx_model_details           ? 
_struct.pdbx_formula_weight          ? 
_struct.pdbx_formula_weight_method   ? 
_struct.pdbx_model_type_details      ? 
_struct.pdbx_CASP_flag               N 
# 
_struct_keywords.entry_id        6D07 
_struct_keywords.text            'Lysine modification, Chromodomain, Bump-hole, Epigenetics, PROTEIN BINDING' 
_struct_keywords.pdbx_keywords   'PROTEIN BINDING' 
# 
loop_
_struct_asym.id 
_struct_asym.pdbx_blank_PDB_chainid_flag 
_struct_asym.pdbx_modified 
_struct_asym.entity_id 
_struct_asym.details 
A N N 1 ? 
B N N 1 ? 
C N N 2 ? 
D N N 2 ? 
E N N 3 ? 
F N N 4 ? 
G N N 4 ? 
H N N 4 ? 
I N N 4 ? 
# 
loop_
_struct_conf.conf_type_id 
_struct_conf.id 
_struct_conf.pdbx_PDB_helix_id 
_struct_conf.beg_label_comp_id 
_struct_conf.beg_label_asym_id 
_struct_conf.beg_label_seq_id 
_struct_conf.pdbx_beg_PDB_ins_code 
_struct_conf.end_label_comp_id 
_struct_conf.end_label_asym_id 
_struct_conf.end_label_seq_id 
_struct_conf.pdbx_end_PDB_ins_code 
_struct_conf.beg_auth_comp_id 
_struct_conf.beg_auth_asym_id 
_struct_conf.beg_auth_seq_id 
_struct_conf.end_auth_comp_id 
_struct_conf.end_auth_asym_id 
_struct_conf.end_auth_seq_id 
_struct_conf.pdbx_PDB_helix_class 
_struct_conf.details 
_struct_conf.pdbx_PDB_helix_length 
HELX_P HELX_P1 AA1 SER A 28 ? ASN A 32 ? SER A 28 ASN A 32 5 ? 5  
HELX_P HELX_P2 AA2 CYS A 42 ? LYS A 54 ? CYS A 42 LYS A 54 1 ? 13 
HELX_P HELX_P3 AA3 SER B 28 ? ASN B 32 ? SER B 28 ASN B 32 5 ? 5  
HELX_P HELX_P4 AA4 CYS B 42 ? GLN B 51 ? CYS B 42 GLN B 51 1 ? 10 
# 
_struct_conf_type.id          HELX_P 
_struct_conf_type.criteria    ? 
_struct_conf_type.reference   ? 
# 
loop_
_struct_conn.id 
_struct_conn.conn_type_id 
_struct_conn.pdbx_leaving_atom_flag 
_struct_conn.pdbx_PDB_id 
_struct_conn.ptnr1_label_asym_id 
_struct_conn.ptnr1_label_comp_id 
_struct_conn.ptnr1_label_seq_id 
_struct_conn.ptnr1_label_atom_id 
_struct_conn.pdbx_ptnr1_label_alt_id 
_struct_conn.pdbx_ptnr1_PDB_ins_code 
_struct_conn.pdbx_ptnr1_standard_comp_id 
_struct_conn.ptnr1_symmetry 
_struct_conn.ptnr2_label_asym_id 
_struct_conn.ptnr2_label_comp_id 
_struct_conn.ptnr2_label_seq_id 
_struct_conn.ptnr2_label_atom_id 
_struct_conn.pdbx_ptnr2_label_alt_id 
_struct_conn.pdbx_ptnr2_PDB_ins_code 
_struct_conn.ptnr1_auth_asym_id 
_struct_conn.ptnr1_auth_comp_id 
_struct_conn.ptnr1_auth_seq_id 
_struct_conn.ptnr2_auth_asym_id 
_struct_conn.ptnr2_auth_comp_id 
_struct_conn.ptnr2_auth_seq_id 
_struct_conn.ptnr2_symmetry 
_struct_conn.pdbx_ptnr3_label_atom_id 
_struct_conn.pdbx_ptnr3_label_seq_id 
_struct_conn.pdbx_ptnr3_label_comp_id 
_struct_conn.pdbx_ptnr3_label_asym_id 
_struct_conn.pdbx_ptnr3_label_alt_id 
_struct_conn.pdbx_ptnr3_PDB_ins_code 
_struct_conn.details 
_struct_conn.pdbx_dist_value 
_struct_conn.pdbx_value_order 
_struct_conn.pdbx_role 
covale1 covale both ? C ARG 8 C ? ? ? 1_555 C M3L 9  N ? ? C ARG 8 C M3L 9  1_555 ? ? ? ? ? ? ? 1.327 ? ? 
covale2 covale both ? C M3L 9 C ? ? ? 1_555 C SER 10 N ? ? C M3L 9 C SER 10 1_555 ? ? ? ? ? ? ? 1.331 ? ? 
covale3 covale both ? D ARG 8 C ? ? ? 1_555 D M3L 9  N ? ? D ARG 8 D M3L 9  1_555 ? ? ? ? ? ? ? 1.331 ? ? 
covale4 covale both ? D M3L 9 C ? ? ? 1_555 D SER 10 N ? ? D M3L 9 D SER 10 1_555 ? ? ? ? ? ? ? 1.331 ? ? 
# 
_struct_conn_type.id          covale 
_struct_conn_type.criteria    ? 
_struct_conn_type.reference   ? 
# 
loop_
_struct_sheet.id 
_struct_sheet.type 
_struct_sheet.number_strands 
_struct_sheet.details 
AA1 ? 5 ? 
AA2 ? 5 ? 
# 
loop_
_struct_sheet_order.sheet_id 
_struct_sheet_order.range_id_1 
_struct_sheet_order.range_id_2 
_struct_sheet_order.offset 
_struct_sheet_order.sense 
AA1 1 2 ? anti-parallel 
AA1 2 3 ? anti-parallel 
AA1 3 4 ? anti-parallel 
AA1 4 5 ? anti-parallel 
AA2 1 2 ? anti-parallel 
AA2 2 3 ? anti-parallel 
AA2 3 4 ? anti-parallel 
AA2 4 5 ? anti-parallel 
# 
loop_
_struct_sheet_range.sheet_id 
_struct_sheet_range.id 
_struct_sheet_range.beg_label_comp_id 
_struct_sheet_range.beg_label_asym_id 
_struct_sheet_range.beg_label_seq_id 
_struct_sheet_range.pdbx_beg_PDB_ins_code 
_struct_sheet_range.end_label_comp_id 
_struct_sheet_range.end_label_asym_id 
_struct_sheet_range.end_label_seq_id 
_struct_sheet_range.pdbx_end_PDB_ins_code 
_struct_sheet_range.beg_auth_comp_id 
_struct_sheet_range.beg_auth_asym_id 
_struct_sheet_range.beg_auth_seq_id 
_struct_sheet_range.end_auth_comp_id 
_struct_sheet_range.end_auth_asym_id 
_struct_sheet_range.end_auth_seq_id 
AA1 1 THR A 33 ? PRO A 36 ? THR A 33 PRO A 36 
AA1 2 LYS A 17 ? TRP A 24 ? LYS A 17 TRP A 24 
AA1 3 GLU A 2  ? VAL A 14 ? GLU A 2  VAL A 14 
AA1 4 THR C 6  ? ARG C 8  ? THR C 6  ARG C 8  
AA1 5 LEU A 40 ? ASP A 41 ? LEU A 40 ASP A 41 
AA2 1 THR B 33 ? PRO B 36 ? THR B 33 PRO B 36 
AA2 2 LYS B 17 ? TRP B 24 ? LYS B 17 TRP B 24 
AA2 3 GLU B 2  ? VAL B 14 ? GLU B 2  VAL B 14 
AA2 4 THR D 6  ? ARG D 8  ? THR D 6  ARG D 8  
AA2 5 LEU B 40 ? ASP B 41 ? LEU B 40 ASP B 41 
# 
loop_
_pdbx_struct_sheet_hbond.sheet_id 
_pdbx_struct_sheet_hbond.range_id_1 
_pdbx_struct_sheet_hbond.range_id_2 
_pdbx_struct_sheet_hbond.range_1_label_atom_id 
_pdbx_struct_sheet_hbond.range_1_label_comp_id 
_pdbx_struct_sheet_hbond.range_1_label_asym_id 
_pdbx_struct_sheet_hbond.range_1_label_seq_id 
_pdbx_struct_sheet_hbond.range_1_PDB_ins_code 
_pdbx_struct_sheet_hbond.range_1_auth_atom_id 
_pdbx_struct_sheet_hbond.range_1_auth_comp_id 
_pdbx_struct_sheet_hbond.range_1_auth_asym_id 
_pdbx_struct_sheet_hbond.range_1_auth_seq_id 
_pdbx_struct_sheet_hbond.range_2_label_atom_id 
_pdbx_struct_sheet_hbond.range_2_label_comp_id 
_pdbx_struct_sheet_hbond.range_2_label_asym_id 
_pdbx_struct_sheet_hbond.range_2_label_seq_id 
_pdbx_struct_sheet_hbond.range_2_PDB_ins_code 
_pdbx_struct_sheet_hbond.range_2_auth_atom_id 
_pdbx_struct_sheet_hbond.range_2_auth_comp_id 
_pdbx_struct_sheet_hbond.range_2_auth_asym_id 
_pdbx_struct_sheet_hbond.range_2_auth_seq_id 
AA1 1 2 O GLU A 35 ? O GLU A 35 N TYR A 20 ? N TYR A 20 
AA1 2 3 O LYS A 23 ? O LYS A 23 N GLU A 6  ? N GLU A 6  
AA1 3 4 N TYR A 3  ? N TYR A 3  O ALA C 7  ? O ALA C 7  
AA1 4 5 O THR C 6  ? O THR C 6  N ASP A 41 ? N ASP A 41 
AA2 1 2 O GLU B 35 ? O GLU B 35 N TYR B 20 ? N TYR B 20 
AA2 2 3 O LYS B 23 ? O LYS B 23 N GLU B 6  ? N GLU B 6  
AA2 3 4 N TYR B 3  ? N TYR B 3  O ALA D 7  ? O ALA D 7  
AA2 4 5 O THR D 6  ? O THR D 6  N ASP B 41 ? N ASP B 41 
# 
_struct_site.id                   AC1 
_struct_site.pdbx_evidence_code   Software 
_struct_site.pdbx_auth_asym_id    A 
_struct_site.pdbx_auth_comp_id    GOL 
_struct_site.pdbx_auth_seq_id     101 
_struct_site.pdbx_auth_ins_code   ? 
_struct_site.pdbx_num_residues    4 
_struct_site.details              'binding site for residue GOL A 101' 
# 
loop_
_struct_site_gen.id 
_struct_site_gen.site_id 
_struct_site_gen.pdbx_num_res 
_struct_site_gen.label_comp_id 
_struct_site_gen.label_asym_id 
_struct_site_gen.label_seq_id 
_struct_site_gen.pdbx_auth_ins_code 
_struct_site_gen.auth_comp_id 
_struct_site_gen.auth_asym_id 
_struct_site_gen.auth_seq_id 
_struct_site_gen.label_atom_id 
_struct_site_gen.label_alt_id 
_struct_site_gen.symmetry 
_struct_site_gen.details 
1 AC1 4 ASP A 44 ? ASP A 44  . ? 1_455 ? 
2 AC1 4 HOH F .  ? HOH A 204 . ? 1_555 ? 
3 AC1 4 LEU B 21 ? LEU B 21  . ? 1_455 ? 
4 AC1 4 ASN B 32 ? ASN B 32  . ? 1_455 ? 
# 
_atom_sites.entry_id                    6D07 
_atom_sites.fract_transf_matrix[1][1]   0.00809277 
_atom_sites.fract_transf_matrix[1][2]   0.03098474 
_atom_sites.fract_transf_matrix[1][3]   0.01085409 
_atom_sites.fract_transf_matrix[2][1]   0.01177619 
_atom_sites.fract_transf_matrix[2][2]   -0.00393027 
_atom_sites.fract_transf_matrix[2][3]   0.03032578 
_atom_sites.fract_transf_matrix[3][1]   0.03093513 
_atom_sites.fract_transf_matrix[3][2]   0.00430680 
_atom_sites.fract_transf_matrix[3][3]   -0.00358005 
_atom_sites.fract_transf_vector[1]      0.960744 
_atom_sites.fract_transf_vector[2]      0.831024 
_atom_sites.fract_transf_vector[3]      0.762212 
# 
loop_
_atom_type.symbol 
C 
N 
O 
S 
# 
loop_
_atom_site.group_PDB 
_atom_site.id 
_atom_site.type_symbol 
_atom_site.label_atom_id 
_atom_site.label_alt_id 
_atom_site.label_comp_id 
_atom_site.label_asym_id 
_atom_site.label_entity_id 
_atom_site.label_seq_id 
_atom_site.pdbx_PDB_ins_code 
_atom_site.Cartn_x 
_atom_site.Cartn_y 
_atom_site.Cartn_z 
_atom_site.occupancy 
_atom_site.B_iso_or_equiv 
_atom_site.pdbx_formal_charge 
_atom_site.auth_seq_id 
_atom_site.auth_comp_id 
_atom_site.auth_asym_id 
_atom_site.auth_atom_id 
_atom_site.pdbx_PDB_model_num 
ATOM   1    N N   . GLY A 1 1  ? -17.204 -10.079 -6.107  1.00 21.33 ? 1   GLY A N   1 
ATOM   2    C CA  . GLY A 1 1  ? -17.227 -9.229  -4.929  1.00 17.47 ? 1   GLY A CA  1 
ATOM   3    C C   . GLY A 1 1  ? -16.242 -8.079  -4.977  1.00 20.54 ? 1   GLY A C   1 
ATOM   4    O O   . GLY A 1 1  ? -15.406 -8.000  -5.876  1.00 18.04 ? 1   GLY A O   1 
ATOM   5    N N   . GLU A 1 2  ? -16.354 -7.182  -4.001  1.00 21.53 ? 2   GLU A N   1 
ATOM   6    C CA  . GLU A 1 2  ? -15.439 -6.062  -3.824  1.00 20.87 ? 2   GLU A CA  1 
ATOM   7    C C   . GLU A 1 2  ? -14.537 -6.354  -2.633  1.00 21.12 ? 2   GLU A C   1 
ATOM   8    O O   . GLU A 1 2  ? -15.024 -6.742  -1.566  1.00 19.21 ? 2   GLU A O   1 
ATOM   9    C CB  . GLU A 1 2  ? -16.212 -4.758  -3.612  1.00 19.18 ? 2   GLU A CB  1 
ATOM   10   C CG  . GLU A 1 2  ? -15.368 -3.574  -3.169  1.00 26.90 ? 2   GLU A CG  1 
ATOM   11   C CD  . GLU A 1 2  ? -16.178 -2.293  -3.066  1.00 31.45 ? 2   GLU A CD  1 
ATOM   12   O OE1 . GLU A 1 2  ? -16.556 -1.735  -4.120  1.00 28.52 ? 2   GLU A OE1 1 
ATOM   13   O OE2 . GLU A 1 2  ? -16.450 -1.849  -1.930  1.00 33.83 ? 2   GLU A OE2 1 
ATOM   14   N N   . TYR A 1 3  ? -13.229 -6.177  -2.820  1.00 17.77 ? 3   TYR A N   1 
ATOM   15   C CA  . TYR A 1 3  ? -12.243 -6.501  -1.799  1.00 18.28 ? 3   TYR A CA  1 
ATOM   16   C C   . TYR A 1 3  ? -11.262 -5.348  -1.634  1.00 23.21 ? 3   TYR A C   1 
ATOM   17   O O   . TYR A 1 3  ? -11.065 -4.535  -2.542  1.00 17.74 ? 3   TYR A O   1 
ATOM   18   C CB  . TYR A 1 3  ? -11.472 -7.787  -2.142  1.00 19.96 ? 3   TYR A CB  1 
ATOM   19   C CG  . TYR A 1 3  ? -12.336 -9.016  -2.320  1.00 20.28 ? 3   TYR A CG  1 
ATOM   20   C CD1 . TYR A 1 3  ? -12.884 -9.328  -3.557  1.00 21.30 ? 3   TYR A CD1 1 
ATOM   21   C CD2 . TYR A 1 3  ? -12.594 -9.870  -1.255  1.00 24.54 ? 3   TYR A CD2 1 
ATOM   22   C CE1 . TYR A 1 3  ? -13.669 -10.452 -3.728  1.00 17.08 ? 3   TYR A CE1 1 
ATOM   23   C CE2 . TYR A 1 3  ? -13.381 -11.002 -1.417  1.00 19.96 ? 3   TYR A CE2 1 
ATOM   24   C CZ  . TYR A 1 3  ? -13.915 -11.285 -2.657  1.00 23.60 ? 3   TYR A CZ  1 
ATOM   25   O OH  . TYR A 1 3  ? -14.698 -12.403 -2.831  1.00 32.17 ? 3   TYR A OH  1 
ATOM   26   N N   . VAL A 1 4  ? -10.638 -5.294  -0.459  1.00 20.93 ? 4   VAL A N   1 
ATOM   27   C CA  . VAL A 1 4  ? -9.623  -4.288  -0.164  1.00 21.25 ? 4   VAL A CA  1 
ATOM   28   C C   . VAL A 1 4  ? -8.313  -4.688  -0.825  1.00 16.06 ? 4   VAL A C   1 
ATOM   29   O O   . VAL A 1 4  ? -7.906  -5.855  -0.781  1.00 16.13 ? 4   VAL A O   1 
ATOM   30   C CB  . VAL A 1 4  ? -9.455  -4.123  1.358   1.00 21.56 ? 4   VAL A CB  1 
ATOM   31   C CG1 . VAL A 1 4  ? -8.330  -3.148  1.671   1.00 22.49 ? 4   VAL A CG1 1 
ATOM   32   C CG2 . VAL A 1 4  ? -10.757 -3.659  1.994   1.00 21.66 ? 4   VAL A CG2 1 
ATOM   33   N N   . VAL A 1 5  ? -7.646  -3.719  -1.446  1.00 17.08 ? 5   VAL A N   1 
ATOM   34   C CA  . VAL A 1 5  ? -6.388  -3.945  -2.150  1.00 18.24 ? 5   VAL A CA  1 
ATOM   35   C C   . VAL A 1 5  ? -5.237  -3.454  -1.284  1.00 17.00 ? 5   VAL A C   1 
ATOM   36   O O   . VAL A 1 5  ? -5.309  -2.369  -0.697  1.00 12.92 ? 5   VAL A O   1 
ATOM   37   C CB  . VAL A 1 5  ? -6.390  -3.235  -3.518  1.00 15.34 ? 5   VAL A CB  1 
ATOM   38   C CG1 . VAL A 1 5  ? -5.053  -3.418  -4.219  1.00 13.72 ? 5   VAL A CG1 1 
ATOM   39   C CG2 . VAL A 1 5  ? -7.532  -3.752  -4.382  1.00 13.82 ? 5   VAL A CG2 1 
ATOM   40   N N   . GLU A 1 6  ? -4.173  -4.259  -1.198  1.00 16.41 ? 6   GLU A N   1 
ATOM   41   C CA  . GLU A 1 6  ? -2.964  -3.847  -0.490  1.00 15.60 ? 6   GLU A CA  1 
ATOM   42   C C   . GLU A 1 6  ? -2.099  -2.943  -1.355  1.00 18.37 ? 6   GLU A C   1 
ATOM   43   O O   . GLU A 1 6  ? -1.651  -1.880  -0.909  1.00 14.66 ? 6   GLU A O   1 
ATOM   44   C CB  . GLU A 1 6  ? -2.143  -5.069  -0.072  1.00 16.16 ? 6   GLU A CB  1 
ATOM   45   C CG  . GLU A 1 6  ? -2.899  -6.121  0.683   1.00 25.59 ? 6   GLU A CG  1 
ATOM   46   C CD  . GLU A 1 6  ? -2.903  -5.882  2.176   1.00 22.89 ? 6   GLU A CD  1 
ATOM   47   O OE1 . GLU A 1 6  ? -2.168  -6.591  2.892   1.00 17.05 ? 6   GLU A OE1 1 
ATOM   48   O OE2 . GLU A 1 6  ? -3.635  -4.981  2.630   1.00 27.82 ? 6   GLU A OE2 1 
ATOM   49   N N   . LYS A 1 7  ? -1.838  -3.363  -2.589  1.00 16.90 ? 7   LYS A N   1 
ATOM   50   C CA  . LYS A 1 7  ? -0.858  -2.696  -3.427  1.00 15.39 ? 7   LYS A CA  1 
ATOM   51   C C   . LYS A 1 7  ? -1.141  -3.034  -4.882  1.00 14.06 ? 7   LYS A C   1 
ATOM   52   O O   . LYS A 1 7  ? -1.626  -4.124  -5.196  1.00 18.57 ? 7   LYS A O   1 
ATOM   53   C CB  . LYS A 1 7  ? 0.565   -3.120  -3.038  1.00 14.19 ? 7   LYS A CB  1 
ATOM   54   C CG  . LYS A 1 7  ? 1.676   -2.279  -3.646  1.00 17.57 ? 7   LYS A CG  1 
ATOM   55   C CD  . LYS A 1 7  ? 3.042   -2.814  -3.245  1.00 14.70 ? 7   LYS A CD  1 
ATOM   56   C CE  . LYS A 1 7  ? 4.165   -2.014  -3.887  1.00 19.41 ? 7   LYS A CE  1 
ATOM   57   N NZ  . LYS A 1 7  ? 5.503   -2.501  -3.454  1.00 28.44 ? 7   LYS A NZ  1 
ATOM   58   N N   . VAL A 1 8  ? -0.847  -2.082  -5.760  1.00 18.03 ? 8   VAL A N   1 
ATOM   59   C CA  . VAL A 1 8  ? -0.847  -2.318  -7.199  1.00 16.21 ? 8   VAL A CA  1 
ATOM   60   C C   . VAL A 1 8  ? 0.562   -2.744  -7.590  1.00 18.93 ? 8   VAL A C   1 
ATOM   61   O O   . VAL A 1 8  ? 1.514   -1.967  -7.453  1.00 18.36 ? 8   VAL A O   1 
ATOM   62   C CB  . VAL A 1 8  ? -1.283  -1.065  -7.973  1.00 18.18 ? 8   VAL A CB  1 
ATOM   63   C CG1 . VAL A 1 8  ? -1.142  -1.292  -9.470  1.00 18.67 ? 8   VAL A CG1 1 
ATOM   64   C CG2 . VAL A 1 8  ? -2.713  -0.683  -7.615  1.00 17.81 ? 8   VAL A CG2 1 
ATOM   65   N N   . LEU A 1 9  ? 0.701   -3.981  -8.068  1.00 16.88 ? 9   LEU A N   1 
ATOM   66   C CA  . LEU A 1 9  ? 2.020   -4.553  -8.303  1.00 17.73 ? 9   LEU A CA  1 
ATOM   67   C C   . LEU A 1 9  ? 2.543   -4.304  -9.710  1.00 18.01 ? 9   LEU A C   1 
ATOM   68   O O   . LEU A 1 9  ? 3.758   -4.173  -9.892  1.00 18.65 ? 9   LEU A O   1 
ATOM   69   C CB  . LEU A 1 9  ? 1.994   -6.059  -8.037  1.00 15.53 ? 9   LEU A CB  1 
ATOM   70   C CG  . LEU A 1 9  ? 1.543   -6.497  -6.646  1.00 19.46 ? 9   LEU A CG  1 
ATOM   71   C CD1 . LEU A 1 9  ? 1.428   -8.009  -6.595  1.00 18.18 ? 9   LEU A CD1 1 
ATOM   72   C CD2 . LEU A 1 9  ? 2.501   -5.991  -5.578  1.00 18.34 ? 9   LEU A CD2 1 
ATOM   73   N N   . ASP A 1 10 ? 1.669   -4.246  -10.711 1.00 18.71 ? 10  ASP A N   1 
ATOM   74   C CA  . ASP A 1 10 ? 2.122   -4.066  -12.082 1.00 17.39 ? 10  ASP A CA  1 
ATOM   75   C C   . ASP A 1 10 ? 0.961   -3.561  -12.926 1.00 19.18 ? 10  ASP A C   1 
ATOM   76   O O   . ASP A 1 10 ? -0.185  -3.496  -12.473 1.00 13.03 ? 10  ASP A O   1 
ATOM   77   C CB  . ASP A 1 10 ? 2.695   -5.368  -12.656 1.00 22.05 ? 10  ASP A CB  1 
ATOM   78   C CG  . ASP A 1 10 ? 3.629   -5.127  -13.833 1.00 24.63 ? 10  ASP A CG  1 
ATOM   79   O OD1 . ASP A 1 10 ? 3.846   -3.950  -14.194 1.00 23.01 ? 10  ASP A OD1 1 
ATOM   80   O OD2 . ASP A 1 10 ? 4.148   -6.113  -14.395 1.00 29.76 ? 10  ASP A OD2 1 
ATOM   81   N N   . ARG A 1 11 ? 1.281   -3.207  -14.169 1.00 18.65 ? 11  ARG A N   1 
ATOM   82   C CA  . ARG A 1 11 ? 0.311   -2.714  -15.135 1.00 16.98 ? 11  ARG A CA  1 
ATOM   83   C C   . ARG A 1 11 ? 0.670   -3.271  -16.501 1.00 17.42 ? 11  ARG A C   1 
ATOM   84   O O   . ARG A 1 11 ? 1.851   -3.427  -16.822 1.00 21.66 ? 11  ARG A O   1 
ATOM   85   C CB  . ARG A 1 11 ? 0.297   -1.179  -15.178 1.00 17.10 ? 11  ARG A CB  1 
ATOM   86   C CG  . ARG A 1 11 ? -0.772  -0.576  -16.070 1.00 19.35 ? 11  ARG A CG  1 
ATOM   87   C CD  . ARG A 1 11 ? -0.476  0.888   -16.367 1.00 17.26 ? 11  ARG A CD  1 
ATOM   88   N NE  . ARG A 1 11 ? 0.698   1.029   -17.224 1.00 20.97 ? 11  ARG A NE  1 
ATOM   89   C CZ  . ARG A 1 11 ? 1.173   2.193   -17.658 1.00 25.59 ? 11  ARG A CZ  1 
ATOM   90   N NH1 . ARG A 1 11 ? 0.576   3.326   -17.314 1.00 16.26 ? 11  ARG A NH1 1 
ATOM   91   N NH2 . ARG A 1 11 ? 2.246   2.221   -18.436 1.00 23.58 ? 11  ARG A NH2 1 
ATOM   92   N N   . ARG A 1 12 ? -0.347  -3.582  -17.302 1.00 15.06 ? 12  ARG A N   1 
ATOM   93   C CA  . ARG A 1 12 ? -0.119  -4.021  -18.668 1.00 14.54 ? 12  ARG A CA  1 
ATOM   94   C C   . ARG A 1 12 ? -1.187  -3.426  -19.575 1.00 17.30 ? 12  ARG A C   1 
ATOM   95   O O   . ARG A 1 12 ? -2.280  -3.057  -19.134 1.00 12.50 ? 12  ARG A O   1 
ATOM   96   C CB  . ARG A 1 12 ? -0.108  -5.551  -18.786 1.00 17.08 ? 12  ARG A CB  1 
ATOM   97   C CG  . ARG A 1 12 ? -1.467  -6.210  -18.640 1.00 18.45 ? 12  ARG A CG  1 
ATOM   98   C CD  . ARG A 1 12 ? -1.329  -7.729  -18.655 1.00 13.47 ? 12  ARG A CD  1 
ATOM   99   N NE  . ARG A 1 12 ? -2.587  -8.401  -18.346 1.00 13.06 ? 12  ARG A NE  1 
ATOM   100  C CZ  . ARG A 1 12 ? -2.689  -9.695  -18.064 1.00 17.05 ? 12  ARG A CZ  1 
ATOM   101  N NH1 . ARG A 1 12 ? -1.603  -10.458 -18.047 1.00 9.29  ? 12  ARG A NH1 1 
ATOM   102  N NH2 . ARG A 1 12 ? -3.875  -10.228 -17.797 1.00 16.04 ? 12  ARG A NH2 1 
ATOM   103  N N   . VAL A 1 13 ? -0.851  -3.338  -20.856 1.00 15.41 ? 13  VAL A N   1 
ATOM   104  C CA  . VAL A 1 13 ? -1.727  -2.766  -21.869 1.00 17.23 ? 13  VAL A CA  1 
ATOM   105  C C   . VAL A 1 13 ? -2.003  -3.854  -22.896 1.00 17.25 ? 13  VAL A C   1 
ATOM   106  O O   . VAL A 1 13 ? -1.090  -4.294  -23.605 1.00 19.15 ? 13  VAL A O   1 
ATOM   107  C CB  . VAL A 1 13 ? -1.109  -1.528  -22.526 1.00 18.17 ? 13  VAL A CB  1 
ATOM   108  C CG1 . VAL A 1 13 ? -1.904  -1.143  -23.750 1.00 25.38 ? 13  VAL A CG1 1 
ATOM   109  C CG2 . VAL A 1 13 ? -1.047  -0.378  -21.530 1.00 14.59 ? 13  VAL A CG2 1 
ATOM   110  N N   . VAL A 1 14 ? -3.257  -4.296  -22.970 1.00 16.45 ? 14  VAL A N   1 
ATOM   111  C CA  . VAL A 1 14 ? -3.665  -5.382  -23.852 1.00 18.60 ? 14  VAL A CA  1 
ATOM   112  C C   . VAL A 1 14 ? -4.933  -4.964  -24.582 1.00 16.17 ? 14  VAL A C   1 
ATOM   113  O O   . VAL A 1 14 ? -5.904  -4.533  -23.949 1.00 15.41 ? 14  VAL A O   1 
ATOM   114  C CB  . VAL A 1 14 ? -3.901  -6.694  -23.082 1.00 20.75 ? 14  VAL A CB  1 
ATOM   115  C CG1 . VAL A 1 14 ? -4.360  -7.785  -24.032 1.00 19.89 ? 14  VAL A CG1 1 
ATOM   116  C CG2 . VAL A 1 14 ? -2.636  -7.123  -22.339 1.00 16.32 ? 14  VAL A CG2 1 
ATOM   117  N N   . LYS A 1 15 ? -4.922  -5.094  -25.907 1.00 15.12 ? 15  LYS A N   1 
ATOM   118  C CA  . LYS A 1 15 ? -6.081  -4.792  -26.749 1.00 18.97 ? 15  LYS A CA  1 
ATOM   119  C C   . LYS A 1 15 ? -6.631  -3.398  -26.459 1.00 19.00 ? 15  LYS A C   1 
ATOM   120  O O   . LYS A 1 15 ? -7.842  -3.194  -26.346 1.00 18.71 ? 15  LYS A O   1 
ATOM   121  C CB  . LYS A 1 15 ? -7.166  -5.859  -26.591 1.00 20.10 ? 15  LYS A CB  1 
ATOM   122  C CG  . LYS A 1 15 ? -6.681  -7.262  -26.929 1.00 25.83 ? 15  LYS A CG  1 
ATOM   123  C CD  . LYS A 1 15 ? -7.829  -8.227  -27.153 1.00 25.16 ? 15  LYS A CD  1 
ATOM   124  C CE  . LYS A 1 15 ? -7.316  -9.648  -27.338 1.00 33.10 ? 15  LYS A CE  1 
ATOM   125  N NZ  . LYS A 1 15 ? -6.249  -9.729  -28.375 1.00 31.04 ? 15  LYS A NZ  1 
ATOM   126  N N   . GLY A 1 16 ? -5.724  -2.431  -26.335 1.00 15.95 ? 16  GLY A N   1 
ATOM   127  C CA  . GLY A 1 16 ? -6.108  -1.049  -26.122 1.00 21.06 ? 16  GLY A CA  1 
ATOM   128  C C   . GLY A 1 16 ? -6.692  -0.737  -24.765 1.00 21.56 ? 16  GLY A C   1 
ATOM   129  O O   . GLY A 1 16 ? -7.273  0.340   -24.595 1.00 18.86 ? 16  GLY A O   1 
ATOM   130  N N   . LYS A 1 17 ? -6.558  -1.636  -23.791 1.00 17.50 ? 17  LYS A N   1 
ATOM   131  C CA  . LYS A 1 17 ? -7.113  -1.432  -22.461 1.00 19.93 ? 17  LYS A CA  1 
ATOM   132  C C   . LYS A 1 17 ? -6.043  -1.670  -21.404 1.00 21.08 ? 17  LYS A C   1 
ATOM   133  O O   . LYS A 1 17 ? -5.087  -2.422  -21.618 1.00 17.30 ? 17  LYS A O   1 
ATOM   134  C CB  . LYS A 1 17 ? -8.319  -2.349  -22.212 1.00 18.76 ? 17  LYS A CB  1 
ATOM   135  C CG  . LYS A 1 17 ? -9.483  -2.087  -23.156 1.00 23.96 ? 17  LYS A CG  1 
ATOM   136  C CD  . LYS A 1 17 ? -10.668 -2.983  -22.847 1.00 30.71 ? 17  LYS A CD  1 
ATOM   137  C CE  . LYS A 1 17 ? -11.186 -2.746  -21.439 1.00 36.45 ? 17  LYS A CE  1 
ATOM   138  N NZ  . LYS A 1 17 ? -11.627 -1.339  -21.235 1.00 46.45 ? 17  LYS A NZ  1 
ATOM   139  N N   . VAL A 1 18 ? -6.227  -1.028  -20.252 1.00 14.37 ? 18  VAL A N   1 
ATOM   140  C CA  . VAL A 1 18 ? -5.248  -1.024  -19.171 1.00 18.26 ? 18  VAL A CA  1 
ATOM   141  C C   . VAL A 1 18 ? -5.710  -1.975  -18.073 1.00 18.69 ? 18  VAL A C   1 
ATOM   142  O O   . VAL A 1 18 ? -6.856  -1.900  -17.614 1.00 18.23 ? 18  VAL A O   1 
ATOM   143  C CB  . VAL A 1 18 ? -5.047  0.397   -18.614 1.00 15.14 ? 18  VAL A CB  1 
ATOM   144  C CG1 . VAL A 1 18 ? -3.980  0.401   -17.535 1.00 14.79 ? 18  VAL A CG1 1 
ATOM   145  C CG2 . VAL A 1 18 ? -4.684  1.367   -19.735 1.00 16.66 ? 18  VAL A CG2 1 
ATOM   146  N N   . GLU A 1 19 ? -4.814  -2.863  -17.645 1.00 16.14 ? 19  GLU A N   1 
ATOM   147  C CA  . GLU A 1 19 ? -5.074  -3.770  -16.538 1.00 12.05 ? 19  GLU A CA  1 
ATOM   148  C C   . GLU A 1 19 ? -3.974  -3.624  -15.497 1.00 15.05 ? 19  GLU A C   1 
ATOM   149  O O   . GLU A 1 19 ? -2.821  -3.332  -15.826 1.00 13.73 ? 19  GLU A O   1 
ATOM   150  C CB  . GLU A 1 19 ? -5.153  -5.233  -17.003 1.00 15.24 ? 19  GLU A CB  1 
ATOM   151  C CG  . GLU A 1 19 ? -6.303  -5.530  -17.948 1.00 16.28 ? 19  GLU A CG  1 
ATOM   152  C CD  . GLU A 1 19 ? -6.338  -6.983  -18.383 1.00 18.69 ? 19  GLU A CD  1 
ATOM   153  O OE1 . GLU A 1 19 ? -5.363  -7.713  -18.106 1.00 20.63 ? 19  GLU A OE1 1 
ATOM   154  O OE2 . GLU A 1 19 ? -7.344  -7.397  -19.000 1.00 28.50 ? 19  GLU A OE2 1 
ATOM   155  N N   . TYR A 1 20 ? -4.339  -3.836  -14.236 1.00 11.01 ? 20  TYR A N   1 
ATOM   156  C CA  . TYR A 1 20 ? -3.405  -3.755  -13.124 1.00 14.60 ? 20  TYR A CA  1 
ATOM   157  C C   . TYR A 1 20 ? -3.354  -5.086  -12.387 1.00 15.57 ? 20  TYR A C   1 
ATOM   158  O O   . TYR A 1 20 ? -4.374  -5.769  -12.243 1.00 14.24 ? 20  TYR A O   1 
ATOM   159  C CB  . TYR A 1 20 ? -3.793  -2.640  -12.149 1.00 11.73 ? 20  TYR A CB  1 
ATOM   160  C CG  . TYR A 1 20 ? -3.664  -1.237  -12.710 1.00 16.17 ? 20  TYR A CG  1 
ATOM   161  C CD1 . TYR A 1 20 ? -2.445  -0.568  -12.691 1.00 14.16 ? 20  TYR A CD1 1 
ATOM   162  C CD2 . TYR A 1 20 ? -4.764  -0.577  -13.239 1.00 17.64 ? 20  TYR A CD2 1 
ATOM   163  C CE1 . TYR A 1 20 ? -2.326  0.715   -13.191 1.00 15.43 ? 20  TYR A CE1 1 
ATOM   164  C CE2 . TYR A 1 20 ? -4.654  0.708   -13.745 1.00 16.81 ? 20  TYR A CE2 1 
ATOM   165  C CZ  . TYR A 1 20 ? -3.432  1.348   -13.719 1.00 15.94 ? 20  TYR A CZ  1 
ATOM   166  O OH  . TYR A 1 20 ? -3.313  2.624   -14.217 1.00 18.02 ? 20  TYR A OH  1 
ATOM   167  N N   . LEU A 1 21 ? -2.164  -5.446  -11.920 1.00 14.45 ? 21  LEU A N   1 
ATOM   168  C CA  . LEU A 1 21 ? -1.973  -6.631  -11.093 1.00 14.55 ? 21  LEU A CA  1 
ATOM   169  C C   . LEU A 1 21 ? -2.103  -6.225  -9.629  1.00 14.30 ? 21  LEU A C   1 
ATOM   170  O O   . LEU A 1 21 ? -1.356  -5.364  -9.153  1.00 19.05 ? 21  LEU A O   1 
ATOM   171  C CB  . LEU A 1 21 ? -0.611  -7.261  -11.371 1.00 14.24 ? 21  LEU A CB  1 
ATOM   172  C CG  . LEU A 1 21 ? -0.241  -8.531  -10.607 1.00 16.95 ? 21  LEU A CG  1 
ATOM   173  C CD1 . LEU A 1 21 ? -1.244  -9.635  -10.888 1.00 15.65 ? 21  LEU A CD1 1 
ATOM   174  C CD2 . LEU A 1 21 ? 1.165   -8.963  -10.985 1.00 14.40 ? 21  LEU A CD2 1 
ATOM   175  N N   . LEU A 1 22 ? -3.049  -6.837  -8.920  1.00 15.07 ? 22  LEU A N   1 
ATOM   176  C CA  . LEU A 1 22 ? -3.439  -6.394  -7.588  1.00 15.08 ? 22  LEU A CA  1 
ATOM   177  C C   . LEU A 1 22 ? -3.088  -7.432  -6.530  1.00 15.30 ? 22  LEU A C   1 
ATOM   178  O O   . LEU A 1 22 ? -3.293  -8.633  -6.727  1.00 16.83 ? 22  LEU A O   1 
ATOM   179  C CB  . LEU A 1 22 ? -4.943  -6.105  -7.527  1.00 15.70 ? 22  LEU A CB  1 
ATOM   180  C CG  . LEU A 1 22 ? -5.529  -5.098  -8.520  1.00 17.52 ? 22  LEU A CG  1 
ATOM   181  C CD1 . LEU A 1 22 ? -6.982  -4.799  -8.179  1.00 14.29 ? 22  LEU A CD1 1 
ATOM   182  C CD2 . LEU A 1 22 ? -4.707  -3.819  -8.549  1.00 12.94 ? 22  LEU A CD2 1 
ATOM   183  N N   . LYS A 1 23 ? -2.570  -6.954  -5.401  1.00 17.70 ? 23  LYS A N   1 
ATOM   184  C CA  . LYS A 1 23 ? -2.407  -7.759  -4.197  1.00 18.43 ? 23  LYS A CA  1 
ATOM   185  C C   . LYS A 1 23 ? -3.592  -7.482  -3.279  1.00 16.23 ? 23  LYS A C   1 
ATOM   186  O O   . LYS A 1 23 ? -3.825  -6.331  -2.895  1.00 15.69 ? 23  LYS A O   1 
ATOM   187  C CB  . LYS A 1 23 ? -1.086  -7.434  -3.498  1.00 17.14 ? 23  LYS A CB  1 
ATOM   188  C CG  . LYS A 1 23 ? -0.940  -8.038  -2.108  1.00 20.77 ? 23  LYS A CG  1 
ATOM   189  C CD  . LYS A 1 23 ? -0.898  -9.555  -2.154  1.00 19.00 ? 23  LYS A CD  1 
ATOM   190  C CE  . LYS A 1 23 ? -0.514  -10.144 -0.801  1.00 22.17 ? 23  LYS A CE  1 
ATOM   191  N NZ  . LYS A 1 23 ? -1.575  -9.980  0.231   1.00 18.52 ? 23  LYS A NZ  1 
ATOM   192  N N   . TRP A 1 24 ? -4.337  -8.530  -2.937  1.00 14.26 ? 24  TRP A N   1 
ATOM   193  C CA  . TRP A 1 24 ? -5.570  -8.385  -2.173  1.00 16.41 ? 24  TRP A CA  1 
ATOM   194  C C   . TRP A 1 24 ? -5.299  -8.526  -0.680  1.00 16.08 ? 24  TRP A C   1 
ATOM   195  O O   . TRP A 1 24 ? -4.492  -9.358  -0.259  1.00 14.35 ? 24  TRP A O   1 
ATOM   196  C CB  . TRP A 1 24 ? -6.599  -9.426  -2.615  1.00 14.74 ? 24  TRP A CB  1 
ATOM   197  C CG  . TRP A 1 24 ? -6.924  -9.384  -4.080  1.00 16.57 ? 24  TRP A CG  1 
ATOM   198  C CD1 . TRP A 1 24 ? -6.409  -10.187 -5.059  1.00 16.24 ? 24  TRP A CD1 1 
ATOM   199  C CD2 . TRP A 1 24 ? -7.842  -8.497  -4.731  1.00 14.58 ? 24  TRP A CD2 1 
ATOM   200  N NE1 . TRP A 1 24 ? -6.949  -9.854  -6.278  1.00 11.65 ? 24  TRP A NE1 1 
ATOM   201  C CE2 . TRP A 1 24 ? -7.832  -8.819  -6.103  1.00 16.11 ? 24  TRP A CE2 1 
ATOM   202  C CE3 . TRP A 1 24 ? -8.672  -7.464  -4.287  1.00 11.48 ? 24  TRP A CE3 1 
ATOM   203  C CZ2 . TRP A 1 24 ? -8.620  -8.146  -7.032  1.00 15.24 ? 24  TRP A CZ2 1 
ATOM   204  C CZ3 . TRP A 1 24 ? -9.453  -6.798  -5.209  1.00 14.89 ? 24  TRP A CZ3 1 
ATOM   205  C CH2 . TRP A 1 24 ? -9.422  -7.142  -6.568  1.00 15.54 ? 24  TRP A CH2 1 
ATOM   206  N N   . LYS A 1 25 ? -5.990  -7.707  0.116   1.00 16.20 ? 25  LYS A N   1 
ATOM   207  C CA  . LYS A 1 25 ? -5.782  -7.705  1.560   1.00 14.24 ? 25  LYS A CA  1 
ATOM   208  C C   . LYS A 1 25 ? -6.322  -8.980  2.195   1.00 16.45 ? 25  LYS A C   1 
ATOM   209  O O   . LYS A 1 25 ? -7.487  -9.338  2.003   1.00 14.03 ? 25  LYS A O   1 
ATOM   210  C CB  . LYS A 1 25 ? -6.449  -6.485  2.196   1.00 17.72 ? 25  LYS A CB  1 
ATOM   211  C CG  . LYS A 1 25 ? -6.322  -6.456  3.712   1.00 20.17 ? 25  LYS A CG  1 
ATOM   212  C CD  . LYS A 1 25 ? -6.876  -5.170  4.304   1.00 20.07 ? 25  LYS A CD  1 
ATOM   213  C CE  . LYS A 1 25 ? -6.634  -5.110  5.806   1.00 27.38 ? 25  LYS A CE  1 
ATOM   214  N NZ  . LYS A 1 25 ? -7.090  -3.818  6.397   1.00 29.92 ? 25  LYS A NZ  1 
ATOM   215  N N   . GLY A 1 26 ? -5.476  -9.651  2.974   1.00 19.31 ? 26  GLY A N   1 
ATOM   216  C CA  . GLY A 1 26 ? -5.867  -10.875 3.639   1.00 15.03 ? 26  GLY A CA  1 
ATOM   217  C C   . GLY A 1 26 ? -5.790  -12.115 2.782   1.00 17.27 ? 26  GLY A C   1 
ATOM   218  O O   . GLY A 1 26 ? -6.242  -13.181 3.216   1.00 26.01 ? 26  GLY A O   1 
ATOM   219  N N   . PHE A 1 27 ? -5.226  -12.014 1.585   1.00 15.89 ? 27  PHE A N   1 
ATOM   220  C CA  . PHE A 1 27 ? -5.118  -13.131 0.665   1.00 15.66 ? 27  PHE A CA  1 
ATOM   221  C C   . PHE A 1 27 ? -3.657  -13.387 0.328   1.00 17.13 ? 27  PHE A C   1 
ATOM   222  O O   . PHE A 1 27 ? -2.804  -12.502 0.436   1.00 20.28 ? 27  PHE A O   1 
ATOM   223  C CB  . PHE A 1 27 ? -5.921  -12.871 -0.614  1.00 15.98 ? 27  PHE A CB  1 
ATOM   224  C CG  . PHE A 1 27 ? -7.406  -12.823 -0.395  1.00 22.37 ? 27  PHE A CG  1 
ATOM   225  C CD1 . PHE A 1 27 ? -8.028  -11.641 -0.028  1.00 16.14 ? 27  PHE A CD1 1 
ATOM   226  C CD2 . PHE A 1 27 ? -8.179  -13.964 -0.549  1.00 22.74 ? 27  PHE A CD2 1 
ATOM   227  C CE1 . PHE A 1 27 ? -9.394  -11.595 0.183   1.00 21.91 ? 27  PHE A CE1 1 
ATOM   228  C CE2 . PHE A 1 27 ? -9.549  -13.925 -0.343  1.00 21.32 ? 27  PHE A CE2 1 
ATOM   229  C CZ  . PHE A 1 27 ? -10.158 -12.740 0.022   1.00 20.96 ? 27  PHE A CZ  1 
ATOM   230  N N   . SER A 1 28 ? -3.382  -14.622 -0.078  1.00 18.12 ? 28  SER A N   1 
ATOM   231  C CA  . SER A 1 28 ? -2.042  -15.011 -0.484  1.00 15.62 ? 28  SER A CA  1 
ATOM   232  C C   . SER A 1 28 ? -1.604  -14.227 -1.717  1.00 14.41 ? 28  SER A C   1 
ATOM   233  O O   . SER A 1 28 ? -2.422  -13.746 -2.507  1.00 14.55 ? 28  SER A O   1 
ATOM   234  C CB  . SER A 1 28 ? -1.997  -16.512 -0.777  1.00 13.24 ? 28  SER A CB  1 
ATOM   235  O OG  . SER A 1 28 ? -0.786  -16.871 -1.412  1.00 16.51 ? 28  SER A OG  1 
ATOM   236  N N   . ASP A 1 29 ? -0.285  -14.098 -1.880  1.00 13.10 ? 29  ASP A N   1 
ATOM   237  C CA  . ASP A 1 29 ? 0.240   -13.561 -3.129  1.00 18.46 ? 29  ASP A CA  1 
ATOM   238  C C   . ASP A 1 29 ? -0.082  -14.465 -4.313  1.00 19.69 ? 29  ASP A C   1 
ATOM   239  O O   . ASP A 1 29 ? -0.066  -14.001 -5.459  1.00 13.59 ? 29  ASP A O   1 
ATOM   240  C CB  . ASP A 1 29 ? 1.750   -13.353 -3.030  1.00 18.80 ? 29  ASP A CB  1 
ATOM   241  C CG  . ASP A 1 29 ? 2.136   -12.412 -1.906  1.00 22.91 ? 29  ASP A CG  1 
ATOM   242  O OD1 . ASP A 1 29 ? 2.249   -12.881 -0.754  1.00 26.53 ? 29  ASP A OD1 1 
ATOM   243  O OD2 . ASP A 1 29 ? 2.325   -11.206 -2.173  1.00 21.86 ? 29  ASP A OD2 1 
ATOM   244  N N   . GLU A 1 30 ? -0.369  -15.747 -4.061  1.00 14.06 ? 30  GLU A N   1 
ATOM   245  C CA  . GLU A 1 30 ? -0.818  -16.638 -5.122  1.00 13.26 ? 30  GLU A CA  1 
ATOM   246  C C   . GLU A 1 30 ? -2.193  -16.253 -5.650  1.00 14.29 ? 30  GLU A C   1 
ATOM   247  O O   . GLU A 1 30 ? -2.583  -16.721 -6.723  1.00 18.93 ? 30  GLU A O   1 
ATOM   248  C CB  . GLU A 1 30 ? -0.844  -18.086 -4.622  1.00 18.49 ? 30  GLU A CB  1 
ATOM   249  C CG  . GLU A 1 30 ? 0.520   -18.642 -4.246  1.00 20.48 ? 30  GLU A CG  1 
ATOM   250  C CD  . GLU A 1 30 ? 0.445   -20.057 -3.693  1.00 29.08 ? 30  GLU A CD  1 
ATOM   251  O OE1 . GLU A 1 30 ? -0.371  -20.299 -2.779  1.00 31.70 ? 30  GLU A OE1 1 
ATOM   252  O OE2 . GLU A 1 30 ? 1.201   -20.925 -4.178  1.00 32.34 ? 30  GLU A OE2 1 
ATOM   253  N N   . ASP A 1 31 ? -2.932  -15.417 -4.923  1.00 17.80 ? 31  ASP A N   1 
ATOM   254  C CA  . ASP A 1 31 ? -4.259  -14.988 -5.334  1.00 19.45 ? 31  ASP A CA  1 
ATOM   255  C C   . ASP A 1 31 ? -4.259  -13.626 -6.018  1.00 17.91 ? 31  ASP A C   1 
ATOM   256  O O   . ASP A 1 31 ? -5.334  -13.060 -6.238  1.00 18.91 ? 31  ASP A O   1 
ATOM   257  C CB  . ASP A 1 31 ? -5.205  -14.968 -4.133  1.00 18.80 ? 31  ASP A CB  1 
ATOM   258  C CG  . ASP A 1 31 ? -5.488  -16.354 -3.594  1.00 18.70 ? 31  ASP A CG  1 
ATOM   259  O OD1 . ASP A 1 31 ? -5.330  -17.329 -4.354  1.00 22.37 ? 31  ASP A OD1 1 
ATOM   260  O OD2 . ASP A 1 31 ? -5.869  -16.468 -2.413  1.00 25.06 ? 31  ASP A OD2 1 
ATOM   261  N N   . ASN A 1 32 ? -3.087  -13.084 -6.351  1.00 15.95 ? 32  ASN A N   1 
ATOM   262  C CA  . ASN A 1 32 ? -3.032  -11.862 -7.145  1.00 15.90 ? 32  ASN A CA  1 
ATOM   263  C C   . ASN A 1 32 ? -3.738  -12.070 -8.482  1.00 20.06 ? 32  ASN A C   1 
ATOM   264  O O   . ASN A 1 32 ? -3.671  -13.148 -9.077  1.00 20.94 ? 32  ASN A O   1 
ATOM   265  C CB  . ASN A 1 32 ? -1.579  -11.439 -7.387  1.00 15.80 ? 32  ASN A CB  1 
ATOM   266  C CG  . ASN A 1 32 ? -0.831  -11.117 -6.100  1.00 17.78 ? 32  ASN A CG  1 
ATOM   267  O OD1 . ASN A 1 32 ? -1.433  -10.844 -5.061  1.00 16.06 ? 32  ASN A OD1 1 
ATOM   268  N ND2 . ASN A 1 32 ? 0.492   -11.140 -6.171  1.00 16.75 ? 32  ASN A ND2 1 
ATOM   269  N N   . THR A 1 33 ? -4.424  -11.031 -8.958  1.00 19.67 ? 33  THR A N   1 
ATOM   270  C CA  . THR A 1 33 ? -5.159  -11.123 -10.211 1.00 15.88 ? 33  THR A CA  1 
ATOM   271  C C   . THR A 1 33 ? -4.950  -9.864  -11.035 1.00 19.11 ? 33  THR A C   1 
ATOM   272  O O   . THR A 1 33 ? -4.768  -8.769  -10.497 1.00 19.97 ? 33  THR A O   1 
ATOM   273  C CB  . THR A 1 33 ? -6.667  -11.324 -9.990  1.00 21.07 ? 33  THR A CB  1 
ATOM   274  O OG1 . THR A 1 33 ? -7.176  -10.272 -9.158  1.00 18.22 ? 33  THR A OG1 1 
ATOM   275  C CG2 . THR A 1 33 ? -6.958  -12.684 -9.352  1.00 18.69 ? 33  THR A CG2 1 
ATOM   276  N N   . TRP A 1 34 ? -4.976  -10.036 -12.354 1.00 18.13 ? 34  TRP A N   1 
ATOM   277  C CA  . TRP A 1 34 ? -5.032  -8.907  -13.271 1.00 17.15 ? 34  TRP A CA  1 
ATOM   278  C C   . TRP A 1 34 ? -6.476  -8.441  -13.406 1.00 17.31 ? 34  TRP A C   1 
ATOM   279  O O   . TRP A 1 34 ? -7.374  -9.244  -13.683 1.00 20.84 ? 34  TRP A O   1 
ATOM   280  C CB  . TRP A 1 34 ? -4.470  -9.294  -14.638 1.00 15.17 ? 34  TRP A CB  1 
ATOM   281  C CG  . TRP A 1 34 ? -2.980  -9.460  -14.661 1.00 13.70 ? 34  TRP A CG  1 
ATOM   282  C CD1 . TRP A 1 34 ? -2.283  -10.628 -14.577 1.00 13.46 ? 34  TRP A CD1 1 
ATOM   283  C CD2 . TRP A 1 34 ? -2.004  -8.418  -14.785 1.00 18.10 ? 34  TRP A CD2 1 
ATOM   284  N NE1 . TRP A 1 34 ? -0.933  -10.379 -14.636 1.00 15.31 ? 34  TRP A NE1 1 
ATOM   285  C CE2 . TRP A 1 34 ? -0.735  -9.030  -14.767 1.00 12.54 ? 34  TRP A CE2 1 
ATOM   286  C CE3 . TRP A 1 34 ? -2.082  -7.025  -14.911 1.00 15.27 ? 34  TRP A CE3 1 
ATOM   287  C CZ2 . TRP A 1 34 ? 0.446   -8.302  -14.869 1.00 12.08 ? 34  TRP A CZ2 1 
ATOM   288  C CZ3 . TRP A 1 34 ? -0.906  -6.302  -15.013 1.00 17.04 ? 34  TRP A CZ3 1 
ATOM   289  C CH2 . TRP A 1 34 ? 0.341   -6.942  -14.991 1.00 19.34 ? 34  TRP A CH2 1 
ATOM   290  N N   . GLU A 1 35 ? -6.703  -7.149  -13.201 1.00 15.25 ? 35  GLU A N   1 
ATOM   291  C CA  . GLU A 1 35 ? -8.055  -6.622  -13.224 1.00 19.03 ? 35  GLU A CA  1 
ATOM   292  C C   . GLU A 1 35 ? -8.136  -5.432  -14.169 1.00 18.94 ? 35  GLU A C   1 
ATOM   293  O O   . GLU A 1 35 ? -7.236  -4.583  -14.181 1.00 18.46 ? 35  GLU A O   1 
ATOM   294  C CB  . GLU A 1 35 ? -8.506  -6.194  -11.820 1.00 16.80 ? 35  GLU A CB  1 
ATOM   295  C CG  . GLU A 1 35 ? -8.451  -7.296  -10.776 1.00 16.86 ? 35  GLU A CG  1 
ATOM   296  C CD  . GLU A 1 35 ? -9.500  -8.368  -10.994 1.00 19.39 ? 35  GLU A CD  1 
ATOM   297  O OE1 . GLU A 1 35 ? -10.475 -8.116  -11.732 1.00 18.70 ? 35  GLU A OE1 1 
ATOM   298  O OE2 . GLU A 1 35 ? -9.352  -9.465  -10.422 1.00 23.16 ? 35  GLU A OE2 1 
ATOM   299  N N   . PRO A 1 36 ? -9.194  -5.347  -14.973 1.00 20.30 ? 36  PRO A N   1 
ATOM   300  C CA  . PRO A 1 36 ? -9.395  -4.148  -15.793 1.00 19.52 ? 36  PRO A CA  1 
ATOM   301  C C   . PRO A 1 36 ? -9.504  -2.920  -14.904 1.00 16.50 ? 36  PRO A C   1 
ATOM   302  O O   . PRO A 1 36 ? -10.059 -2.981  -13.805 1.00 16.27 ? 36  PRO A O   1 
ATOM   303  C CB  . PRO A 1 36 ? -10.709 -4.434  -16.532 1.00 17.27 ? 36  PRO A CB  1 
ATOM   304  C CG  . PRO A 1 36 ? -10.879 -5.922  -16.460 1.00 24.11 ? 36  PRO A CG  1 
ATOM   305  C CD  . PRO A 1 36 ? -10.267 -6.337  -15.158 1.00 20.28 ? 36  PRO A CD  1 
ATOM   306  N N   . GLU A 1 37 ? -8.962  -1.797  -15.390 1.00 16.48 ? 37  GLU A N   1 
ATOM   307  C CA  . GLU A 1 37 ? -8.855  -0.603  -14.552 1.00 17.30 ? 37  GLU A CA  1 
ATOM   308  C C   . GLU A 1 37 ? -10.219 -0.119  -14.073 1.00 19.82 ? 37  GLU A C   1 
ATOM   309  O O   . GLU A 1 37 ? -10.316 0.486   -13.000 1.00 16.87 ? 37  GLU A O   1 
ATOM   310  C CB  . GLU A 1 37 ? -8.123  0.515   -15.303 1.00 13.73 ? 37  GLU A CB  1 
ATOM   311  C CG  . GLU A 1 37 ? -8.893  1.111   -16.467 1.00 16.01 ? 37  GLU A CG  1 
ATOM   312  C CD  . GLU A 1 37 ? -8.196  2.315   -17.087 1.00 21.87 ? 37  GLU A CD  1 
ATOM   313  O OE1 . GLU A 1 37 ? -7.217  2.830   -16.500 1.00 17.36 ? 37  GLU A OE1 1 
ATOM   314  O OE2 . GLU A 1 37 ? -8.632  2.747   -18.171 1.00 18.55 ? 37  GLU A OE2 1 
ATOM   315  N N   . GLU A 1 38 ? -11.281 -0.386  -14.837 1.00 16.91 ? 38  GLU A N   1 
ATOM   316  C CA  . GLU A 1 38 ? -12.609 0.053   -14.422 1.00 21.68 ? 38  GLU A CA  1 
ATOM   317  C C   . GLU A 1 38 ? -13.086 -0.656  -13.159 1.00 20.94 ? 38  GLU A C   1 
ATOM   318  O O   . GLU A 1 38 ? -13.982 -0.146  -12.477 1.00 22.45 ? 38  GLU A O   1 
ATOM   319  C CB  . GLU A 1 38 ? -13.614 -0.159  -15.556 1.00 20.93 ? 38  GLU A CB  1 
ATOM   320  C CG  . GLU A 1 38 ? -13.678 -1.583  -16.088 1.00 29.17 ? 38  GLU A CG  1 
ATOM   321  C CD  . GLU A 1 38 ? -12.802 -1.800  -17.311 1.00 29.62 ? 38  GLU A CD  1 
ATOM   322  O OE1 . GLU A 1 38 ? -11.693 -1.225  -17.374 1.00 23.67 ? 38  GLU A OE1 1 
ATOM   323  O OE2 . GLU A 1 38 ? -13.231 -2.547  -18.216 1.00 33.51 ? 38  GLU A OE2 1 
ATOM   324  N N   . ASN A 1 39 ? -12.506 -1.811  -12.831 1.00 21.14 ? 39  ASN A N   1 
ATOM   325  C CA  . ASN A 1 39 ? -12.840 -2.493  -11.587 1.00 17.02 ? 39  ASN A CA  1 
ATOM   326  C C   . ASN A 1 39 ? -12.268 -1.793  -10.361 1.00 18.44 ? 39  ASN A C   1 
ATOM   327  O O   . ASN A 1 39 ? -12.753 -2.029  -9.250  1.00 18.26 ? 39  ASN A O   1 
ATOM   328  C CB  . ASN A 1 39 ? -12.327 -3.935  -11.615 1.00 16.68 ? 39  ASN A CB  1 
ATOM   329  C CG  . ASN A 1 39 ? -13.013 -4.793  -12.667 1.00 25.60 ? 39  ASN A CG  1 
ATOM   330  O OD1 . ASN A 1 39 ? -13.757 -4.300  -13.517 1.00 22.22 ? 39  ASN A OD1 1 
ATOM   331  N ND2 . ASN A 1 39 ? -12.751 -6.095  -12.614 1.00 23.88 ? 39  ASN A ND2 1 
ATOM   332  N N   . LEU A 1 40 ? -11.260 -0.941  -10.531 1.00 17.89 ? 40  LEU A N   1 
ATOM   333  C CA  . LEU A 1 40 ? -10.491 -0.436  -9.399  1.00 22.26 ? 40  LEU A CA  1 
ATOM   334  C C   . LEU A 1 40 ? -11.133 0.804   -8.789  1.00 21.09 ? 40  LEU A C   1 
ATOM   335  O O   . LEU A 1 40 ? -11.619 1.689   -9.499  1.00 20.23 ? 40  LEU A O   1 
ATOM   336  C CB  . LEU A 1 40 ? -9.055  -0.116  -9.825  1.00 19.28 ? 40  LEU A CB  1 
ATOM   337  C CG  . LEU A 1 40 ? -8.037  -1.262  -9.909  1.00 17.09 ? 40  LEU A CG  1 
ATOM   338  C CD1 . LEU A 1 40 ? -8.450  -2.327  -10.919 1.00 13.87 ? 40  LEU A CD1 1 
ATOM   339  C CD2 . LEU A 1 40 ? -6.648  -0.731  -10.239 1.00 18.14 ? 40  LEU A CD2 1 
ATOM   340  N N   . ASP A 1 41 ? -11.131 0.856   -7.459  1.00 20.98 ? 41  ASP A N   1 
ATOM   341  C CA  . ASP A 1 41 ? -11.503 2.030   -6.680  1.00 16.63 ? 41  ASP A CA  1 
ATOM   342  C C   . ASP A 1 41 ? -10.405 2.346   -5.676  1.00 19.15 ? 41  ASP A C   1 
ATOM   343  O O   . ASP A 1 41 ? -10.666 2.639   -4.505  1.00 16.33 ? 41  ASP A O   1 
ATOM   344  C CB  . ASP A 1 41 ? -12.841 1.829   -5.973  1.00 21.30 ? 41  ASP A CB  1 
ATOM   345  C CG  . ASP A 1 41 ? -14.015 1.825   -6.934  1.00 25.01 ? 41  ASP A CG  1 
ATOM   346  O OD1 . ASP A 1 41 ? -14.071 2.710   -7.814  1.00 26.57 ? 41  ASP A OD1 1 
ATOM   347  O OD2 . ASP A 1 41 ? -14.880 0.933   -6.812  1.00 30.73 ? 41  ASP A OD2 1 
ATOM   348  N N   . CYS A 1 42 ? -9.156  2.274   -6.128  1.00 22.74 ? 42  CYS A N   1 
ATOM   349  C CA  . CYS A 1 42 ? -7.981  2.491   -5.286  1.00 19.61 ? 42  CYS A CA  1 
ATOM   350  C C   . CYS A 1 42 ? -7.075  3.523   -5.951  1.00 22.95 ? 42  CYS A C   1 
ATOM   351  O O   . CYS A 1 42 ? -5.981  3.197   -6.427  1.00 20.89 ? 42  CYS A O   1 
ATOM   352  C CB  . CYS A 1 42 ? -7.238  1.176   -5.044  1.00 19.90 ? 42  CYS A CB  1 
ATOM   353  S SG  . CYS A 1 42 ? -6.909  0.205   -6.538  1.00 18.07 ? 42  CYS A SG  1 
ATOM   354  N N   . PRO A 1 43 ? -7.503  4.789   -5.988  1.00 24.45 ? 43  PRO A N   1 
ATOM   355  C CA  . PRO A 1 43 ? -6.697  5.797   -6.699  1.00 27.56 ? 43  PRO A CA  1 
ATOM   356  C C   . PRO A 1 43 ? -5.345  6.044   -6.057  1.00 22.85 ? 43  PRO A C   1 
ATOM   357  O O   . PRO A 1 43 ? -4.355  6.233   -6.772  1.00 27.27 ? 43  PRO A O   1 
ATOM   358  C CB  . PRO A 1 43 ? -7.589  7.046   -6.657  1.00 26.08 ? 43  PRO A CB  1 
ATOM   359  C CG  . PRO A 1 43 ? -8.424  6.864   -5.430  1.00 26.33 ? 43  PRO A CG  1 
ATOM   360  C CD  . PRO A 1 43 ? -8.677  5.383   -5.323  1.00 20.99 ? 43  PRO A CD  1 
ATOM   361  N N   . ASP A 1 44 ? -5.274  6.038   -4.724  1.00 25.83 ? 44  ASP A N   1 
ATOM   362  C CA  . ASP A 1 44 ? -4.000  6.259   -4.048  1.00 23.96 ? 44  ASP A CA  1 
ATOM   363  C C   . ASP A 1 44 ? -3.004  5.144   -4.337  1.00 27.64 ? 44  ASP A C   1 
ATOM   364  O O   . ASP A 1 44 ? -1.792  5.387   -4.364  1.00 26.09 ? 44  ASP A O   1 
ATOM   365  C CB  . ASP A 1 44 ? -4.220  6.389   -2.542  1.00 31.74 ? 44  ASP A CB  1 
ATOM   366  C CG  . ASP A 1 44 ? -5.126  7.548   -2.186  1.00 30.29 ? 44  ASP A CG  1 
ATOM   367  O OD1 . ASP A 1 44 ? -5.705  8.158   -3.111  1.00 36.39 ? 44  ASP A OD1 1 
ATOM   368  O OD2 . ASP A 1 44 ? -5.255  7.851   -0.982  1.00 35.06 ? 44  ASP A OD2 1 
ATOM   369  N N   . LEU A 1 45 ? -3.488  3.918   -4.549  1.00 20.79 ? 45  LEU A N   1 
ATOM   370  C CA  . LEU A 1 45 ? -2.583  2.810   -4.829  1.00 22.87 ? 45  LEU A CA  1 
ATOM   371  C C   . LEU A 1 45 ? -2.098  2.814   -6.274  1.00 21.45 ? 45  LEU A C   1 
ATOM   372  O O   . LEU A 1 45 ? -0.963  2.405   -6.541  1.00 21.51 ? 45  LEU A O   1 
ATOM   373  C CB  . LEU A 1 45 ? -3.261  1.478   -4.497  1.00 20.01 ? 45  LEU A CB  1 
ATOM   374  C CG  . LEU A 1 45 ? -3.542  1.225   -3.015  1.00 19.75 ? 45  LEU A CG  1 
ATOM   375  C CD1 . LEU A 1 45 ? -4.046  -0.193  -2.798  1.00 20.01 ? 45  LEU A CD1 1 
ATOM   376  C CD2 . LEU A 1 45 ? -2.301  1.486   -2.173  1.00 20.45 ? 45  LEU A CD2 1 
ATOM   377  N N   . ILE A 1 46 ? -2.934  3.261   -7.215  1.00 21.11 ? 46  ILE A N   1 
ATOM   378  C CA  . ILE A 1 46 ? -2.460  3.446   -8.583  1.00 22.11 ? 46  ILE A CA  1 
ATOM   379  C C   . ILE A 1 46 ? -1.424  4.562   -8.634  1.00 23.18 ? 46  ILE A C   1 
ATOM   380  O O   . ILE A 1 46 ? -0.426  4.472   -9.360  1.00 28.45 ? 46  ILE A O   1 
ATOM   381  C CB  . ILE A 1 46 ? -3.636  3.731   -9.534  1.00 26.48 ? 46  ILE A CB  1 
ATOM   382  C CG1 . ILE A 1 46 ? -4.580  2.533   -9.613  1.00 18.90 ? 46  ILE A CG1 1 
ATOM   383  C CG2 . ILE A 1 46 ? -3.123  4.088   -10.923 1.00 21.10 ? 46  ILE A CG2 1 
ATOM   384  C CD1 . ILE A 1 46 ? -5.699  2.721   -10.612 1.00 24.99 ? 46  ILE A CD1 1 
ATOM   385  N N   . ALA A 1 47 ? -1.642  5.629   -7.864  1.00 18.44 ? 47  ALA A N   1 
ATOM   386  C CA  . ALA A 1 47 ? -0.679  6.725   -7.833  1.00 30.16 ? 47  ALA A CA  1 
ATOM   387  C C   . ALA A 1 47 ? 0.659   6.264   -7.272  1.00 26.40 ? 47  ALA A C   1 
ATOM   388  O O   . ALA A 1 47 ? 1.718   6.714   -7.726  1.00 27.65 ? 47  ALA A O   1 
ATOM   389  C CB  . ALA A 1 47 ? -1.235  7.890   -7.016  1.00 27.06 ? 47  ALA A CB  1 
ATOM   390  N N   . GLU A 1 48 ? 0.635   5.360   -6.289  1.00 28.32 ? 48  GLU A N   1 
ATOM   391  C CA  . GLU A 1 48 ? 1.883   4.822   -5.756  1.00 23.21 ? 48  GLU A CA  1 
ATOM   392  C C   . GLU A 1 48 ? 2.642   4.027   -6.811  1.00 27.55 ? 48  GLU A C   1 
ATOM   393  O O   . GLU A 1 48 ? 3.871   4.123   -6.901  1.00 26.30 ? 48  GLU A O   1 
ATOM   394  C CB  . GLU A 1 48 ? 1.608   3.946   -4.534  1.00 25.76 ? 48  GLU A CB  1 
ATOM   395  C CG  . GLU A 1 48 ? 2.865   3.297   -3.965  1.00 20.03 ? 48  GLU A CG  1 
ATOM   396  C CD  . GLU A 1 48 ? 2.568   2.203   -2.959  1.00 22.29 ? 48  GLU A CD  1 
ATOM   397  O OE1 . GLU A 1 48 ? 1.391   1.804   -2.825  1.00 17.11 ? 48  GLU A OE1 1 
ATOM   398  O OE2 . GLU A 1 48 ? 3.524   1.738   -2.299  1.00 26.65 ? 48  GLU A OE2 1 
ATOM   399  N N   . PHE A 1 49 ? 1.929   3.237   -7.620  1.00 22.62 ? 49  PHE A N   1 
ATOM   400  C CA  . PHE A 1 49 ? 2.603   2.372   -8.585  1.00 22.33 ? 49  PHE A CA  1 
ATOM   401  C C   . PHE A 1 49 ? 3.288   3.182   -9.678  1.00 28.77 ? 49  PHE A C   1 
ATOM   402  O O   . PHE A 1 49 ? 4.429   2.891   -10.058 1.00 31.43 ? 49  PHE A O   1 
ATOM   403  C CB  . PHE A 1 49 ? 1.618   1.383   -9.207  1.00 23.49 ? 49  PHE A CB  1 
ATOM   404  C CG  . PHE A 1 49 ? 2.148   0.719   -10.445 1.00 20.05 ? 49  PHE A CG  1 
ATOM   405  C CD1 . PHE A 1 49 ? 3.036   -0.340  -10.350 1.00 21.64 ? 49  PHE A CD1 1 
ATOM   406  C CD2 . PHE A 1 49 ? 1.786   1.175   -11.703 1.00 22.22 ? 49  PHE A CD2 1 
ATOM   407  C CE1 . PHE A 1 49 ? 3.541   -0.944  -11.484 1.00 21.99 ? 49  PHE A CE1 1 
ATOM   408  C CE2 . PHE A 1 49 ? 2.292   0.579   -12.842 1.00 23.80 ? 49  PHE A CE2 1 
ATOM   409  C CZ  . PHE A 1 49 ? 3.168   -0.486  -12.732 1.00 23.63 ? 49  PHE A CZ  1 
ATOM   410  N N   . LEU A 1 50 ? 2.593   4.186   -10.220 1.00 32.05 ? 50  LEU A N   1 
ATOM   411  C CA  . LEU A 1 50 ? 3.173   4.977   -11.300 1.00 34.23 ? 50  LEU A CA  1 
ATOM   412  C C   . LEU A 1 50 ? 4.390   5.761   -10.830 1.00 35.96 ? 50  LEU A C   1 
ATOM   413  O O   . LEU A 1 50 ? 5.342   5.943   -11.597 1.00 37.23 ? 50  LEU A O   1 
ATOM   414  C CB  . LEU A 1 50 ? 2.121   5.917   -11.885 1.00 32.13 ? 50  LEU A CB  1 
ATOM   415  C CG  . LEU A 1 50 ? 0.933   5.235   -12.566 1.00 29.75 ? 50  LEU A CG  1 
ATOM   416  C CD1 . LEU A 1 50 ? -0.092  6.264   -13.018 1.00 20.39 ? 50  LEU A CD1 1 
ATOM   417  C CD2 . LEU A 1 50 ? 1.408   4.385   -13.737 1.00 24.67 ? 50  LEU A CD2 1 
ATOM   418  N N   . GLN A 1 51 ? 4.382   6.222   -9.577  1.00 35.39 ? 51  GLN A N   1 
ATOM   419  C CA  . GLN A 1 51 ? 5.539   6.933   -9.045  1.00 35.86 ? 51  GLN A CA  1 
ATOM   420  C C   . GLN A 1 51 ? 6.713   5.993   -8.808  1.00 37.33 ? 51  GLN A C   1 
ATOM   421  O O   . GLN A 1 51 ? 7.871   6.409   -8.929  1.00 46.25 ? 51  GLN A O   1 
ATOM   422  C CB  . GLN A 1 51 ? 5.154   7.659   -7.757  1.00 29.81 ? 51  GLN A CB  1 
ATOM   423  C CG  . GLN A 1 51 ? 4.097   8.733   -7.968  1.00 36.45 ? 51  GLN A CG  1 
ATOM   424  C CD  . GLN A 1 51 ? 3.425   9.166   -6.679  1.00 34.38 ? 51  GLN A CD  1 
ATOM   425  O OE1 . GLN A 1 51 ? 3.913   8.883   -5.586  1.00 43.27 ? 51  GLN A OE1 1 
ATOM   426  N NE2 . GLN A 1 51 ? 2.293   9.852   -6.803  1.00 30.62 ? 51  GLN A NE2 1 
ATOM   427  N N   . SER A 1 52 ? 6.442   4.729   -8.473  1.00 36.41 ? 52  SER A N   1 
ATOM   428  C CA  . SER A 1 52 ? 7.515   3.748   -8.361  1.00 33.58 ? 52  SER A CA  1 
ATOM   429  C C   . SER A 1 52 ? 8.108   3.397   -9.718  1.00 37.37 ? 52  SER A C   1 
ATOM   430  O O   . SER A 1 52 ? 9.233   2.891   -9.780  1.00 31.07 ? 52  SER A O   1 
ATOM   431  C CB  . SER A 1 52 ? 7.005   2.478   -7.677  1.00 32.83 ? 52  SER A CB  1 
ATOM   432  O OG  . SER A 1 52 ? 6.225   1.698   -8.568  1.00 34.18 ? 52  SER A OG  1 
ATOM   433  N N   . GLN A 1 53 ? 7.374   3.653   -10.802 1.00 39.24 ? 53  GLN A N   1 
ATOM   434  C CA  . GLN A 1 53 ? 7.867   3.382   -12.144 1.00 38.60 ? 53  GLN A CA  1 
ATOM   435  C C   . GLN A 1 53 ? 8.845   4.443   -12.631 1.00 42.75 ? 53  GLN A C   1 
ATOM   436  O O   . GLN A 1 53 ? 9.631   4.170   -13.545 1.00 49.62 ? 53  GLN A O   1 
ATOM   437  C CB  . GLN A 1 53 ? 6.684   3.273   -13.113 1.00 45.26 ? 53  GLN A CB  1 
ATOM   438  C CG  . GLN A 1 53 ? 7.011   2.638   -14.453 1.00 52.31 ? 53  GLN A CG  1 
ATOM   439  C CD  . GLN A 1 53 ? 5.819   2.629   -15.393 1.00 54.70 ? 53  GLN A CD  1 
ATOM   440  O OE1 . GLN A 1 53 ? 4.782   3.228   -15.104 1.00 47.07 ? 53  GLN A OE1 1 
ATOM   441  N NE2 . GLN A 1 53 ? 5.963   1.949   -16.526 1.00 49.42 ? 53  GLN A NE2 1 
ATOM   442  N N   . LYS A 1 54 ? 8.818   5.636   -12.043 1.00 46.33 ? 54  LYS A N   1 
ATOM   443  C CA  . LYS A 1 54 ? 9.702   6.724   -12.449 1.00 44.04 ? 54  LYS A CA  1 
ATOM   444  C C   . LYS A 1 54 ? 11.075  6.606   -11.794 1.00 41.23 ? 54  LYS A C   1 
ATOM   445  O O   . LYS A 1 54 ? 11.796  5.629   -12.003 1.00 42.15 ? 54  LYS A O   1 
ATOM   446  C CB  . LYS A 1 54 ? 9.074   8.077   -12.106 1.00 38.84 ? 54  LYS A CB  1 
ATOM   447  N N   . GLY B 1 1  ? 17.516  9.254   4.804   1.00 29.16 ? 1   GLY B N   1 
ATOM   448  C CA  . GLY B 1 1  ? 17.377  9.939   6.076   1.00 23.90 ? 1   GLY B CA  1 
ATOM   449  C C   . GLY B 1 1  ? 16.443  9.286   7.083   1.00 25.00 ? 1   GLY B C   1 
ATOM   450  O O   . GLY B 1 1  ? 15.557  8.509   6.721   1.00 27.24 ? 1   GLY B O   1 
ATOM   451  N N   . GLU B 1 2  ? 16.647  9.610   8.357   1.00 27.73 ? 2   GLU B N   1 
ATOM   452  C CA  . GLU B 1 2  ? 15.803  9.142   9.449   1.00 24.58 ? 2   GLU B CA  1 
ATOM   453  C C   . GLU B 1 2  ? 14.972  10.307  9.963   1.00 23.64 ? 2   GLU B C   1 
ATOM   454  O O   . GLU B 1 2  ? 15.513  11.377  10.257  1.00 23.13 ? 2   GLU B O   1 
ATOM   455  C CB  . GLU B 1 2  ? 16.653  8.550   10.575  1.00 21.95 ? 2   GLU B CB  1 
ATOM   456  C CG  . GLU B 1 2  ? 15.854  7.903   11.710  1.00 23.38 ? 2   GLU B CG  1 
ATOM   457  C CD  . GLU B 1 2  ? 15.567  6.423   11.477  1.00 22.27 ? 2   GLU B CD  1 
ATOM   458  O OE1 . GLU B 1 2  ? 15.032  5.770   12.395  1.00 21.09 ? 2   GLU B OE1 1 
ATOM   459  O OE2 . GLU B 1 2  ? 15.887  5.928   10.382  1.00 25.39 ? 2   GLU B OE2 1 
ATOM   460  N N   . TYR B 1 3  ? 13.661  10.099  10.089  1.00 22.95 ? 3   TYR B N   1 
ATOM   461  C CA  . TYR B 1 3  ? 12.725  11.170  10.398  1.00 20.73 ? 3   TYR B CA  1 
ATOM   462  C C   . TYR B 1 3  ? 11.789  10.761  11.530  1.00 19.94 ? 3   TYR B C   1 
ATOM   463  O O   . TYR B 1 3  ? 11.532  9.577   11.751  1.00 21.12 ? 3   TYR B O   1 
ATOM   464  C CB  . TYR B 1 3  ? 11.910  11.560  9.147   1.00 17.43 ? 3   TYR B CB  1 
ATOM   465  C CG  . TYR B 1 3  ? 12.751  12.168  8.045   1.00 21.54 ? 3   TYR B CG  1 
ATOM   466  C CD1 . TYR B 1 3  ? 12.969  13.538  7.993   1.00 21.03 ? 3   TYR B CD1 1 
ATOM   467  C CD2 . TYR B 1 3  ? 13.315  11.374  7.049   1.00 22.21 ? 3   TYR B CD2 1 
ATOM   468  C CE1 . TYR B 1 3  ? 13.729  14.103  6.986   1.00 17.40 ? 3   TYR B CE1 1 
ATOM   469  C CE2 . TYR B 1 3  ? 14.075  11.926  6.040   1.00 22.99 ? 3   TYR B CE2 1 
ATOM   470  C CZ  . TYR B 1 3  ? 14.279  13.290  6.011   1.00 24.79 ? 3   TYR B CZ  1 
ATOM   471  O OH  . TYR B 1 3  ? 15.041  13.817  4.999   1.00 27.54 ? 3   TYR B OH  1 
ATOM   472  N N   . VAL B 1 4  ? 11.293  11.768  12.258  1.00 18.23 ? 4   VAL B N   1 
ATOM   473  C CA  . VAL B 1 4  ? 10.271  11.550  13.279  1.00 19.43 ? 4   VAL B CA  1 
ATOM   474  C C   . VAL B 1 4  ? 8.944   11.217  12.607  1.00 15.33 ? 4   VAL B C   1 
ATOM   475  O O   . VAL B 1 4  ? 8.563   11.835  11.603  1.00 13.65 ? 4   VAL B O   1 
ATOM   476  C CB  . VAL B 1 4  ? 10.140  12.794  14.178  1.00 18.57 ? 4   VAL B CB  1 
ATOM   477  C CG1 . VAL B 1 4  ? 9.190   12.538  15.344  1.00 18.43 ? 4   VAL B CG1 1 
ATOM   478  C CG2 . VAL B 1 4  ? 11.512  13.239  14.668  1.00 19.07 ? 4   VAL B CG2 1 
ATOM   479  N N   . VAL B 1 5  ? 8.225   10.246  13.165  1.00 16.23 ? 5   VAL B N   1 
ATOM   480  C CA  . VAL B 1 5  ? 6.936   9.805   12.637  1.00 15.11 ? 5   VAL B CA  1 
ATOM   481  C C   . VAL B 1 5  ? 5.827   10.296  13.559  1.00 17.53 ? 5   VAL B C   1 
ATOM   482  O O   . VAL B 1 5  ? 5.946   10.209  14.786  1.00 14.38 ? 5   VAL B O   1 
ATOM   483  C CB  . VAL B 1 5  ? 6.885   8.270   12.492  1.00 16.09 ? 5   VAL B CB  1 
ATOM   484  C CG1 . VAL B 1 5  ? 5.535   7.814   11.943  1.00 13.40 ? 5   VAL B CG1 1 
ATOM   485  C CG2 . VAL B 1 5  ? 8.024   7.789   11.607  1.00 16.78 ? 5   VAL B CG2 1 
ATOM   486  N N   . GLU B 1 6  ? 4.747   10.815  12.966  1.00 17.10 ? 6   GLU B N   1 
ATOM   487  C CA  . GLU B 1 6  ? 3.587   11.228  13.750  1.00 17.51 ? 6   GLU B CA  1 
ATOM   488  C C   . GLU B 1 6  ? 2.723   10.034  14.136  1.00 16.85 ? 6   GLU B C   1 
ATOM   489  O O   . GLU B 1 6  ? 2.348   9.877   15.303  1.00 15.23 ? 6   GLU B O   1 
ATOM   490  C CB  . GLU B 1 6  ? 2.746   12.237  12.965  1.00 16.30 ? 6   GLU B CB  1 
ATOM   491  C CG  . GLU B 1 6  ? 3.469   13.503  12.546  1.00 20.34 ? 6   GLU B CG  1 
ATOM   492  C CD  . GLU B 1 6  ? 3.664   14.485  13.685  1.00 18.97 ? 6   GLU B CD  1 
ATOM   493  O OE1 . GLU B 1 6  ? 4.281   14.113  14.705  1.00 26.12 ? 6   GLU B OE1 1 
ATOM   494  O OE2 . GLU B 1 6  ? 3.190   15.632  13.562  1.00 14.90 ? 6   GLU B OE2 1 
ATOM   495  N N   . LYS B 1 7  ? 2.395   9.185   13.166  1.00 16.94 ? 7   LYS B N   1 
ATOM   496  C CA  . LYS B 1 7  ? 1.404   8.145   13.379  1.00 14.71 ? 7   LYS B CA  1 
ATOM   497  C C   . LYS B 1 7  ? 1.601   7.057   12.337  1.00 19.17 ? 7   LYS B C   1 
ATOM   498  O O   . LYS B 1 7  ? 2.000   7.335   11.202  1.00 18.34 ? 7   LYS B O   1 
ATOM   499  C CB  . LYS B 1 7  ? -0.014  8.722   13.291  1.00 14.47 ? 7   LYS B CB  1 
ATOM   500  C CG  . LYS B 1 7  ? -1.107  7.835   13.860  1.00 17.25 ? 7   LYS B CG  1 
ATOM   501  C CD  . LYS B 1 7  ? -2.473  8.464   13.643  1.00 20.07 ? 7   LYS B CD  1 
ATOM   502  C CE  . LYS B 1 7  ? -3.581  7.630   14.264  1.00 27.46 ? 7   LYS B CE  1 
ATOM   503  N NZ  . LYS B 1 7  ? -4.925  8.188   13.940  1.00 31.10 ? 7   LYS B NZ  1 
ATOM   504  N N   . VAL B 1 8  ? 1.331   5.819   12.739  1.00 16.85 ? 8   VAL B N   1 
ATOM   505  C CA  . VAL B 1 8  ? 1.221   4.701   11.806  1.00 18.09 ? 8   VAL B CA  1 
ATOM   506  C C   . VAL B 1 8  ? -0.220  4.675   11.310  1.00 14.77 ? 8   VAL B C   1 
ATOM   507  O O   . VAL B 1 8  ? -1.147  4.421   12.083  1.00 19.38 ? 8   VAL B O   1 
ATOM   508  C CB  . VAL B 1 8  ? 1.615   3.371   12.458  1.00 13.11 ? 8   VAL B CB  1 
ATOM   509  C CG1 . VAL B 1 8  ? 1.297   2.213   11.523  1.00 21.31 ? 8   VAL B CG1 1 
ATOM   510  C CG2 . VAL B 1 8  ? 3.092   3.372   12.815  1.00 14.39 ? 8   VAL B CG2 1 
ATOM   511  N N   . LEU B 1 9  ? -0.411  4.953   10.021  1.00 13.91 ? 9   LEU B N   1 
ATOM   512  C CA  . LEU B 1 9  ? -1.749  5.083   9.459   1.00 15.68 ? 9   LEU B CA  1 
ATOM   513  C C   . LEU B 1 9  ? -2.348  3.747   9.046   1.00 21.20 ? 9   LEU B C   1 
ATOM   514  O O   . LEU B 1 9  ? -3.561  3.549   9.174   1.00 16.97 ? 9   LEU B O   1 
ATOM   515  C CB  . LEU B 1 9  ? -1.719  6.022   8.252   1.00 17.82 ? 9   LEU B CB  1 
ATOM   516  C CG  . LEU B 1 9  ? -1.225  7.438   8.532   1.00 20.08 ? 9   LEU B CG  1 
ATOM   517  C CD1 . LEU B 1 9  ? -1.200  8.245   7.251   1.00 16.51 ? 9   LEU B CD1 1 
ATOM   518  C CD2 . LEU B 1 9  ? -2.105  8.104   9.578   1.00 19.56 ? 9   LEU B CD2 1 
ATOM   519  N N   . ASP B 1 10 ? -1.526  2.827   8.548   1.00 17.03 ? 10  ASP B N   1 
ATOM   520  C CA  . ASP B 1 10 ? -2.041  1.581   8.002   1.00 19.72 ? 10  ASP B CA  1 
ATOM   521  C C   . ASP B 1 10 ? -0.906  0.570   7.919   1.00 23.01 ? 10  ASP B C   1 
ATOM   522  O O   . ASP B 1 10 ? 0.264   0.893   8.144   1.00 16.18 ? 10  ASP B O   1 
ATOM   523  C CB  . ASP B 1 10 ? -2.682  1.808   6.627   1.00 18.96 ? 10  ASP B CB  1 
ATOM   524  C CG  . ASP B 1 10 ? -3.696  0.737   6.275   1.00 23.85 ? 10  ASP B CG  1 
ATOM   525  O OD1 . ASP B 1 10 ? -3.835  -0.232  7.051   1.00 24.40 ? 10  ASP B OD1 1 
ATOM   526  O OD2 . ASP B 1 10 ? -4.357  0.867   5.223   1.00 26.20 ? 10  ASP B OD2 1 
ATOM   527  N N   . ARG B 1 11 ? -1.273  -0.664  7.585   1.00 18.90 ? 11  ARG B N   1 
ATOM   528  C CA  . ARG B 1 11 ? -0.325  -1.757  7.429   1.00 19.34 ? 11  ARG B CA  1 
ATOM   529  C C   . ARG B 1 11 ? -0.792  -2.649  6.291   1.00 15.42 ? 11  ARG B C   1 
ATOM   530  O O   . ARG B 1 11 ? -1.996  -2.836  6.098   1.00 17.66 ? 11  ARG B O   1 
ATOM   531  C CB  . ARG B 1 11 ? -0.197  -2.580  8.717   1.00 16.02 ? 11  ARG B CB  1 
ATOM   532  C CG  . ARG B 1 11 ? 0.801   -3.723  8.633   1.00 20.68 ? 11  ARG B CG  1 
ATOM   533  C CD  . ARG B 1 11 ? 0.526   -4.775  9.695   1.00 19.77 ? 11  ARG B CD  1 
ATOM   534  N NE  . ARG B 1 11 ? -0.776  -5.404  9.500   1.00 21.25 ? 11  ARG B NE  1 
ATOM   535  C CZ  . ARG B 1 11 ? -1.286  -6.333  10.301  1.00 25.03 ? 11  ARG B CZ  1 
ATOM   536  N NH1 . ARG B 1 11 ? -0.603  -6.744  11.361  1.00 20.21 ? 11  ARG B NH1 1 
ATOM   537  N NH2 . ARG B 1 11 ? -2.479  -6.849  10.044  1.00 20.83 ? 11  ARG B NH2 1 
ATOM   538  N N   . ARG B 1 12 ? 0.158   -3.187  5.534   1.00 16.94 ? 12  ARG B N   1 
ATOM   539  C CA  . ARG B 1 12 ? -0.160  -4.145  4.487   1.00 19.67 ? 12  ARG B CA  1 
ATOM   540  C C   . ARG B 1 12 ? 0.867   -5.266  4.510   1.00 20.84 ? 12  ARG B C   1 
ATOM   541  O O   . ARG B 1 12 ? 1.972   -5.118  5.037   1.00 16.52 ? 12  ARG B O   1 
ATOM   542  C CB  . ARG B 1 12 ? -0.209  -3.488  3.099   1.00 19.74 ? 12  ARG B CB  1 
ATOM   543  C CG  . ARG B 1 12 ? 1.135   -3.029  2.571   1.00 20.92 ? 12  ARG B CG  1 
ATOM   544  C CD  . ARG B 1 12 ? 0.967   -2.272  1.269   1.00 15.99 ? 12  ARG B CD  1 
ATOM   545  N NE  . ARG B 1 12 ? 2.235   -1.740  0.780   1.00 17.08 ? 12  ARG B NE  1 
ATOM   546  C CZ  . ARG B 1 12 ? 2.339   -0.831  -0.183  1.00 20.54 ? 12  ARG B CZ  1 
ATOM   547  N NH1 . ARG B 1 12 ? 1.247   -0.345  -0.763  1.00 10.50 ? 12  ARG B NH1 1 
ATOM   548  N NH2 . ARG B 1 12 ? 3.537   -0.404  -0.565  1.00 18.59 ? 12  ARG B NH2 1 
ATOM   549  N N   . VAL B 1 13 ? 0.482   -6.397  3.930   1.00 17.52 ? 13  VAL B N   1 
ATOM   550  C CA  . VAL B 1 13 ? 1.298   -7.602  3.903   1.00 20.45 ? 13  VAL B CA  1 
ATOM   551  C C   . VAL B 1 13 ? 1.474   -7.999  2.445   1.00 21.62 ? 13  VAL B C   1 
ATOM   552  O O   . VAL B 1 13 ? 0.535   -8.504  1.817   1.00 19.02 ? 13  VAL B O   1 
ATOM   553  C CB  . VAL B 1 13 ? 0.662   -8.738  4.713   1.00 23.04 ? 13  VAL B CB  1 
ATOM   554  C CG1 . VAL B 1 13 ? 1.502   -9.986  4.604   1.00 23.78 ? 13  VAL B CG1 1 
ATOM   555  C CG2 . VAL B 1 13 ? 0.494   -8.323  6.167   1.00 16.17 ? 13  VAL B CG2 1 
ATOM   556  N N   . VAL B 1 14 ? 2.670   -7.773  1.904   1.00 18.61 ? 14  VAL B N   1 
ATOM   557  C CA  . VAL B 1 14 ? 2.965   -7.990  0.494   1.00 17.05 ? 14  VAL B CA  1 
ATOM   558  C C   . VAL B 1 14 ? 4.218   -8.846  0.386   1.00 17.90 ? 14  VAL B C   1 
ATOM   559  O O   . VAL B 1 14 ? 5.237   -8.542  1.014   1.00 15.08 ? 14  VAL B O   1 
ATOM   560  C CB  . VAL B 1 14 ? 3.163   -6.661  -0.264  1.00 20.20 ? 14  VAL B CB  1 
ATOM   561  C CG1 . VAL B 1 14 ? 3.418   -6.925  -1.739  1.00 22.64 ? 14  VAL B CG1 1 
ATOM   562  C CG2 . VAL B 1 14 ? 1.959   -5.749  -0.079  1.00 16.29 ? 14  VAL B CG2 1 
ATOM   563  N N   . LYS B 1 15 ? 4.140   -9.913  -0.411  1.00 22.30 ? 15  LYS B N   1 
ATOM   564  C CA  . LYS B 1 15 ? 5.278   -10.801 -0.653  1.00 21.77 ? 15  LYS B CA  1 
ATOM   565  C C   . LYS B 1 15 ? 5.865   -11.322 0.657   1.00 18.88 ? 15  LYS B C   1 
ATOM   566  O O   . LYS B 1 15 ? 7.083   -11.402 0.830   1.00 17.24 ? 15  LYS B O   1 
ATOM   567  C CB  . LYS B 1 15 ? 6.351   -10.104 -1.492  1.00 23.63 ? 15  LYS B CB  1 
ATOM   568  C CG  . LYS B 1 15 ? 5.979   -9.924  -2.951  1.00 25.34 ? 15  LYS B CG  1 
ATOM   569  C CD  . LYS B 1 15 ? 7.072   -9.195  -3.710  1.00 26.66 ? 15  LYS B CD  1 
ATOM   570  C CE  . LYS B 1 15 ? 6.809   -9.222  -5.208  1.00 36.87 ? 15  LYS B CE  1 
ATOM   571  N NZ  . LYS B 1 15 ? 5.441   -8.731  -5.539  1.00 35.28 ? 15  LYS B NZ  1 
ATOM   572  N N   . GLY B 1 16 ? 4.983   -11.673 1.591   1.00 21.96 ? 16  GLY B N   1 
ATOM   573  C CA  . GLY B 1 16 ? 5.404   -12.209 2.872   1.00 19.08 ? 16  GLY B CA  1 
ATOM   574  C C   . GLY B 1 16 ? 6.093   -11.233 3.798   1.00 20.30 ? 16  GLY B C   1 
ATOM   575  O O   . GLY B 1 16 ? 6.722   -11.667 4.768   1.00 13.36 ? 16  GLY B O   1 
ATOM   576  N N   . LYS B 1 17 ? 5.996   -9.928  3.542   1.00 17.19 ? 17  LYS B N   1 
ATOM   577  C CA  . LYS B 1 17 ? 6.643   -8.925  4.374   1.00 21.54 ? 17  LYS B CA  1 
ATOM   578  C C   . LYS B 1 17 ? 5.628   -7.875  4.808   1.00 21.26 ? 17  LYS B C   1 
ATOM   579  O O   . LYS B 1 17 ? 4.616   -7.643  4.141   1.00 18.66 ? 17  LYS B O   1 
ATOM   580  C CB  . LYS B 1 17 ? 7.819   -8.260  3.642   1.00 22.26 ? 17  LYS B CB  1 
ATOM   581  C CG  . LYS B 1 17 ? 8.858   -9.251  3.137   1.00 26.19 ? 17  LYS B CG  1 
ATOM   582  C CD  . LYS B 1 17 ? 10.046  -8.545  2.506   1.00 27.15 ? 17  LYS B CD  1 
ATOM   583  C CE  . LYS B 1 17 ? 10.784  -7.696  3.526   1.00 30.31 ? 17  LYS B CE  1 
ATOM   584  N NZ  . LYS B 1 17 ? 11.259  -8.507  4.681   1.00 39.23 ? 17  LYS B NZ  1 
ATOM   585  N N   . VAL B 1 18 ? 5.918   -7.236  5.938   1.00 19.73 ? 18  VAL B N   1 
ATOM   586  C CA  . VAL B 1 18 ? 5.016   -6.274  6.561   1.00 18.93 ? 18  VAL B CA  1 
ATOM   587  C C   . VAL B 1 18 ? 5.509   -4.864  6.263   1.00 20.79 ? 18  VAL B C   1 
ATOM   588  O O   . VAL B 1 18 ? 6.686   -4.548  6.481   1.00 20.50 ? 18  VAL B O   1 
ATOM   589  C CB  . VAL B 1 18 ? 4.916   -6.512  8.078   1.00 17.32 ? 18  VAL B CB  1 
ATOM   590  C CG1 . VAL B 1 18 ? 3.987   -5.491  8.716   1.00 13.65 ? 18  VAL B CG1 1 
ATOM   591  C CG2 . VAL B 1 18 ? 4.439   -7.929  8.368   1.00 13.91 ? 18  VAL B CG2 1 
ATOM   592  N N   . GLU B 1 19 ? 4.609   -4.016  5.765   1.00 18.97 ? 19  GLU B N   1 
ATOM   593  C CA  . GLU B 1 19 ? 4.902   -2.613  5.513   1.00 18.14 ? 19  GLU B CA  1 
ATOM   594  C C   . GLU B 1 19 ? 3.865   -1.750  6.213   1.00 19.07 ? 19  GLU B C   1 
ATOM   595  O O   . GLU B 1 19 ? 2.701   -2.138  6.351   1.00 18.55 ? 19  GLU B O   1 
ATOM   596  C CB  . GLU B 1 19 ? 4.926   -2.298  4.013   1.00 14.52 ? 19  GLU B CB  1 
ATOM   597  C CG  . GLU B 1 19 ? 6.053   -2.986  3.267   1.00 22.11 ? 19  GLU B CG  1 
ATOM   598  C CD  . GLU B 1 19 ? 6.097   -2.617  1.800   1.00 26.03 ? 19  GLU B CD  1 
ATOM   599  O OE1 . GLU B 1 19 ? 5.089   -2.090  1.284   1.00 28.51 ? 19  GLU B OE1 1 
ATOM   600  O OE2 . GLU B 1 19 ? 7.145   -2.853  1.163   1.00 34.72 ? 19  GLU B OE2 1 
ATOM   601  N N   . TYR B 1 20 ? 4.299   -0.577  6.662   1.00 16.41 ? 20  TYR B N   1 
ATOM   602  C CA  . TYR B 1 20 ? 3.450   0.355   7.389   1.00 15.44 ? 20  TYR B CA  1 
ATOM   603  C C   . TYR B 1 20 ? 3.391   1.687   6.656   1.00 13.71 ? 20  TYR B C   1 
ATOM   604  O O   . TYR B 1 20 ? 4.402   2.164   6.131   1.00 15.02 ? 20  TYR B O   1 
ATOM   605  C CB  . TYR B 1 20 ? 3.961   0.576   8.816   1.00 14.72 ? 20  TYR B CB  1 
ATOM   606  C CG  . TYR B 1 20 ? 3.826   -0.620  9.734   1.00 17.47 ? 20  TYR B CG  1 
ATOM   607  C CD1 . TYR B 1 20 ? 2.624   -0.893  10.375  1.00 14.63 ? 20  TYR B CD1 1 
ATOM   608  C CD2 . TYR B 1 20 ? 4.902   -1.464  9.977   1.00 17.20 ? 20  TYR B CD2 1 
ATOM   609  C CE1 . TYR B 1 20 ? 2.494   -1.972  11.225  1.00 20.89 ? 20  TYR B CE1 1 
ATOM   610  C CE2 . TYR B 1 20 ? 4.781   -2.553  10.826  1.00 14.09 ? 20  TYR B CE2 1 
ATOM   611  C CZ  . TYR B 1 20 ? 3.574   -2.800  11.447  1.00 16.51 ? 20  TYR B CZ  1 
ATOM   612  O OH  . TYR B 1 20 ? 3.440   -3.874  12.294  1.00 20.88 ? 20  TYR B OH  1 
ATOM   613  N N   . LEU B 1 21 ? 2.204   2.287   6.631   1.00 15.42 ? 21  LEU B N   1 
ATOM   614  C CA  . LEU B 1 21 ? 2.007   3.610   6.051   1.00 16.95 ? 21  LEU B CA  1 
ATOM   615  C C   . LEU B 1 21 ? 2.217   4.660   7.138   1.00 15.76 ? 21  LEU B C   1 
ATOM   616  O O   . LEU B 1 21 ? 1.508   4.660   8.150   1.00 18.06 ? 21  LEU B O   1 
ATOM   617  C CB  . LEU B 1 21 ? 0.611   3.722   5.442   1.00 15.33 ? 21  LEU B CB  1 
ATOM   618  C CG  . LEU B 1 21 ? 0.208   5.075   4.853   1.00 14.21 ? 21  LEU B CG  1 
ATOM   619  C CD1 . LEU B 1 21 ? 1.118   5.445   3.702   1.00 14.36 ? 21  LEU B CD1 1 
ATOM   620  C CD2 . LEU B 1 21 ? -1.243  5.039   4.407   1.00 14.25 ? 21  LEU B CD2 1 
ATOM   621  N N   . LEU B 1 22 ? 3.184   5.550   6.931   1.00 15.84 ? 22  LEU B N   1 
ATOM   622  C CA  . LEU B 1 22 ? 3.646   6.454   7.975   1.00 17.27 ? 22  LEU B CA  1 
ATOM   623  C C   . LEU B 1 22 ? 3.305   7.902   7.650   1.00 14.08 ? 22  LEU B C   1 
ATOM   624  O O   . LEU B 1 22 ? 3.414   8.337   6.499   1.00 18.20 ? 22  LEU B O   1 
ATOM   625  C CB  . LEU B 1 22 ? 5.158   6.321   8.178   1.00 15.63 ? 22  LEU B CB  1 
ATOM   626  C CG  . LEU B 1 22 ? 5.666   4.901   8.438   1.00 14.24 ? 22  LEU B CG  1 
ATOM   627  C CD1 . LEU B 1 22 ? 7.163   4.910   8.667   1.00 17.55 ? 22  LEU B CD1 1 
ATOM   628  C CD2 . LEU B 1 22 ? 4.936   4.277   9.616   1.00 11.53 ? 22  LEU B CD2 1 
ATOM   629  N N   . LYS B 1 23 ? 2.890   8.640   8.675   1.00 15.62 ? 23  LYS B N   1 
ATOM   630  C CA  . LYS B 1 23 ? 2.741   10.089  8.609   1.00 16.29 ? 23  LYS B CA  1 
ATOM   631  C C   . LYS B 1 23 ? 3.986   10.716  9.227   1.00 16.30 ? 23  LYS B C   1 
ATOM   632  O O   . LYS B 1 23 ? 4.310   10.441  10.387  1.00 17.13 ? 23  LYS B O   1 
ATOM   633  C CB  . LYS B 1 23 ? 1.478   10.542  9.342   1.00 11.77 ? 23  LYS B CB  1 
ATOM   634  C CG  . LYS B 1 23 ? 1.360   12.051  9.544   1.00 17.36 ? 23  LYS B CG  1 
ATOM   635  C CD  . LYS B 1 23 ? 1.299   12.796  8.222   1.00 18.18 ? 23  LYS B CD  1 
ATOM   636  C CE  . LYS B 1 23 ? 0.887   14.250  8.415   1.00 19.22 ? 23  LYS B CE  1 
ATOM   637  N NZ  . LYS B 1 23 ? 1.881   15.049  9.176   1.00 17.26 ? 23  LYS B NZ  1 
ATOM   638  N N   . TRP B 1 24 ? 4.682   11.545  8.453   1.00 16.01 ? 24  TRP B N   1 
ATOM   639  C CA  . TRP B 1 24 ? 5.957   12.104  8.880   1.00 15.30 ? 24  TRP B CA  1 
ATOM   640  C C   . TRP B 1 24 ? 5.758   13.445  9.573   1.00 14.80 ? 24  TRP B C   1 
ATOM   641  O O   . TRP B 1 24 ? 4.945   14.268  9.141   1.00 16.51 ? 24  TRP B O   1 
ATOM   642  C CB  . TRP B 1 24 ? 6.900   12.268  7.685   1.00 15.85 ? 24  TRP B CB  1 
ATOM   643  C CG  . TRP B 1 24 ? 7.177   10.984  6.950   1.00 16.72 ? 24  TRP B CG  1 
ATOM   644  C CD1 . TRP B 1 24 ? 6.619   10.577  5.771   1.00 13.14 ? 24  TRP B CD1 1 
ATOM   645  C CD2 . TRP B 1 24 ? 8.078   9.942   7.346   1.00 14.97 ? 24  TRP B CD2 1 
ATOM   646  N NE1 . TRP B 1 24 ? 7.119   9.352   5.408   1.00 13.41 ? 24  TRP B NE1 1 
ATOM   647  C CE2 . TRP B 1 24 ? 8.014   8.938   6.359   1.00 15.69 ? 24  TRP B CE2 1 
ATOM   648  C CE3 . TRP B 1 24 ? 8.931   9.760   8.440   1.00 15.52 ? 24  TRP B CE3 1 
ATOM   649  C CZ2 . TRP B 1 24 ? 8.771   7.770   6.431   1.00 14.38 ? 24  TRP B CZ2 1 
ATOM   650  C CZ3 . TRP B 1 24 ? 9.682   8.598   8.511   1.00 17.32 ? 24  TRP B CZ3 1 
ATOM   651  C CH2 . TRP B 1 24 ? 9.598   7.619   7.511   1.00 14.36 ? 24  TRP B CH2 1 
ATOM   652  N N   . LYS B 1 25 ? 6.512   13.661  10.651  1.00 17.48 ? 25  LYS B N   1 
ATOM   653  C CA  . LYS B 1 25 ? 6.403   14.899  11.412  1.00 16.32 ? 25  LYS B CA  1 
ATOM   654  C C   . LYS B 1 25 ? 6.981   16.068  10.626  1.00 18.77 ? 25  LYS B C   1 
ATOM   655  O O   . LYS B 1 25 ? 8.120   16.012  10.152  1.00 18.57 ? 25  LYS B O   1 
ATOM   656  C CB  . LYS B 1 25 ? 7.117   14.764  12.757  1.00 16.96 ? 25  LYS B CB  1 
ATOM   657  C CG  . LYS B 1 25 ? 7.114   16.047  13.582  1.00 21.21 ? 25  LYS B CG  1 
ATOM   658  C CD  . LYS B 1 25 ? 7.739   15.836  14.953  1.00 21.81 ? 25  LYS B CD  1 
ATOM   659  C CE  . LYS B 1 25 ? 7.745   17.120  15.768  1.00 26.22 ? 25  LYS B CE  1 
ATOM   660  N NZ  . LYS B 1 25 ? 8.640   18.152  15.176  1.00 37.25 ? 25  LYS B NZ  1 
ATOM   661  N N   . GLY B 1 26 ? 6.196   17.135  10.501  1.00 17.07 ? 26  GLY B N   1 
ATOM   662  C CA  . GLY B 1 26 ? 6.617   18.304  9.762   1.00 16.56 ? 26  GLY B CA  1 
ATOM   663  C C   . GLY B 1 26 ? 6.458   18.205  8.264   1.00 19.45 ? 26  GLY B C   1 
ATOM   664  O O   . GLY B 1 26 ? 7.005   19.047  7.542   1.00 23.35 ? 26  GLY B O   1 
ATOM   665  N N   . PHE B 1 27 ? 5.725   17.212  7.771   1.00 17.63 ? 27  PHE B N   1 
ATOM   666  C CA  . PHE B 1 27 ? 5.556   17.014  6.341   1.00 17.21 ? 27  PHE B CA  1 
ATOM   667  C C   . PHE B 1 27 ? 4.079   16.855  6.008   1.00 19.21 ? 27  PHE B C   1 
ATOM   668  O O   . PHE B 1 27 ? 3.256   16.509  6.859   1.00 18.65 ? 27  PHE B O   1 
ATOM   669  C CB  . PHE B 1 27 ? 6.348   15.795  5.847   1.00 16.26 ? 27  PHE B CB  1 
ATOM   670  C CG  . PHE B 1 27 ? 7.837   15.958  5.964   1.00 19.55 ? 27  PHE B CG  1 
ATOM   671  C CD1 . PHE B 1 27 ? 8.500   15.600  7.129   1.00 16.37 ? 27  PHE B CD1 1 
ATOM   672  C CD2 . PHE B 1 27 ? 8.576   16.472  4.911   1.00 18.70 ? 27  PHE B CD2 1 
ATOM   673  C CE1 . PHE B 1 27 ? 9.868   15.751  7.242   1.00 14.98 ? 27  PHE B CE1 1 
ATOM   674  C CE2 . PHE B 1 27 ? 9.945   16.627  5.015   1.00 16.24 ? 27  PHE B CE2 1 
ATOM   675  C CZ  . PHE B 1 27 ? 10.593  16.266  6.183   1.00 23.61 ? 27  PHE B CZ  1 
ATOM   676  N N   . SER B 1 28 ? 3.760   17.126  4.747   1.00 17.91 ? 28  SER B N   1 
ATOM   677  C CA  . SER B 1 28 ? 2.391   17.004  4.271   1.00 19.34 ? 28  SER B CA  1 
ATOM   678  C C   . SER B 1 28 ? 1.921   15.555  4.346   1.00 16.93 ? 28  SER B C   1 
ATOM   679  O O   . SER B 1 28 ? 2.716   14.615  4.278   1.00 16.51 ? 28  SER B O   1 
ATOM   680  C CB  . SER B 1 28 ? 2.293   17.509  2.832   1.00 14.84 ? 28  SER B CB  1 
ATOM   681  O OG  . SER B 1 28 ? 1.048   17.166  2.254   1.00 20.46 ? 28  SER B OG  1 
ATOM   682  N N   . ASP B 1 29 ? 0.606   15.381  4.489   1.00 17.29 ? 29  ASP B N   1 
ATOM   683  C CA  . ASP B 1 29 ? 0.031   14.050  4.338   1.00 20.16 ? 29  ASP B CA  1 
ATOM   684  C C   . ASP B 1 29 ? 0.217   13.516  2.924   1.00 18.30 ? 29  ASP B C   1 
ATOM   685  O O   . ASP B 1 29 ? 0.126   12.302  2.715   1.00 16.97 ? 29  ASP B O   1 
ATOM   686  C CB  . ASP B 1 29 ? -1.455  14.062  4.695   1.00 16.50 ? 29  ASP B CB  1 
ATOM   687  C CG  . ASP B 1 29 ? -1.726  14.704  6.039   1.00 22.86 ? 29  ASP B CG  1 
ATOM   688  O OD1 . ASP B 1 29 ? -1.722  15.951  6.111   1.00 26.01 ? 29  ASP B OD1 1 
ATOM   689  O OD2 . ASP B 1 29 ? -1.946  13.962  7.021   1.00 18.12 ? 29  ASP B OD2 1 
ATOM   690  N N   . GLU B 1 30 ? 0.471   14.397  1.950   1.00 15.55 ? 30  GLU B N   1 
ATOM   691  C CA  . GLU B 1 30 ? 0.837   13.946  0.614   1.00 15.85 ? 30  GLU B CA  1 
ATOM   692  C C   . GLU B 1 30 ? 2.188   13.248  0.598   1.00 19.02 ? 30  GLU B C   1 
ATOM   693  O O   . GLU B 1 30 ? 2.499   12.549  -0.372  1.00 19.53 ? 30  GLU B O   1 
ATOM   694  C CB  . GLU B 1 30 ? 0.871   15.124  -0.362  1.00 17.06 ? 30  GLU B CB  1 
ATOM   695  C CG  . GLU B 1 30 ? -0.375  15.993  -0.376  1.00 19.88 ? 30  GLU B CG  1 
ATOM   696  C CD  . GLU B 1 30 ? -0.145  17.314  -1.093  1.00 26.05 ? 30  GLU B CD  1 
ATOM   697  O OE1 . GLU B 1 30 ? -0.409  17.388  -2.313  1.00 21.59 ? 30  GLU B OE1 1 
ATOM   698  O OE2 . GLU B 1 30 ? 0.321   18.273  -0.438  1.00 26.14 ? 30  GLU B OE2 1 
ATOM   699  N N   . ASP B 1 31 ? 3.001   13.431  1.640   1.00 18.13 ? 31  ASP B N   1 
ATOM   700  C CA  . ASP B 1 31 ? 4.322   12.827  1.723   1.00 15.18 ? 31  ASP B CA  1 
ATOM   701  C C   . ASP B 1 31 ? 4.328   11.509  2.488   1.00 17.08 ? 31  ASP B C   1 
ATOM   702  O O   . ASP B 1 31 ? 5.409   10.982  2.769   1.00 14.73 ? 31  ASP B O   1 
ATOM   703  C CB  . ASP B 1 31 ? 5.310   13.801  2.369   1.00 16.40 ? 31  ASP B CB  1 
ATOM   704  C CG  . ASP B 1 31 ? 5.646   14.973  1.468   1.00 21.66 ? 31  ASP B CG  1 
ATOM   705  O OD1 . ASP B 1 31 ? 5.220   14.968  0.295   1.00 22.10 ? 31  ASP B OD1 1 
ATOM   706  O OD2 . ASP B 1 31 ? 6.340   15.900  1.936   1.00 26.45 ? 31  ASP B OD2 1 
ATOM   707  N N   . ASN B 1 32 ? 3.160   10.973  2.839   1.00 17.05 ? 32  ASN B N   1 
ATOM   708  C CA  . ASN B 1 32 ? 3.109   9.655   3.458   1.00 15.00 ? 32  ASN B CA  1 
ATOM   709  C C   . ASN B 1 32 ? 3.744   8.618   2.540   1.00 18.61 ? 32  ASN B C   1 
ATOM   710  O O   . ASN B 1 32 ? 3.629   8.698   1.315   1.00 19.12 ? 32  ASN B O   1 
ATOM   711  C CB  . ASN B 1 32 ? 1.666   9.254   3.765   1.00 16.58 ? 32  ASN B CB  1 
ATOM   712  C CG  . ASN B 1 32 ? 0.983   10.204  4.727   1.00 16.30 ? 32  ASN B CG  1 
ATOM   713  O OD1 . ASN B 1 32 ? 1.634   10.980  5.426   1.00 20.46 ? 32  ASN B OD1 1 
ATOM   714  N ND2 . ASN B 1 32 ? -0.340  10.145  4.768   1.00 15.28 ? 32  ASN B ND2 1 
ATOM   715  N N   . THR B 1 33 ? 4.423   7.642   3.140   1.00 18.43 ? 33  THR B N   1 
ATOM   716  C CA  . THR B 1 33 ? 5.081   6.584   2.388   1.00 15.01 ? 33  THR B CA  1 
ATOM   717  C C   . THR B 1 33 ? 4.871   5.251   3.087   1.00 17.52 ? 33  THR B C   1 
ATOM   718  O O   . THR B 1 33 ? 4.767   5.181   4.314   1.00 13.65 ? 33  THR B O   1 
ATOM   719  C CB  . THR B 1 33 ? 6.594   6.829   2.229   1.00 17.33 ? 33  THR B CB  1 
ATOM   720  O OG1 . THR B 1 33 ? 7.201   6.975   3.520   1.00 14.07 ? 33  THR B OG1 1 
ATOM   721  C CG2 . THR B 1 33 ? 6.867   8.081   1.391   1.00 21.89 ? 33  THR B CG2 1 
ATOM   722  N N   . TRP B 1 34 ? 4.805   4.191   2.285   1.00 21.31 ? 34  TRP B N   1 
ATOM   723  C CA  . TRP B 1 34 ? 4.830   2.831   2.807   1.00 20.13 ? 34  TRP B CA  1 
ATOM   724  C C   . TRP B 1 34 ? 6.275   2.433   3.065   1.00 20.42 ? 34  TRP B C   1 
ATOM   725  O O   . TRP B 1 34 ? 7.098   2.428   2.144   1.00 24.58 ? 34  TRP B O   1 
ATOM   726  C CB  . TRP B 1 34 ? 4.175   1.864   1.825   1.00 18.02 ? 34  TRP B CB  1 
ATOM   727  C CG  . TRP B 1 34 ? 2.690   2.004   1.730   1.00 16.25 ? 34  TRP B CG  1 
ATOM   728  C CD1 . TRP B 1 34 ? 1.991   2.746   0.823   1.00 13.93 ? 34  TRP B CD1 1 
ATOM   729  C CD2 . TRP B 1 34 ? 1.715   1.377   2.571   1.00 16.28 ? 34  TRP B CD2 1 
ATOM   730  N NE1 . TRP B 1 34 ? 0.641   2.624   1.049   1.00 14.32 ? 34  TRP B NE1 1 
ATOM   731  C CE2 . TRP B 1 34 ? 0.445   1.786   2.116   1.00 17.20 ? 34  TRP B CE2 1 
ATOM   732  C CE3 . TRP B 1 34 ? 1.792   0.508   3.664   1.00 15.90 ? 34  TRP B CE3 1 
ATOM   733  C CZ2 . TRP B 1 34 ? -0.735  1.358   2.716   1.00 13.04 ? 34  TRP B CZ2 1 
ATOM   734  C CZ3 . TRP B 1 34 ? 0.619   0.084   4.260   1.00 16.61 ? 34  TRP B CZ3 1 
ATOM   735  C CH2 . TRP B 1 34 ? -0.629  0.510   3.786   1.00 16.52 ? 34  TRP B CH2 1 
ATOM   736  N N   . GLU B 1 35 ? 6.590   2.104   4.316   1.00 16.14 ? 35  GLU B N   1 
ATOM   737  C CA  . GLU B 1 35 ? 7.960   1.759   4.635   1.00 19.54 ? 35  GLU B CA  1 
ATOM   738  C C   . GLU B 1 35 ? 8.060   0.312   5.102   1.00 21.45 ? 35  GLU B C   1 
ATOM   739  O O   . GLU B 1 35 ? 7.163   -0.179  5.796   1.00 18.11 ? 35  GLU B O   1 
ATOM   740  C CB  . GLU B 1 35 ? 8.520   2.686   5.721   1.00 17.11 ? 35  GLU B CB  1 
ATOM   741  C CG  . GLU B 1 35 ? 8.555   4.151   5.321   1.00 18.69 ? 35  GLU B CG  1 
ATOM   742  C CD  . GLU B 1 35 ? 9.494   4.424   4.159   1.00 20.87 ? 35  GLU B CD  1 
ATOM   743  O OE1 . GLU B 1 35 ? 10.381  3.586   3.889   1.00 18.36 ? 35  GLU B OE1 1 
ATOM   744  O OE2 . GLU B 1 35 ? 9.346   5.484   3.517   1.00 19.03 ? 35  GLU B OE2 1 
ATOM   745  N N   . PRO B 1 36 ? 9.127   -0.393  4.730   1.00 16.73 ? 36  PRO B N   1 
ATOM   746  C CA  . PRO B 1 36 ? 9.324   -1.751  5.243   1.00 21.32 ? 36  PRO B CA  1 
ATOM   747  C C   . PRO B 1 36 ? 9.430   -1.747  6.760   1.00 22.50 ? 36  PRO B C   1 
ATOM   748  O O   . PRO B 1 36 ? 9.930   -0.799  7.370   1.00 17.09 ? 36  PRO B O   1 
ATOM   749  C CB  . PRO B 1 36 ? 10.640  -2.195  4.593   1.00 22.12 ? 36  PRO B CB  1 
ATOM   750  C CG  . PRO B 1 36 ? 10.793  -1.311  3.397   1.00 26.89 ? 36  PRO B CG  1 
ATOM   751  C CD  . PRO B 1 36 ? 10.187  0.004   3.788   1.00 22.34 ? 36  PRO B CD  1 
ATOM   752  N N   . GLU B 1 37 ? 8.939   -2.832  7.360   1.00 20.51 ? 37  GLU B N   1 
ATOM   753  C CA  . GLU B 1 37 ? 8.932   -2.971  8.813   1.00 16.08 ? 37  GLU B CA  1 
ATOM   754  C C   . GLU B 1 37 ? 10.313  -2.740  9.411   1.00 21.83 ? 37  GLU B C   1 
ATOM   755  O O   . GLU B 1 37 ? 10.446  -2.122  10.475  1.00 17.92 ? 37  GLU B O   1 
ATOM   756  C CB  . GLU B 1 37 ? 8.415   -4.364  9.168   1.00 24.08 ? 37  GLU B CB  1 
ATOM   757  C CG  . GLU B 1 37 ? 8.347   -4.690  10.632  1.00 23.30 ? 37  GLU B CG  1 
ATOM   758  C CD  . GLU B 1 37 ? 7.718   -6.047  10.859  1.00 18.76 ? 37  GLU B CD  1 
ATOM   759  O OE1 . GLU B 1 37 ? 8.256   -7.045  10.336  1.00 21.73 ? 37  GLU B OE1 1 
ATOM   760  O OE2 . GLU B 1 37 ? 6.673   -6.110  11.534  1.00 19.37 ? 37  GLU B OE2 1 
ATOM   761  N N   . GLU B 1 38 ? 11.357  -3.220  8.735   1.00 22.71 ? 38  GLU B N   1 
ATOM   762  C CA  . GLU B 1 38 ? 12.714  -3.102  9.251   1.00 28.24 ? 38  GLU B CA  1 
ATOM   763  C C   . GLU B 1 38 ? 13.232  -1.669  9.246   1.00 25.92 ? 38  GLU B C   1 
ATOM   764  O O   . GLU B 1 38 ? 14.293  -1.415  9.826   1.00 27.50 ? 38  GLU B O   1 
ATOM   765  C CB  . GLU B 1 38 ? 13.658  -4.007  8.451   1.00 23.08 ? 38  GLU B CB  1 
ATOM   766  C CG  . GLU B 1 38 ? 13.555  -3.871  6.933   1.00 30.35 ? 38  GLU B CG  1 
ATOM   767  C CD  . GLU B 1 38 ? 12.505  -4.787  6.314   1.00 33.92 ? 38  GLU B CD  1 
ATOM   768  O OE1 . GLU B 1 38 ? 11.587  -5.241  7.032   1.00 26.23 ? 38  GLU B OE1 1 
ATOM   769  O OE2 . GLU B 1 38 ? 12.604  -5.055  5.097   1.00 37.54 ? 38  GLU B OE2 1 
ATOM   770  N N   . ASN B 1 39 ? 12.519  -0.734  8.619   1.00 24.82 ? 39  ASN B N   1 
ATOM   771  C CA  . ASN B 1 39 ? 12.911  0.670   8.603   1.00 22.16 ? 39  ASN B CA  1 
ATOM   772  C C   . ASN B 1 39 ? 12.357  1.459   9.781   1.00 22.51 ? 39  ASN B C   1 
ATOM   773  O O   . ASN B 1 39 ? 12.668  2.647   9.910   1.00 19.25 ? 39  ASN B O   1 
ATOM   774  C CB  . ASN B 1 39 ? 12.451  1.337   7.301   1.00 25.56 ? 39  ASN B CB  1 
ATOM   775  C CG  . ASN B 1 39 ? 13.361  1.029   6.130   1.00 31.12 ? 39  ASN B CG  1 
ATOM   776  O OD1 . ASN B 1 39 ? 14.158  0.092   6.174   1.00 28.82 ? 39  ASN B OD1 1 
ATOM   777  N ND2 . ASN B 1 39 ? 13.246  1.822   5.070   1.00 33.32 ? 39  ASN B ND2 1 
ATOM   778  N N   . LEU B 1 40 ? 11.551  0.839   10.637  1.00 18.56 ? 40  LEU B N   1 
ATOM   779  C CA  . LEU B 1 40 ? 10.827  1.555   11.677  1.00 21.21 ? 40  LEU B CA  1 
ATOM   780  C C   . LEU B 1 40 ? 11.510  1.393   13.027  1.00 21.13 ? 40  LEU B C   1 
ATOM   781  O O   . LEU B 1 40 ? 12.002  0.312   13.364  1.00 19.94 ? 40  LEU B O   1 
ATOM   782  C CB  . LEU B 1 40 ? 9.379   1.066   11.773  1.00 20.84 ? 40  LEU B CB  1 
ATOM   783  C CG  . LEU B 1 40 ? 8.347   1.715   10.843  1.00 16.31 ? 40  LEU B CG  1 
ATOM   784  C CD1 . LEU B 1 40 ? 8.619   1.391   9.383   1.00 16.37 ? 40  LEU B CD1 1 
ATOM   785  C CD2 . LEU B 1 40 ? 6.939   1.296   11.230  1.00 16.84 ? 40  LEU B CD2 1 
ATOM   786  N N   . ASP B 1 41 ? 11.536  2.480   13.791  1.00 16.06 ? 41  ASP B N   1 
ATOM   787  C CA  . ASP B 1 41 ? 11.934  2.474   15.194  1.00 19.70 ? 41  ASP B CA  1 
ATOM   788  C C   . ASP B 1 41 ? 10.939  3.289   16.006  1.00 23.33 ? 41  ASP B C   1 
ATOM   789  O O   . ASP B 1 41 ? 11.295  4.185   16.774  1.00 23.40 ? 41  ASP B O   1 
ATOM   790  C CB  . ASP B 1 41 ? 13.356  2.995   15.375  1.00 19.44 ? 41  ASP B CB  1 
ATOM   791  C CG  . ASP B 1 41 ? 13.881  2.772   16.782  1.00 24.02 ? 41  ASP B CG  1 
ATOM   792  O OD1 . ASP B 1 41 ? 13.630  1.685   17.343  1.00 32.33 ? 41  ASP B OD1 1 
ATOM   793  O OD2 . ASP B 1 41 ? 14.552  3.672   17.325  1.00 20.54 ? 41  ASP B OD2 1 
ATOM   794  N N   . CYS B 1 42 ? 9.658   2.987   15.819  1.00 23.44 ? 42  CYS B N   1 
ATOM   795  C CA  . CYS B 1 42 ? 8.563   3.645   16.530  1.00 20.71 ? 42  CYS B CA  1 
ATOM   796  C C   . CYS B 1 42 ? 7.651   2.574   17.116  1.00 22.74 ? 42  CYS B C   1 
ATOM   797  O O   . CYS B 1 42 ? 6.533   2.354   16.632  1.00 25.22 ? 42  CYS B O   1 
ATOM   798  C CB  . CYS B 1 42 ? 7.795   4.587   15.603  1.00 26.38 ? 42  CYS B CB  1 
ATOM   799  S SG  . CYS B 1 42 ? 7.317   3.866   14.013  1.00 21.32 ? 42  CYS B SG  1 
ATOM   800  N N   . PRO B 1 43 ? 8.100   1.886   18.169  1.00 26.77 ? 43  PRO B N   1 
ATOM   801  C CA  . PRO B 1 43 ? 7.282   0.788   18.712  1.00 28.35 ? 43  PRO B CA  1 
ATOM   802  C C   . PRO B 1 43 ? 5.973   1.262   19.315  1.00 23.17 ? 43  PRO B C   1 
ATOM   803  O O   . PRO B 1 43 ? 4.948   0.587   19.157  1.00 32.59 ? 43  PRO B O   1 
ATOM   804  C CB  . PRO B 1 43 ? 8.205   0.157   19.764  1.00 30.69 ? 43  PRO B CB  1 
ATOM   805  C CG  . PRO B 1 43 ? 9.099   1.278   20.191  1.00 24.39 ? 43  PRO B CG  1 
ATOM   806  C CD  . PRO B 1 43 ? 9.322   2.115   18.963  1.00 25.71 ? 43  PRO B CD  1 
ATOM   807  N N   . ASP B 1 44 ? 5.974   2.410   19.995  1.00 27.16 ? 44  ASP B N   1 
ATOM   808  C CA  . ASP B 1 44 ? 4.740   2.927   20.579  1.00 25.23 ? 44  ASP B CA  1 
ATOM   809  C C   . ASP B 1 44 ? 3.718   3.297   19.511  1.00 29.90 ? 44  ASP B C   1 
ATOM   810  O O   . ASP B 1 44 ? 2.511   3.146   19.734  1.00 33.93 ? 44  ASP B O   1 
ATOM   811  C CB  . ASP B 1 44 ? 5.045   4.138   21.459  1.00 28.56 ? 44  ASP B CB  1 
ATOM   812  C CG  . ASP B 1 44 ? 6.062   3.830   22.538  1.00 36.19 ? 44  ASP B CG  1 
ATOM   813  O OD1 . ASP B 1 44 ? 6.224   2.639   22.883  1.00 39.24 ? 44  ASP B OD1 1 
ATOM   814  O OD2 . ASP B 1 44 ? 6.699   4.779   23.043  1.00 37.58 ? 44  ASP B OD2 1 
ATOM   815  N N   . LEU B 1 45 ? 4.172   3.781   18.351  1.00 22.04 ? 45  LEU B N   1 
ATOM   816  C CA  . LEU B 1 45 ? 3.237   4.110   17.280  1.00 22.67 ? 45  LEU B CA  1 
ATOM   817  C C   . LEU B 1 45 ? 2.709   2.852   16.605  1.00 22.42 ? 45  LEU B C   1 
ATOM   818  O O   . LEU B 1 45 ? 1.539   2.798   16.207  1.00 20.09 ? 45  LEU B O   1 
ATOM   819  C CB  . LEU B 1 45 ? 3.904   5.029   16.257  1.00 18.08 ? 45  LEU B CB  1 
ATOM   820  C CG  . LEU B 1 45 ? 4.209   6.454   16.725  1.00 19.91 ? 45  LEU B CG  1 
ATOM   821  C CD1 . LEU B 1 45 ? 4.832   7.262   15.596  1.00 20.91 ? 45  LEU B CD1 1 
ATOM   822  C CD2 . LEU B 1 45 ? 2.950   7.136   17.245  1.00 18.37 ? 45  LEU B CD2 1 
ATOM   823  N N   . ILE B 1 46 ? 3.559   1.833   16.453  1.00 20.38 ? 46  ILE B N   1 
ATOM   824  C CA  . ILE B 1 46 ? 3.076   0.538   15.983  1.00 28.02 ? 46  ILE B CA  1 
ATOM   825  C C   . ILE B 1 46 ? 2.102   -0.054  16.993  1.00 26.56 ? 46  ILE B C   1 
ATOM   826  O O   . ILE B 1 46 ? 1.072   -0.631  16.622  1.00 30.00 ? 46  ILE B O   1 
ATOM   827  C CB  . ILE B 1 46 ? 4.261   -0.408  15.708  1.00 31.81 ? 46  ILE B CB  1 
ATOM   828  C CG1 . ILE B 1 46 ? 5.005   0.023   14.442  1.00 22.11 ? 46  ILE B CG1 1 
ATOM   829  C CG2 . ILE B 1 46 ? 3.786   -1.848  15.582  1.00 29.43 ? 46  ILE B CG2 1 
ATOM   830  C CD1 . ILE B 1 46 ? 6.125   -0.915  14.051  1.00 28.79 ? 46  ILE B CD1 1 
ATOM   831  N N   . ALA B 1 47 ? 2.402   0.096   18.285  1.00 27.75 ? 47  ALA B N   1 
ATOM   832  C CA  . ALA B 1 47 ? 1.488   -0.378  19.319  1.00 30.99 ? 47  ALA B CA  1 
ATOM   833  C C   . ALA B 1 47 ? 0.143   0.331   19.233  1.00 29.93 ? 47  ALA B C   1 
ATOM   834  O O   . ALA B 1 47 ? -0.907  -0.296  19.408  1.00 30.90 ? 47  ALA B O   1 
ATOM   835  C CB  . ALA B 1 47 ? 2.110   -0.182  20.701  1.00 28.07 ? 47  ALA B CB  1 
ATOM   836  N N   . GLU B 1 48 ? 0.152   1.638   18.957  1.00 34.12 ? 48  GLU B N   1 
ATOM   837  C CA  . GLU B 1 48 ? -1.105  2.373   18.843  1.00 24.12 ? 48  GLU B CA  1 
ATOM   838  C C   . GLU B 1 48 ? -1.943  1.863   17.678  1.00 25.33 ? 48  GLU B C   1 
ATOM   839  O O   . GLU B 1 48 ? -3.168  1.740   17.792  1.00 26.39 ? 48  GLU B O   1 
ATOM   840  C CB  . GLU B 1 48 ? -0.839  3.872   18.685  1.00 18.91 ? 48  GLU B CB  1 
ATOM   841  C CG  . GLU B 1 48 ? -2.120  4.685   18.533  1.00 17.84 ? 48  GLU B CG  1 
ATOM   842  C CD  . GLU B 1 48 ? -1.880  6.126   18.108  1.00 16.94 ? 48  GLU B CD  1 
ATOM   843  O OE1 . GLU B 1 48 ? -0.720  6.492   17.826  1.00 12.72 ? 48  GLU B OE1 1 
ATOM   844  O OE2 . GLU B 1 48 ? -2.865  6.891   18.050  1.00 21.97 ? 48  GLU B OE2 1 
ATOM   845  N N   . PHE B 1 49 ? -1.301  1.555   16.546  1.00 23.12 ? 49  PHE B N   1 
ATOM   846  C CA  . PHE B 1 49 ? -2.052  1.154   15.359  1.00 25.28 ? 49  PHE B CA  1 
ATOM   847  C C   . PHE B 1 49 ? -2.731  -0.195  15.551  1.00 31.51 ? 49  PHE B C   1 
ATOM   848  O O   . PHE B 1 49 ? -3.900  -0.365  15.185  1.00 31.67 ? 49  PHE B O   1 
ATOM   849  C CB  . PHE B 1 49 ? -1.137  1.109   14.136  1.00 26.16 ? 49  PHE B CB  1 
ATOM   850  C CG  . PHE B 1 49 ? -1.748  0.400   12.961  1.00 27.39 ? 49  PHE B CG  1 
ATOM   851  C CD1 . PHE B 1 49 ? -2.705  1.026   12.180  1.00 26.36 ? 49  PHE B CD1 1 
ATOM   852  C CD2 . PHE B 1 49 ? -1.378  -0.895  12.647  1.00 29.42 ? 49  PHE B CD2 1 
ATOM   853  C CE1 . PHE B 1 49 ? -3.276  0.376   11.107  1.00 25.91 ? 49  PHE B CE1 1 
ATOM   854  C CE2 . PHE B 1 49 ? -1.947  -1.551  11.577  1.00 24.40 ? 49  PHE B CE2 1 
ATOM   855  C CZ  . PHE B 1 49 ? -2.895  -0.915  10.804  1.00 29.16 ? 49  PHE B CZ  1 
ATOM   856  N N   . LEU B 1 50 ? -2.009  -1.172  16.106  1.00 34.43 ? 50  LEU B N   1 
ATOM   857  C CA  . LEU B 1 50 ? -2.567  -2.513  16.252  1.00 34.45 ? 50  LEU B CA  1 
ATOM   858  C C   . LEU B 1 50 ? -3.776  -2.522  17.178  1.00 39.04 ? 50  LEU B C   1 
ATOM   859  O O   . LEU B 1 50 ? -4.714  -3.299  16.966  1.00 37.54 ? 50  LEU B O   1 
ATOM   860  C CB  . LEU B 1 50 ? -1.494  -3.475  16.765  1.00 31.95 ? 50  LEU B CB  1 
ATOM   861  C CG  . LEU B 1 50 ? -0.588  -4.161  15.735  1.00 35.11 ? 50  LEU B CG  1 
ATOM   862  C CD1 . LEU B 1 50 ? 0.183   -3.160  14.890  1.00 42.94 ? 50  LEU B CD1 1 
ATOM   863  C CD2 . LEU B 1 50 ? 0.369   -5.114  16.427  1.00 29.25 ? 50  LEU B CD2 1 
ATOM   864  N N   . GLN B 1 51 ? -3.782  -1.658  18.192  1.00 37.68 ? 51  GLN B N   1 
ATOM   865  C CA  . GLN B 1 51 ? -4.879  -1.567  19.147  1.00 42.24 ? 51  GLN B CA  1 
ATOM   866  C C   . GLN B 1 51 ? -6.095  -0.836  18.590  1.00 45.90 ? 51  GLN B C   1 
ATOM   867  O O   . GLN B 1 51 ? -7.016  -0.527  19.354  1.00 56.01 ? 51  GLN B O   1 
ATOM   868  C CB  . GLN B 1 51 ? -4.398  -0.874  20.423  1.00 31.52 ? 51  GLN B CB  1 
ATOM   869  C CG  . GLN B 1 51 ? -3.234  -1.582  21.097  1.00 36.75 ? 51  GLN B CG  1 
ATOM   870  C CD  . GLN B 1 51 ? -2.522  -0.708  22.114  1.00 42.58 ? 51  GLN B CD  1 
ATOM   871  O OE1 . GLN B 1 51 ? -1.486  -1.090  22.661  1.00 38.28 ? 51  GLN B OE1 1 
ATOM   872  N NE2 . GLN B 1 51 ? -3.073  0.473   22.369  1.00 43.46 ? 51  GLN B NE2 1 
ATOM   873  N N   . SER B 1 52 ? -6.123  -0.558  17.291  1.00 41.97 ? 52  SER B N   1 
ATOM   874  C CA  . SER B 1 52 ? -7.236  0.160   16.686  1.00 44.74 ? 52  SER B CA  1 
ATOM   875  C C   . SER B 1 52 ? -8.064  -0.761  15.796  1.00 41.36 ? 52  SER B C   1 
ATOM   876  O O   . SER B 1 52 ? -8.932  -0.305  15.052  1.00 45.13 ? 52  SER B O   1 
ATOM   877  C CB  . SER B 1 52 ? -6.722  1.354   15.880  1.00 35.12 ? 52  SER B CB  1 
ATOM   878  O OG  . SER B 1 52 ? -5.880  2.167   16.676  1.00 39.65 ? 52  SER B OG  1 
ATOM   879  N N   . LYS C 2 4  ? -11.290 4.058   1.726   1.00 31.11 ? 4   LYS C N   1 
ATOM   880  C CA  . LYS C 2 4  ? -10.545 2.808   1.617   1.00 30.08 ? 4   LYS C CA  1 
ATOM   881  C C   . LYS C 2 4  ? -10.252 2.454   0.163   1.00 23.13 ? 4   LYS C C   1 
ATOM   882  O O   . LYS C 2 4  ? -11.029 2.768   -0.734  1.00 23.91 ? 4   LYS C O   1 
ATOM   883  C CB  . LYS C 2 4  ? -11.311 1.669   2.293   1.00 31.66 ? 4   LYS C CB  1 
ATOM   884  C CG  . LYS C 2 4  ? -12.815 1.877   2.345   1.00 40.83 ? 4   LYS C CG  1 
ATOM   885  C CD  . LYS C 2 4  ? -13.503 0.735   3.079   1.00 55.80 ? 4   LYS C CD  1 
ATOM   886  C CE  . LYS C 2 4  ? -14.962 1.055   3.365   1.00 56.05 ? 4   LYS C CE  1 
ATOM   887  N NZ  . LYS C 2 4  ? -15.100 2.234   4.269   1.00 55.82 ? 4   LYS C NZ  1 
ATOM   888  N N   . GLN C 2 5  ? -9.114  1.801   -0.058  1.00 26.65 ? 5   GLN C N   1 
ATOM   889  C CA  . GLN C 2 5  ? -8.696  1.382   -1.391  1.00 20.44 ? 5   GLN C CA  1 
ATOM   890  C C   . GLN C 2 5  ? -9.267  -0.004  -1.663  1.00 22.44 ? 5   GLN C C   1 
ATOM   891  O O   . GLN C 2 5  ? -8.814  -0.996  -1.081  1.00 20.13 ? 5   GLN C O   1 
ATOM   892  C CB  . GLN C 2 5  ? -7.173  1.384   -1.496  1.00 21.89 ? 5   GLN C CB  1 
ATOM   893  C CG  . GLN C 2 5  ? -6.518  2.663   -0.989  1.00 24.63 ? 5   GLN C CG  1 
ATOM   894  C CD  . GLN C 2 5  ? -6.905  3.884   -1.803  1.00 25.17 ? 5   GLN C CD  1 
ATOM   895  O OE1 . GLN C 2 5  ? -6.439  4.066   -2.927  1.00 25.85 ? 5   GLN C OE1 1 
ATOM   896  N NE2 . GLN C 2 5  ? -7.762  4.729   -1.238  1.00 27.18 ? 5   GLN C NE2 1 
ATOM   897  N N   . THR C 2 6  ? -10.264 -0.075  -2.537  1.00 23.10 ? 6   THR C N   1 
ATOM   898  C CA  . THR C 2 6  ? -10.920 -1.328  -2.877  1.00 21.85 ? 6   THR C CA  1 
ATOM   899  C C   . THR C 2 6  ? -10.872 -1.552  -4.382  1.00 22.46 ? 6   THR C C   1 
ATOM   900  O O   . THR C 2 6  ? -10.460 -0.685  -5.156  1.00 19.71 ? 6   THR C O   1 
ATOM   901  C CB  . THR C 2 6  ? -12.380 -1.341  -2.404  1.00 22.62 ? 6   THR C CB  1 
ATOM   902  O OG1 . THR C 2 6  ? -13.125 -0.365  -3.143  1.00 21.28 ? 6   THR C OG1 1 
ATOM   903  C CG2 . THR C 2 6  ? -12.472 -1.031  -0.912  1.00 20.83 ? 6   THR C CG2 1 
ATOM   904  N N   . ALA C 2 7  ? -11.314 -2.740  -4.786  1.00 23.51 ? 7   ALA C N   1 
ATOM   905  C CA  . ALA C 2 7  ? -11.499 -3.065  -6.192  1.00 20.37 ? 7   ALA C CA  1 
ATOM   906  C C   . ALA C 2 7  ? -12.461 -4.238  -6.288  1.00 20.57 ? 7   ALA C C   1 
ATOM   907  O O   . ALA C 2 7  ? -12.613 -5.019  -5.346  1.00 19.96 ? 7   ALA C O   1 
ATOM   908  C CB  . ALA C 2 7  ? -10.172 -3.394  -6.886  1.00 15.81 ? 7   ALA C CB  1 
ATOM   909  N N   . ARG C 2 8  ? -13.117 -4.343  -7.436  1.00 18.69 ? 8   ARG C N   1 
ATOM   910  C CA  . ARG C 2 8  ? -13.964 -5.493  -7.710  1.00 22.62 ? 8   ARG C CA  1 
ATOM   911  C C   . ARG C 2 8  ? -13.136 -6.577  -8.387  1.00 18.70 ? 8   ARG C C   1 
ATOM   912  O O   . ARG C 2 8  ? -12.430 -6.315  -9.362  1.00 21.51 ? 8   ARG C O   1 
ATOM   913  C CB  . ARG C 2 8  ? -15.163 -5.101  -8.575  1.00 18.79 ? 8   ARG C CB  1 
ATOM   914  C CG  . ARG C 2 8  ? -16.209 -4.288  -7.827  1.00 23.01 ? 8   ARG C CG  1 
ATOM   915  C CD  . ARG C 2 8  ? -17.362 -3.887  -8.728  1.00 21.47 ? 8   ARG C CD  1 
ATOM   916  N NE  . ARG C 2 8  ? -16.923 -3.049  -9.839  1.00 24.97 ? 8   ARG C NE  1 
ATOM   917  C CZ  . ARG C 2 8  ? -16.772 -1.731  -9.764  1.00 26.19 ? 8   ARG C CZ  1 
ATOM   918  N NH1 . ARG C 2 8  ? -17.019 -1.100  -8.625  1.00 25.26 ? 8   ARG C NH1 1 
ATOM   919  N NH2 . ARG C 2 8  ? -16.374 -1.045  -10.828 1.00 25.70 ? 8   ARG C NH2 1 
HETATM 920  N N   . M3L C 2 9  ? -13.206 -7.787  -7.848  1.00 19.11 ? 9   M3L C N   1 
HETATM 921  C CA  . M3L C 2 9  ? -12.496 -8.909  -8.409  1.00 20.71 ? 9   M3L C CA  1 
HETATM 922  C CB  . M3L C 2 9  ? -12.044 -9.906  -7.330  1.00 15.58 ? 9   M3L C CB  1 
HETATM 923  C CG  . M3L C 2 9  ? -11.002 -10.863 -7.860  1.00 20.22 ? 9   M3L C CG  1 
HETATM 924  C CD  . M3L C 2 9  ? -10.865 -12.060 -6.935  1.00 21.66 ? 9   M3L C CD  1 
HETATM 925  C CE  . M3L C 2 9  ? -10.337 -11.569 -5.593  1.00 19.46 ? 9   M3L C CE  1 
HETATM 926  N NZ  . M3L C 2 9  ? -9.915  -12.608 -4.573  1.00 20.66 ? 9   M3L C NZ  1 
HETATM 927  C C   . M3L C 2 9  ? -13.347 -9.653  -9.427  1.00 24.18 ? 9   M3L C C   1 
HETATM 928  O O   . M3L C 2 9  ? -14.471 -10.091 -9.172  1.00 22.84 ? 9   M3L C O   1 
HETATM 929  C CM1 . M3L C 2 9  ? -8.802  -13.462 -5.083  1.00 19.37 ? 9   M3L C CM1 1 
HETATM 930  C CM2 . M3L C 2 9  ? -11.057 -13.475 -4.159  1.00 15.94 ? 9   M3L C CM2 1 
HETATM 931  C CM3 . M3L C 2 9  ? -9.430  -11.860 -3.370  1.00 20.49 ? 9   M3L C CM3 1 
ATOM   932  N N   . SER C 2 10 ? -12.790 -9.787  -10.628 1.00 26.51 ? 10  SER C N   1 
ATOM   933  C CA  . SER C 2 10 ? -13.490 -10.437 -11.731 1.00 27.37 ? 10  SER C CA  1 
ATOM   934  C C   . SER C 2 10 ? -13.804 -11.888 -11.390 1.00 25.14 ? 10  SER C C   1 
ATOM   935  O O   . SER C 2 10 ? -12.919 -12.651 -11.003 1.00 23.89 ? 10  SER C O   1 
ATOM   936  C CB  . SER C 2 10 ? -12.662 -10.356 -13.016 1.00 27.27 ? 10  SER C CB  1 
ATOM   937  O OG  . SER C 2 10 ? -12.505 -9.010  -13.434 1.00 27.27 ? 10  SER C OG  1 
ATOM   938  N N   . THR C 2 11 ? -15.074 -12.257 -11.534 1.00 25.78 ? 11  THR C N   1 
ATOM   939  C CA  . THR C 2 11 ? -15.557 -13.570 -11.132 1.00 27.20 ? 11  THR C CA  1 
ATOM   940  C C   . THR C 2 11 ? -15.538 -14.537 -12.310 1.00 28.30 ? 11  THR C C   1 
ATOM   941  O O   . THR C 2 11 ? -15.968 -14.198 -13.416 1.00 27.77 ? 11  THR C O   1 
ATOM   942  C CB  . THR C 2 11 ? -16.976 -13.466 -10.566 1.00 28.47 ? 11  THR C CB  1 
ATOM   943  O OG1 . THR C 2 11 ? -17.014 -12.456 -9.548  1.00 23.32 ? 11  THR C OG1 1 
ATOM   944  C CG2 . THR C 2 11 ? -17.418 -14.803 -9.971  1.00 21.51 ? 11  THR C CG2 1 
ATOM   945  N N   . GLY C 2 12 ? -15.037 -15.743 -12.063 1.00 34.19 ? 12  GLY C N   1 
ATOM   946  C CA  . GLY C 2 12 ? -14.959 -16.764 -13.091 1.00 34.67 ? 12  GLY C CA  1 
ATOM   947  C C   . GLY C 2 12 ? -13.678 -16.700 -13.898 1.00 39.64 ? 12  GLY C C   1 
ATOM   948  O O   . GLY C 2 12 ? -12.838 -15.828 -13.677 1.00 45.01 ? 12  GLY C O   1 
ATOM   949  N N   . LYS D 2 4  ? 11.877  9.788   21.118  1.00 30.45 ? 4   LYS D N   1 
ATOM   950  C CA  . LYS D 2 4  ? 11.469  10.052  19.743  1.00 28.52 ? 4   LYS D CA  1 
ATOM   951  C C   . LYS D 2 4  ? 11.056  8.765   19.034  1.00 23.45 ? 4   LYS D C   1 
ATOM   952  O O   . LYS D 2 4  ? 11.673  7.719   19.219  1.00 24.73 ? 4   LYS D O   1 
ATOM   953  C CB  . LYS D 2 4  ? 12.597  10.731  18.962  1.00 26.80 ? 4   LYS D CB  1 
ATOM   954  C CG  . LYS D 2 4  ? 13.022  12.090  19.495  1.00 29.94 ? 4   LYS D CG  1 
ATOM   955  C CD  . LYS D 2 4  ? 11.933  13.134  19.315  1.00 32.72 ? 4   LYS D CD  1 
ATOM   956  C CE  . LYS D 2 4  ? 12.518  14.542  19.333  1.00 32.94 ? 4   LYS D CE  1 
ATOM   957  N NZ  . LYS D 2 4  ? 13.393  14.781  20.515  1.00 28.43 ? 4   LYS D NZ  1 
ATOM   958  N N   . GLN D 2 5  ? 10.006  8.858   18.222  1.00 24.97 ? 5   GLN D N   1 
ATOM   959  C CA  . GLN D 2 5  ? 9.522   7.754   17.399  1.00 23.30 ? 5   GLN D CA  1 
ATOM   960  C C   . GLN D 2 5  ? 9.932   8.045   15.961  1.00 21.86 ? 5   GLN D C   1 
ATOM   961  O O   . GLN D 2 5  ? 9.415   8.982   15.343  1.00 20.69 ? 5   GLN D O   1 
ATOM   962  C CB  . GLN D 2 5  ? 8.008   7.603   17.529  1.00 18.48 ? 5   GLN D CB  1 
ATOM   963  C CG  . GLN D 2 5  ? 7.510   7.500   18.965  1.00 25.88 ? 5   GLN D CG  1 
ATOM   964  C CD  . GLN D 2 5  ? 7.874   6.181   19.622  1.00 25.56 ? 5   GLN D CD  1 
ATOM   965  O OE1 . GLN D 2 5  ? 7.476   5.114   19.158  1.00 28.20 ? 5   GLN D OE1 1 
ATOM   966  N NE2 . GLN D 2 5  ? 8.636   6.248   20.709  1.00 28.86 ? 5   GLN D NE2 1 
ATOM   967  N N   . THR D 2 6  ? 10.867  7.257   15.433  1.00 21.43 ? 6   THR D N   1 
ATOM   968  C CA  . THR D 2 6  ? 11.487  7.550   14.149  1.00 22.29 ? 6   THR D CA  1 
ATOM   969  C C   . THR D 2 6  ? 11.390  6.348   13.219  1.00 20.82 ? 6   THR D C   1 
ATOM   970  O O   . THR D 2 6  ? 11.088  5.226   13.634  1.00 19.76 ? 6   THR D O   1 
ATOM   971  C CB  . THR D 2 6  ? 12.964  7.950   14.305  1.00 22.00 ? 6   THR D CB  1 
ATOM   972  O OG1 . THR D 2 6  ? 13.747  6.791   14.621  1.00 21.39 ? 6   THR D OG1 1 
ATOM   973  C CG2 . THR D 2 6  ? 13.130  8.987   15.406  1.00 19.12 ? 6   THR D CG2 1 
ATOM   974  N N   . ALA D 2 7  ? 11.667  6.608   11.945  1.00 17.71 ? 7   ALA D N   1 
ATOM   975  C CA  . ALA D 2 7  ? 11.739  5.575   10.925  1.00 21.44 ? 7   ALA D CA  1 
ATOM   976  C C   . ALA D 2 7  ? 12.599  6.089   9.780   1.00 22.69 ? 7   ALA D C   1 
ATOM   977  O O   . ALA D 2 7  ? 12.806  7.296   9.630   1.00 22.64 ? 7   ALA D O   1 
ATOM   978  C CB  . ALA D 2 7  ? 10.348  5.173   10.422  1.00 18.63 ? 7   ALA D CB  1 
ATOM   979  N N   . ARG D 2 8  ? 13.098  5.157   8.976   1.00 21.59 ? 8   ARG D N   1 
ATOM   980  C CA  . ARG D 2 8  ? 13.908  5.509   7.815   1.00 25.00 ? 8   ARG D CA  1 
ATOM   981  C C   . ARG D 2 8  ? 13.045  5.631   6.563   1.00 23.29 ? 8   ARG D C   1 
ATOM   982  O O   . ARG D 2 8  ? 12.294  4.717   6.225   1.00 21.87 ? 8   ARG D O   1 
ATOM   983  C CB  . ARG D 2 8  ? 15.012  4.476   7.599   1.00 23.70 ? 8   ARG D CB  1 
ATOM   984  C CG  . ARG D 2 8  ? 15.839  4.713   6.352   1.00 28.52 ? 8   ARG D CG  1 
ATOM   985  C CD  . ARG D 2 8  ? 17.214  4.068   6.466   1.00 36.07 ? 8   ARG D CD  1 
ATOM   986  N NE  . ARG D 2 8  ? 17.151  2.630   6.714   1.00 39.44 ? 8   ARG D NE  1 
ATOM   987  C CZ  . ARG D 2 8  ? 17.195  1.703   5.762   1.00 45.49 ? 8   ARG D CZ  1 
ATOM   988  N NH1 . ARG D 2 8  ? 17.299  2.061   4.489   1.00 44.95 ? 8   ARG D NH1 1 
ATOM   989  N NH2 . ARG D 2 8  ? 17.138  0.416   6.081   1.00 45.82 ? 8   ARG D NH2 1 
HETATM 990  N N   . M3L D 2 9  ? 13.154  6.768   5.881   1.00 20.74 ? 9   M3L D N   1 
HETATM 991  C CA  . M3L D 2 9  ? 12.382  7.025   4.685   1.00 26.89 ? 9   M3L D CA  1 
HETATM 992  C CB  . M3L D 2 9  ? 12.102  8.526   4.517   1.00 23.97 ? 9   M3L D CB  1 
HETATM 993  C CG  . M3L D 2 9  ? 10.980  8.786   3.538   1.00 20.89 ? 9   M3L D CG  1 
HETATM 994  C CD  . M3L D 2 9  ? 10.201  10.028  3.944   1.00 19.63 ? 9   M3L D CD  1 
HETATM 995  C CE  . M3L D 2 9  ? 11.035  11.268  3.648   1.00 26.87 ? 9   M3L D CE  1 
HETATM 996  N NZ  . M3L D 2 9  ? 10.426  12.615  3.978   1.00 22.83 ? 9   M3L D NZ  1 
HETATM 997  C C   . M3L D 2 9  ? 13.043  6.530   3.400   1.00 30.66 ? 9   M3L D C   1 
HETATM 998  O O   . M3L D 2 9  ? 14.205  6.787   3.087   1.00 29.91 ? 9   M3L D O   1 
HETATM 999  C CM1 . M3L D 2 9  ? 9.944   12.671  5.390   1.00 22.88 ? 9   M3L D CM1 1 
HETATM 1000 C CM2 . M3L D 2 9  ? 9.298   12.949  3.058   1.00 23.52 ? 9   M3L D CM2 1 
HETATM 1001 C CM3 . M3L D 2 9  ? 11.499  13.643  3.799   1.00 25.98 ? 9   M3L D CM3 1 
ATOM   1002 N N   . SER D 2 10 ? 12.257  5.786   2.627   1.00 33.98 ? 10  SER D N   1 
ATOM   1003 C CA  . SER D 2 10 ? 12.734  5.202   1.377   1.00 34.65 ? 10  SER D CA  1 
ATOM   1004 C C   . SER D 2 10 ? 12.759  6.233   0.253   1.00 35.11 ? 10  SER D C   1 
ATOM   1005 O O   . SER D 2 10 ? 12.351  7.378   0.438   1.00 45.02 ? 10  SER D O   1 
ATOM   1006 C CB  . SER D 2 10 ? 11.859  4.011   0.974   1.00 35.04 ? 10  SER D CB  1 
ATOM   1007 O OG  . SER D 2 10 ? 11.839  3.026   1.991   1.00 27.85 ? 10  SER D OG  1 
HETATM 1008 C C1  . GOL E 3 .  ? 3.256   -23.543 -7.809  1.00 32.77 ? 101 GOL A C1  1 
HETATM 1009 O O1  . GOL E 3 .  ? 4.238   -22.600 -8.129  1.00 43.44 ? 101 GOL A O1  1 
HETATM 1010 C C2  . GOL E 3 .  ? 3.744   -24.281 -6.553  1.00 36.79 ? 101 GOL A C2  1 
HETATM 1011 O O2  . GOL E 3 .  ? 4.629   -25.285 -6.882  1.00 44.59 ? 101 GOL A O2  1 
HETATM 1012 C C3  . GOL E 3 .  ? 4.430   -23.197 -5.720  1.00 33.70 ? 101 GOL A C3  1 
HETATM 1013 O O3  . GOL E 3 .  ? 4.414   -23.640 -4.409  1.00 35.41 ? 101 GOL A O3  1 
HETATM 1014 O O   . HOH F 4 .  ? -10.676 3.305   -19.184 1.00 31.03 ? 201 HOH A O   1 
HETATM 1015 O O   . HOH F 4 .  ? -18.136 -2.056  -5.870  1.00 26.71 ? 202 HOH A O   1 
HETATM 1016 O O   . HOH F 4 .  ? 2.148   -11.879 1.471   1.00 19.22 ? 203 HOH A O   1 
HETATM 1017 O O   . HOH F 4 .  ? 2.232   -23.049 -3.398  1.00 19.42 ? 204 HOH A O   1 
HETATM 1018 O O   . HOH F 4 .  ? -14.405 -1.109  -5.492  1.00 24.62 ? 205 HOH A O   1 
HETATM 1019 O O   . HOH F 4 .  ? -3.337  -11.371 -3.557  1.00 14.42 ? 206 HOH A O   1 
HETATM 1020 O O   . HOH F 4 .  ? 2.548   -10.423 -4.535  1.00 18.82 ? 207 HOH A O   1 
HETATM 1021 O O   . HOH F 4 .  ? 5.463   -3.727  -1.274  1.00 32.88 ? 208 HOH A O   1 
HETATM 1022 O O   . HOH F 4 .  ? -5.545  -16.587 0.074   1.00 23.24 ? 209 HOH A O   1 
HETATM 1023 O O   . HOH F 4 .  ? -1.725  3.855   -15.754 1.00 16.30 ? 210 HOH A O   1 
HETATM 1024 O O   . HOH F 4 .  ? 2.283   -0.776  -18.034 1.00 23.99 ? 211 HOH A O   1 
HETATM 1025 O O   . HOH F 4 .  ? 3.795   -4.358  -18.191 1.00 28.37 ? 212 HOH A O   1 
HETATM 1026 O O   . HOH F 4 .  ? -15.473 -11.618 -7.186  1.00 25.12 ? 213 HOH A O   1 
HETATM 1027 O O   . HOH F 4 .  ? -5.906  3.772   -14.512 1.00 25.47 ? 214 HOH A O   1 
HETATM 1028 O O   . HOH F 4 .  ? -15.451 1.668   -9.730  1.00 24.45 ? 215 HOH A O   1 
HETATM 1029 O O   . HOH F 4 .  ? -10.079 -4.391  -25.840 1.00 26.32 ? 216 HOH A O   1 
HETATM 1030 O O   . HOH F 4 .  ? -8.982  -2.352  -19.030 1.00 25.73 ? 217 HOH A O   1 
HETATM 1031 O O   . HOH F 4 .  ? -9.297  -8.167  0.539   1.00 19.79 ? 218 HOH A O   1 
HETATM 1032 O O   . HOH F 4 .  ? 4.389   5.768   -14.650 1.00 35.95 ? 219 HOH A O   1 
HETATM 1033 O O   . HOH F 4 .  ? 0.217   0.539   -5.056  1.00 21.26 ? 220 HOH A O   1 
HETATM 1034 O O   . HOH F 4 .  ? 2.896   -0.017  -6.259  1.00 25.76 ? 221 HOH A O   1 
HETATM 1035 O O   . HOH F 4 .  ? -6.182  -8.728  -21.030 1.00 25.80 ? 222 HOH A O   1 
HETATM 1036 O O   . HOH F 4 .  ? 3.840   -6.232  -17.084 1.00 26.56 ? 223 HOH A O   1 
HETATM 1037 O O   . HOH F 4 .  ? -7.474  2.209   -26.574 1.00 18.82 ? 224 HOH A O   1 
HETATM 1038 O O   . HOH F 4 .  ? 6.148   4.790   -5.465  1.00 35.24 ? 225 HOH A O   1 
HETATM 1039 O O   . HOH F 4 .  ? -1.727  -15.048 -9.753  1.00 24.74 ? 226 HOH A O   1 
HETATM 1040 O O   . HOH F 4 .  ? -9.208  2.747   -11.766 1.00 24.10 ? 227 HOH A O   1 
HETATM 1041 O O   . HOH F 4 .  ? -15.713 -3.548  -19.070 1.00 36.80 ? 228 HOH A O   1 
HETATM 1042 O O   . HOH F 4 .  ? -8.347  1.014   -20.374 1.00 20.26 ? 229 HOH A O   1 
HETATM 1043 O O   . HOH F 4 .  ? -8.135  2.276   -22.673 1.00 19.96 ? 230 HOH A O   1 
HETATM 1044 O O   . HOH F 4 .  ? 5.176   6.982   -3.808  1.00 38.27 ? 231 HOH A O   1 
HETATM 1045 O O   . HOH F 4 .  ? -8.813  -13.172 4.635   1.00 31.60 ? 232 HOH A O   1 
HETATM 1046 O O   . HOH F 4 .  ? -9.177  -5.236  -19.805 1.00 23.96 ? 233 HOH A O   1 
HETATM 1047 O O   . HOH F 4 .  ? -5.559  -12.881 -12.917 1.00 21.45 ? 234 HOH A O   1 
HETATM 1048 O O   . HOH F 4 .  ? -15.209 2.571   -12.693 1.00 27.86 ? 235 HOH A O   1 
HETATM 1049 O O   . HOH F 4 .  ? 4.948   -8.606  -12.800 1.00 37.05 ? 236 HOH A O   1 
HETATM 1050 O O   . HOH F 4 .  ? -3.478  -7.157  5.636   1.00 28.11 ? 237 HOH A O   1 
HETATM 1051 O O   . HOH F 4 .  ? -0.796  -13.153 -10.328 1.00 30.40 ? 238 HOH A O   1 
HETATM 1052 O O   . HOH F 4 .  ? -4.356  -2.219  3.969   1.00 37.35 ? 239 HOH A O   1 
HETATM 1053 O O   . HOH F 4 .  ? -9.008  3.455   -9.180  1.00 17.46 ? 240 HOH A O   1 
HETATM 1054 O O   . HOH F 4 .  ? -11.301 -7.233  2.160   1.00 33.03 ? 241 HOH A O   1 
HETATM 1055 O O   . HOH F 4 .  ? 3.487   9.316   -12.684 1.00 28.68 ? 242 HOH A O   1 
HETATM 1056 O O   . HOH F 4 .  ? -1.420  -13.881 -12.353 1.00 26.78 ? 243 HOH A O   1 
HETATM 1057 O O   . HOH F 4 .  ? -7.758  4.524   -12.713 1.00 25.40 ? 244 HOH A O   1 
HETATM 1058 O O   . HOH F 4 .  ? -11.270 -6.285  -20.301 1.00 28.53 ? 245 HOH A O   1 
HETATM 1059 O O   . HOH F 4 .  ? -8.926  -0.713  3.807   1.00 30.70 ? 246 HOH A O   1 
HETATM 1060 O O   . HOH F 4 .  ? -10.242 -6.530  4.711   1.00 35.42 ? 247 HOH A O   1 
HETATM 1061 O O   . HOH G 4 .  ? 5.868   -4.767  13.134  1.00 24.36 ? 101 HOH B O   1 
HETATM 1062 O O   . HOH G 4 .  ? -5.436  3.019   18.912  1.00 32.77 ? 102 HOH B O   1 
HETATM 1063 O O   . HOH G 4 .  ? 3.550   12.531  5.665   1.00 13.78 ? 103 HOH B O   1 
HETATM 1064 O O   . HOH G 4 .  ? 5.542   18.098  2.843   1.00 24.52 ? 104 HOH B O   1 
HETATM 1065 O O   . HOH G 4 .  ? 9.913   14.242  10.488  1.00 16.93 ? 105 HOH B O   1 
HETATM 1066 O O   . HOH G 4 .  ? 15.453  -2.882  11.561  1.00 28.07 ? 106 HOH B O   1 
HETATM 1067 O O   . HOH G 4 .  ? -1.640  17.252  8.365   1.00 16.78 ? 107 HOH B O   1 
HETATM 1068 O O   . HOH G 4 .  ? -2.719  -5.237  7.772   1.00 21.67 ? 108 HOH B O   1 
HETATM 1069 O O   . HOH G 4 .  ? 15.397  9.599   3.315   1.00 33.61 ? 109 HOH B O   1 
HETATM 1070 O O   . HOH G 4 .  ? 4.006   17.909  14.583  1.00 19.51 ? 110 HOH B O   1 
HETATM 1071 O O   . HOH G 4 .  ? 0.263   4.981   15.427  1.00 18.31 ? 111 HOH B O   1 
HETATM 1072 O O   . HOH G 4 .  ? 7.030   -14.247 5.273   1.00 17.44 ? 112 HOH B O   1 
HETATM 1073 O O   . HOH G 4 .  ? -2.277  4.342   14.485  1.00 22.31 ? 113 HOH B O   1 
HETATM 1074 O O   . HOH G 4 .  ? 9.444   -10.691 -0.218  1.00 25.55 ? 114 HOH B O   1 
HETATM 1075 O O   . HOH G 4 .  ? 1.638   -5.726  13.018  1.00 29.17 ? 115 HOH B O   1 
HETATM 1076 O O   . HOH G 4 .  ? 7.295   11.397  0.895   1.00 24.09 ? 116 HOH B O   1 
HETATM 1077 O O   . HOH G 4 .  ? -2.331  11.299  6.548   1.00 19.06 ? 117 HOH B O   1 
HETATM 1078 O O   . HOH G 4 .  ? 3.728   10.743  -2.040  1.00 34.81 ? 118 HOH B O   1 
HETATM 1079 O O   . HOH G 4 .  ? 5.170   4.669   -0.432  1.00 24.50 ? 119 HOH B O   1 
HETATM 1080 O O   . HOH G 4 .  ? 8.896   -5.302  4.911   1.00 24.15 ? 120 HOH B O   1 
HETATM 1081 O O   . HOH G 4 .  ? -6.593  6.514   15.496  1.00 31.00 ? 121 HOH B O   1 
HETATM 1082 O O   . HOH G 4 .  ? 8.652   -4.920  2.399   1.00 24.85 ? 122 HOH B O   1 
HETATM 1083 O O   . HOH G 4 .  ? 7.537   -1.234  -1.180  1.00 34.11 ? 123 HOH B O   1 
HETATM 1084 O O   . HOH G 4 .  ? 19.683  10.463  3.318   1.00 29.25 ? 124 HOH B O   1 
HETATM 1085 O O   . HOH G 4 .  ? 7.946   -8.366  7.692   1.00 16.23 ? 125 HOH B O   1 
HETATM 1086 O O   . HOH G 4 .  ? 12.009  14.558  11.556  1.00 19.07 ? 126 HOH B O   1 
HETATM 1087 O O   . HOH G 4 .  ? 8.034   -11.371 7.416   1.00 21.60 ? 127 HOH B O   1 
HETATM 1088 O O   . HOH G 4 .  ? 8.198   0.587   0.068   1.00 33.45 ? 128 HOH B O   1 
HETATM 1089 O O   . HOH G 4 .  ? 18.581  6.535   4.099   1.00 35.52 ? 129 HOH B O   1 
HETATM 1090 O O   . HOH G 4 .  ? 9.179   -0.084  15.535  1.00 18.41 ? 130 HOH B O   1 
HETATM 1091 O O   . HOH G 4 .  ? 6.784   19.967  13.112  1.00 29.08 ? 131 HOH B O   1 
HETATM 1092 O O   . HOH G 4 .  ? -5.541  8.780   10.728  1.00 28.19 ? 132 HOH B O   1 
HETATM 1093 O O   . HOH G 4 .  ? 3.985   -9.410  -8.605  1.00 32.90 ? 133 HOH B O   1 
HETATM 1094 O O   . HOH G 4 .  ? 7.524   -6.125  -0.048  1.00 32.02 ? 134 HOH B O   1 
HETATM 1095 O O   . HOH G 4 .  ? -8.940  -3.729  15.846  1.00 33.69 ? 135 HOH B O   1 
HETATM 1096 O O   . HOH G 4 .  ? -2.872  -5.576  19.431  1.00 28.19 ? 136 HOH B O   1 
HETATM 1097 O O   . HOH G 4 .  ? 7.919   -3.769  14.501  1.00 25.80 ? 137 HOH B O   1 
HETATM 1098 O O   . HOH G 4 .  ? 6.466   10.824  -1.159  1.00 30.14 ? 138 HOH B O   1 
HETATM 1099 O O   . HOH G 4 .  ? 0.604   20.621  -5.131  1.00 36.18 ? 139 HOH B O   1 
HETATM 1100 O O   . HOH G 4 .  ? 8.177   -7.314  -9.051  1.00 33.91 ? 140 HOH B O   1 
HETATM 1101 O O   . HOH G 4 .  ? -11.128 -3.518  17.842  1.00 43.54 ? 141 HOH B O   1 
HETATM 1102 O O   . HOH G 4 .  ? 9.973   -5.784  -7.253  1.00 34.88 ? 142 HOH B O   1 
HETATM 1103 O O   . HOH H 4 .  ? -10.445 -12.105 -11.324 1.00 25.29 ? 101 HOH C O   1 
HETATM 1104 O O   . HOH H 4 .  ? -13.245 5.706   1.578   1.00 44.32 ? 102 HOH C O   1 
HETATM 1105 O O   . HOH H 4 .  ? -16.146 -2.242  -13.182 1.00 22.17 ? 103 HOH C O   1 
HETATM 1106 O O   . HOH H 4 .  ? -7.717  0.719   2.141   1.00 20.95 ? 104 HOH C O   1 
HETATM 1107 O O   . HOH H 4 .  ? -13.075 -8.755  -16.241 1.00 30.25 ? 105 HOH C O   1 
HETATM 1108 O O   . HOH H 4 .  ? -12.534 -13.715 -15.822 1.00 43.01 ? 106 HOH C O   1 
HETATM 1109 O O   . HOH H 4 .  ? -7.193  3.242   2.940   1.00 31.18 ? 107 HOH C O   1 
HETATM 1110 O O   . HOH I 4 .  ? 15.983  0.581   3.116   1.00 50.22 ? 101 HOH D O   1 
HETATM 1111 O O   . HOH I 4 .  ? 8.037   10.832  18.435  1.00 27.05 ? 102 HOH D O   1 
HETATM 1112 O O   . HOH I 4 .  ? 14.413  8.373   20.616  1.00 25.43 ? 103 HOH D O   1 
HETATM 1113 O O   . HOH I 4 .  ? 16.981  5.474   2.889   1.00 30.35 ? 104 HOH D O   1 
# 
loop_
_pdbx_poly_seq_scheme.asym_id 
_pdbx_poly_seq_scheme.entity_id 
_pdbx_poly_seq_scheme.seq_id 
_pdbx_poly_seq_scheme.mon_id 
_pdbx_poly_seq_scheme.ndb_seq_num 
_pdbx_poly_seq_scheme.pdb_seq_num 
_pdbx_poly_seq_scheme.auth_seq_num 
_pdbx_poly_seq_scheme.pdb_mon_id 
_pdbx_poly_seq_scheme.auth_mon_id 
_pdbx_poly_seq_scheme.pdb_strand_id 
_pdbx_poly_seq_scheme.pdb_ins_code 
_pdbx_poly_seq_scheme.hetero 
A 1 1  GLY 1  1  1  GLY GLY A . n 
A 1 2  GLU 2  2  2  GLU GLU A . n 
A 1 3  TYR 3  3  3  TYR TYR A . n 
A 1 4  VAL 4  4  4  VAL VAL A . n 
A 1 5  VAL 5  5  5  VAL VAL A . n 
A 1 6  GLU 6  6  6  GLU GLU A . n 
A 1 7  LYS 7  7  7  LYS LYS A . n 
A 1 8  VAL 8  8  8  VAL VAL A . n 
A 1 9  LEU 9  9  9  LEU LEU A . n 
A 1 10 ASP 10 10 10 ASP ASP A . n 
A 1 11 ARG 11 11 11 ARG ARG A . n 
A 1 12 ARG 12 12 12 ARG ARG A . n 
A 1 13 VAL 13 13 13 VAL VAL A . n 
A 1 14 VAL 14 14 14 VAL VAL A . n 
A 1 15 LYS 15 15 15 LYS LYS A . n 
A 1 16 GLY 16 16 16 GLY GLY A . n 
A 1 17 LYS 17 17 17 LYS LYS A . n 
A 1 18 VAL 18 18 18 VAL VAL A . n 
A 1 19 GLU 19 19 19 GLU GLU A . n 
A 1 20 TYR 20 20 20 TYR TYR A . n 
A 1 21 LEU 21 21 21 LEU LEU A . n 
A 1 22 LEU 22 22 22 LEU LEU A . n 
A 1 23 LYS 23 23 23 LYS LYS A . n 
A 1 24 TRP 24 24 24 TRP TRP A . n 
A 1 25 LYS 25 25 25 LYS LYS A . n 
A 1 26 GLY 26 26 26 GLY GLY A . n 
A 1 27 PHE 27 27 27 PHE PHE A . n 
A 1 28 SER 28 28 28 SER SER A . n 
A 1 29 ASP 29 29 29 ASP ASP A . n 
A 1 30 GLU 30 30 30 GLU GLU A . n 
A 1 31 ASP 31 31 31 ASP ASP A . n 
A 1 32 ASN 32 32 32 ASN ASN A . n 
A 1 33 THR 33 33 33 THR THR A . n 
A 1 34 TRP 34 34 34 TRP TRP A . n 
A 1 35 GLU 35 35 35 GLU GLU A . n 
A 1 36 PRO 36 36 36 PRO PRO A . n 
A 1 37 GLU 37 37 37 GLU GLU A . n 
A 1 38 GLU 38 38 38 GLU GLU A . n 
A 1 39 ASN 39 39 39 ASN ASN A . n 
A 1 40 LEU 40 40 40 LEU LEU A . n 
A 1 41 ASP 41 41 41 ASP ASP A . n 
A 1 42 CYS 42 42 42 CYS CYS A . n 
A 1 43 PRO 43 43 43 PRO PRO A . n 
A 1 44 ASP 44 44 44 ASP ASP A . n 
A 1 45 LEU 45 45 45 LEU LEU A . n 
A 1 46 ILE 46 46 46 ILE ILE A . n 
A 1 47 ALA 47 47 47 ALA ALA A . n 
A 1 48 GLU 48 48 48 GLU GLU A . n 
A 1 49 PHE 49 49 49 PHE PHE A . n 
A 1 50 LEU 50 50 50 LEU LEU A . n 
A 1 51 GLN 51 51 51 GLN GLN A . n 
A 1 52 SER 52 52 52 SER SER A . n 
A 1 53 GLN 53 53 53 GLN GLN A . n 
A 1 54 LYS 54 54 54 LYS LYS A . n 
A 1 55 THR 55 55 ?  ?   ?   A . n 
B 1 1  GLY 1  1  1  GLY GLY B . n 
B 1 2  GLU 2  2  2  GLU GLU B . n 
B 1 3  TYR 3  3  3  TYR TYR B . n 
B 1 4  VAL 4  4  4  VAL VAL B . n 
B 1 5  VAL 5  5  5  VAL VAL B . n 
B 1 6  GLU 6  6  6  GLU GLU B . n 
B 1 7  LYS 7  7  7  LYS LYS B . n 
B 1 8  VAL 8  8  8  VAL VAL B . n 
B 1 9  LEU 9  9  9  LEU LEU B . n 
B 1 10 ASP 10 10 10 ASP ASP B . n 
B 1 11 ARG 11 11 11 ARG ARG B . n 
B 1 12 ARG 12 12 12 ARG ARG B . n 
B 1 13 VAL 13 13 13 VAL VAL B . n 
B 1 14 VAL 14 14 14 VAL VAL B . n 
B 1 15 LYS 15 15 15 LYS LYS B . n 
B 1 16 GLY 16 16 16 GLY GLY B . n 
B 1 17 LYS 17 17 17 LYS LYS B . n 
B 1 18 VAL 18 18 18 VAL VAL B . n 
B 1 19 GLU 19 19 19 GLU GLU B . n 
B 1 20 TYR 20 20 20 TYR TYR B . n 
B 1 21 LEU 21 21 21 LEU LEU B . n 
B 1 22 LEU 22 22 22 LEU LEU B . n 
B 1 23 LYS 23 23 23 LYS LYS B . n 
B 1 24 TRP 24 24 24 TRP TRP B . n 
B 1 25 LYS 25 25 25 LYS LYS B . n 
B 1 26 GLY 26 26 26 GLY GLY B . n 
B 1 27 PHE 27 27 27 PHE PHE B . n 
B 1 28 SER 28 28 28 SER SER B . n 
B 1 29 ASP 29 29 29 ASP ASP B . n 
B 1 30 GLU 30 30 30 GLU GLU B . n 
B 1 31 ASP 31 31 31 ASP ASP B . n 
B 1 32 ASN 32 32 32 ASN ASN B . n 
B 1 33 THR 33 33 33 THR THR B . n 
B 1 34 TRP 34 34 34 TRP TRP B . n 
B 1 35 GLU 35 35 35 GLU GLU B . n 
B 1 36 PRO 36 36 36 PRO PRO B . n 
B 1 37 GLU 37 37 37 GLU GLU B . n 
B 1 38 GLU 38 38 38 GLU GLU B . n 
B 1 39 ASN 39 39 39 ASN ASN B . n 
B 1 40 LEU 40 40 40 LEU LEU B . n 
B 1 41 ASP 41 41 41 ASP ASP B . n 
B 1 42 CYS 42 42 42 CYS CYS B . n 
B 1 43 PRO 43 43 43 PRO PRO B . n 
B 1 44 ASP 44 44 44 ASP ASP B . n 
B 1 45 LEU 45 45 45 LEU LEU B . n 
B 1 46 ILE 46 46 46 ILE ILE B . n 
B 1 47 ALA 47 47 47 ALA ALA B . n 
B 1 48 GLU 48 48 48 GLU GLU B . n 
B 1 49 PHE 49 49 49 PHE PHE B . n 
B 1 50 LEU 50 50 50 LEU LEU B . n 
B 1 51 GLN 51 51 51 GLN GLN B . n 
B 1 52 SER 52 52 52 SER SER B . n 
B 1 53 GLN 53 53 ?  ?   ?   B . n 
B 1 54 LYS 54 54 ?  ?   ?   B . n 
B 1 55 THR 55 55 ?  ?   ?   B . n 
C 2 1  ALA 1  1  ?  ?   ?   C . n 
C 2 2  ARG 2  2  ?  ?   ?   C . n 
C 2 3  THR 3  3  ?  ?   ?   C . n 
C 2 4  LYS 4  4  4  LYS LYS C . n 
C 2 5  GLN 5  5  5  GLN GLN C . n 
C 2 6  THR 6  6  6  THR THR C . n 
C 2 7  ALA 7  7  7  ALA ALA C . n 
C 2 8  ARG 8  8  8  ARG ARG C . n 
C 2 9  M3L 9  9  9  M3L M3L C . n 
C 2 10 SER 10 10 10 SER SER C . n 
C 2 11 THR 11 11 11 THR THR C . n 
C 2 12 GLY 12 12 12 GLY GLY C . n 
C 2 13 GLY 13 13 ?  ?   ?   C . n 
C 2 14 LYS 14 14 ?  ?   ?   C . n 
C 2 15 ALA 15 15 ?  ?   ?   C . n 
C 2 16 NH2 16 16 ?  ?   ?   C . n 
D 2 1  ALA 1  1  ?  ?   ?   D . n 
D 2 2  ARG 2  2  ?  ?   ?   D . n 
D 2 3  THR 3  3  ?  ?   ?   D . n 
D 2 4  LYS 4  4  4  LYS LYS D . n 
D 2 5  GLN 5  5  5  GLN GLN D . n 
D 2 6  THR 6  6  6  THR THR D . n 
D 2 7  ALA 7  7  7  ALA ALA D . n 
D 2 8  ARG 8  8  8  ARG ARG D . n 
D 2 9  M3L 9  9  9  M3L M3L D . n 
D 2 10 SER 10 10 10 SER SER D . n 
D 2 11 THR 11 11 ?  ?   ?   D . n 
D 2 12 GLY 12 12 ?  ?   ?   D . n 
D 2 13 GLY 13 13 ?  ?   ?   D . n 
D 2 14 LYS 14 14 ?  ?   ?   D . n 
D 2 15 ALA 15 15 ?  ?   ?   D . n 
D 2 16 NH2 16 16 ?  ?   ?   D . n 
# 
loop_
_pdbx_nonpoly_scheme.asym_id 
_pdbx_nonpoly_scheme.entity_id 
_pdbx_nonpoly_scheme.mon_id 
_pdbx_nonpoly_scheme.ndb_seq_num 
_pdbx_nonpoly_scheme.pdb_seq_num 
_pdbx_nonpoly_scheme.auth_seq_num 
_pdbx_nonpoly_scheme.pdb_mon_id 
_pdbx_nonpoly_scheme.auth_mon_id 
_pdbx_nonpoly_scheme.pdb_strand_id 
_pdbx_nonpoly_scheme.pdb_ins_code 
E 3 GOL 1  101 1   GOL GOL A . 
F 4 HOH 1  201 86  HOH HOH A . 
F 4 HOH 2  202 43  HOH HOH A . 
F 4 HOH 3  203 4   HOH HOH A . 
F 4 HOH 4  204 40  HOH HOH A . 
F 4 HOH 5  205 30  HOH HOH A . 
F 4 HOH 6  206 2   HOH HOH A . 
F 4 HOH 7  207 16  HOH HOH A . 
F 4 HOH 8  208 45  HOH HOH A . 
F 4 HOH 9  209 36  HOH HOH A . 
F 4 HOH 10 210 12  HOH HOH A . 
F 4 HOH 11 211 39  HOH HOH A . 
F 4 HOH 12 212 92  HOH HOH A . 
F 4 HOH 13 213 21  HOH HOH A . 
F 4 HOH 14 214 18  HOH HOH A . 
F 4 HOH 15 215 79  HOH HOH A . 
F 4 HOH 16 216 54  HOH HOH A . 
F 4 HOH 17 217 48  HOH HOH A . 
F 4 HOH 18 218 15  HOH HOH A . 
F 4 HOH 19 219 75  HOH HOH A . 
F 4 HOH 20 220 28  HOH HOH A . 
F 4 HOH 21 221 94  HOH HOH A . 
F 4 HOH 22 222 27  HOH HOH A . 
F 4 HOH 23 223 77  HOH HOH A . 
F 4 HOH 24 224 3   HOH HOH A . 
F 4 HOH 25 225 55  HOH HOH A . 
F 4 HOH 26 226 38  HOH HOH A . 
F 4 HOH 27 227 42  HOH HOH A . 
F 4 HOH 28 228 47  HOH HOH A . 
F 4 HOH 29 229 20  HOH HOH A . 
F 4 HOH 30 230 14  HOH HOH A . 
F 4 HOH 31 231 76  HOH HOH A . 
F 4 HOH 32 232 85  HOH HOH A . 
F 4 HOH 33 233 19  HOH HOH A . 
F 4 HOH 34 234 34  HOH HOH A . 
F 4 HOH 35 235 87  HOH HOH A . 
F 4 HOH 36 236 73  HOH HOH A . 
F 4 HOH 37 237 100 HOH HOH A . 
F 4 HOH 38 238 67  HOH HOH A . 
F 4 HOH 39 239 59  HOH HOH A . 
F 4 HOH 40 240 9   HOH HOH A . 
F 4 HOH 41 241 95  HOH HOH A . 
F 4 HOH 42 242 71  HOH HOH A . 
F 4 HOH 43 243 33  HOH HOH A . 
F 4 HOH 44 244 22  HOH HOH A . 
F 4 HOH 45 245 63  HOH HOH A . 
F 4 HOH 46 246 72  HOH HOH A . 
F 4 HOH 47 247 99  HOH HOH A . 
G 4 HOH 1  101 29  HOH HOH B . 
G 4 HOH 2  102 64  HOH HOH B . 
G 4 HOH 3  103 1   HOH HOH B . 
G 4 HOH 4  104 44  HOH HOH B . 
G 4 HOH 5  105 10  HOH HOH B . 
G 4 HOH 6  106 58  HOH HOH B . 
G 4 HOH 7  107 11  HOH HOH B . 
G 4 HOH 8  108 24  HOH HOH B . 
G 4 HOH 9  109 56  HOH HOH B . 
G 4 HOH 10 110 17  HOH HOH B . 
G 4 HOH 11 111 23  HOH HOH B . 
G 4 HOH 12 112 6   HOH HOH B . 
G 4 HOH 13 113 26  HOH HOH B . 
G 4 HOH 14 114 37  HOH HOH B . 
G 4 HOH 15 115 31  HOH HOH B . 
G 4 HOH 16 116 78  HOH HOH B . 
G 4 HOH 17 117 7   HOH HOH B . 
G 4 HOH 18 118 57  HOH HOH B . 
G 4 HOH 19 119 65  HOH HOH B . 
G 4 HOH 20 120 35  HOH HOH B . 
G 4 HOH 21 121 69  HOH HOH B . 
G 4 HOH 22 122 46  HOH HOH B . 
G 4 HOH 23 123 51  HOH HOH B . 
G 4 HOH 24 124 83  HOH HOH B . 
G 4 HOH 25 125 5   HOH HOH B . 
G 4 HOH 26 126 32  HOH HOH B . 
G 4 HOH 27 127 50  HOH HOH B . 
G 4 HOH 28 128 66  HOH HOH B . 
G 4 HOH 29 129 96  HOH HOH B . 
G 4 HOH 30 130 60  HOH HOH B . 
G 4 HOH 31 131 80  HOH HOH B . 
G 4 HOH 32 132 52  HOH HOH B . 
G 4 HOH 33 133 89  HOH HOH B . 
G 4 HOH 34 134 74  HOH HOH B . 
G 4 HOH 35 135 90  HOH HOH B . 
G 4 HOH 36 136 41  HOH HOH B . 
G 4 HOH 37 137 25  HOH HOH B . 
G 4 HOH 38 138 84  HOH HOH B . 
G 4 HOH 39 139 98  HOH HOH B . 
G 4 HOH 40 140 82  HOH HOH B . 
G 4 HOH 41 141 88  HOH HOH B . 
G 4 HOH 42 142 81  HOH HOH B . 
H 4 HOH 1  101 61  HOH HOH C . 
H 4 HOH 2  102 68  HOH HOH C . 
H 4 HOH 3  103 53  HOH HOH C . 
H 4 HOH 4  104 8   HOH HOH C . 
H 4 HOH 5  105 91  HOH HOH C . 
H 4 HOH 6  106 97  HOH HOH C . 
H 4 HOH 7  107 93  HOH HOH C . 
I 4 HOH 1  101 49  HOH HOH D . 
I 4 HOH 2  102 13  HOH HOH D . 
I 4 HOH 3  103 62  HOH HOH D . 
I 4 HOH 4  104 70  HOH HOH D . 
# 
loop_
_pdbx_struct_mod_residue.id 
_pdbx_struct_mod_residue.label_asym_id 
_pdbx_struct_mod_residue.label_comp_id 
_pdbx_struct_mod_residue.label_seq_id 
_pdbx_struct_mod_residue.auth_asym_id 
_pdbx_struct_mod_residue.auth_comp_id 
_pdbx_struct_mod_residue.auth_seq_id 
_pdbx_struct_mod_residue.PDB_ins_code 
_pdbx_struct_mod_residue.parent_comp_id 
_pdbx_struct_mod_residue.details 
1 C M3L 9 C M3L 9 ? LYS 'modified residue' 
2 D M3L 9 D M3L 9 ? LYS 'modified residue' 
# 
loop_
_pdbx_struct_assembly.id 
_pdbx_struct_assembly.details 
_pdbx_struct_assembly.method_details 
_pdbx_struct_assembly.oligomeric_details 
_pdbx_struct_assembly.oligomeric_count 
1 author_and_software_defined_assembly PISA dimeric 2 
2 author_and_software_defined_assembly PISA dimeric 2 
# 
loop_
_pdbx_struct_assembly_gen.assembly_id 
_pdbx_struct_assembly_gen.oper_expression 
_pdbx_struct_assembly_gen.asym_id_list 
1 1 A,C,E,F,H 
2 1 B,D,G,I   
# 
loop_
_pdbx_struct_assembly_prop.biol_id 
_pdbx_struct_assembly_prop.type 
_pdbx_struct_assembly_prop.value 
_pdbx_struct_assembly_prop.details 
1 'ABSA (A^2)' 1390 ? 
1 MORE         -5   ? 
1 'SSA (A^2)'  4390 ? 
2 'ABSA (A^2)' 1170 ? 
2 MORE         -5   ? 
2 'SSA (A^2)'  4060 ? 
# 
_pdbx_struct_oper_list.id                   1 
_pdbx_struct_oper_list.type                 'identity operation' 
_pdbx_struct_oper_list.name                 1_555 
_pdbx_struct_oper_list.symmetry_operation   x,y,z 
_pdbx_struct_oper_list.matrix[1][1]         1.0000000000 
_pdbx_struct_oper_list.matrix[1][2]         0.0000000000 
_pdbx_struct_oper_list.matrix[1][3]         0.0000000000 
_pdbx_struct_oper_list.vector[1]            0.0000000000 
_pdbx_struct_oper_list.matrix[2][1]         0.0000000000 
_pdbx_struct_oper_list.matrix[2][2]         1.0000000000 
_pdbx_struct_oper_list.matrix[2][3]         0.0000000000 
_pdbx_struct_oper_list.vector[2]            0.0000000000 
_pdbx_struct_oper_list.matrix[3][1]         0.0000000000 
_pdbx_struct_oper_list.matrix[3][2]         0.0000000000 
_pdbx_struct_oper_list.matrix[3][3]         1.0000000000 
_pdbx_struct_oper_list.vector[3]            0.0000000000 
# 
loop_
_pdbx_audit_revision_history.ordinal 
_pdbx_audit_revision_history.data_content_type 
_pdbx_audit_revision_history.major_revision 
_pdbx_audit_revision_history.minor_revision 
_pdbx_audit_revision_history.revision_date 
1 'Structure model' 1 0 2019-04-10 
2 'Structure model' 1 1 2019-10-23 
3 'Structure model' 1 2 2020-01-01 
4 'Structure model' 1 3 2023-10-04 
# 
_pdbx_audit_revision_details.ordinal             1 
_pdbx_audit_revision_details.revision_ordinal    1 
_pdbx_audit_revision_details.data_content_type   'Structure model' 
_pdbx_audit_revision_details.provider            repository 
_pdbx_audit_revision_details.type                'Initial release' 
_pdbx_audit_revision_details.description         ? 
_pdbx_audit_revision_details.details             ? 
# 
loop_
_pdbx_audit_revision_group.ordinal 
_pdbx_audit_revision_group.revision_ordinal 
_pdbx_audit_revision_group.data_content_type 
_pdbx_audit_revision_group.group 
1 2 'Structure model' 'Data collection'            
2 2 'Structure model' 'Database references'        
3 3 'Structure model' 'Author supporting evidence' 
4 4 'Structure model' 'Data collection'            
5 4 'Structure model' 'Database references'        
6 4 'Structure model' 'Refinement description'     
# 
loop_
_pdbx_audit_revision_category.ordinal 
_pdbx_audit_revision_category.revision_ordinal 
_pdbx_audit_revision_category.data_content_type 
_pdbx_audit_revision_category.category 
1 2 'Structure model' citation                      
2 2 'Structure model' citation_author               
3 3 'Structure model' pdbx_audit_support            
4 4 'Structure model' chem_comp_atom                
5 4 'Structure model' chem_comp_bond                
6 4 'Structure model' database_2                    
7 4 'Structure model' pdbx_initial_refinement_model 
# 
loop_
_pdbx_audit_revision_item.ordinal 
_pdbx_audit_revision_item.revision_ordinal 
_pdbx_audit_revision_item.data_content_type 
_pdbx_audit_revision_item.item 
1  2 'Structure model' '_citation.country'                        
2  2 'Structure model' '_citation.journal_abbrev'                 
3  2 'Structure model' '_citation.journal_id_ASTM'                
4  2 'Structure model' '_citation.journal_id_CSD'                 
5  2 'Structure model' '_citation.journal_id_ISSN'                
6  2 'Structure model' '_citation.journal_volume'                 
7  2 'Structure model' '_citation.page_first'                     
8  2 'Structure model' '_citation.page_last'                      
9  2 'Structure model' '_citation.pdbx_database_id_DOI'           
10 2 'Structure model' '_citation.pdbx_database_id_PubMed'        
11 2 'Structure model' '_citation.title'                          
12 2 'Structure model' '_citation.year'                           
13 2 'Structure model' '_citation_author.identifier_ORCID'        
14 3 'Structure model' '_pdbx_audit_support.funding_organization' 
15 4 'Structure model' '_database_2.pdbx_DOI'                     
16 4 'Structure model' '_database_2.pdbx_database_accession'      
# 
loop_
_software.citation_id 
_software.classification 
_software.compiler_name 
_software.compiler_version 
_software.contact_author 
_software.contact_author_email 
_software.date 
_software.description 
_software.dependencies 
_software.hardware 
_software.language 
_software.location 
_software.mods 
_software.name 
_software.os 
_software.os_version 
_software.type 
_software.version 
_software.pdbx_ordinal 
? refinement       ? ? ? ? ? ? ? ? ? ? ? PHENIX ? ? ? '(1.12_2829: ???)' 1 
? 'data reduction' ? ? ? ? ? ? ? ? ? ? ? d*TREK ? ? ? .                  2 
? 'data scaling'   ? ? ? ? ? ? ? ? ? ? ? d*TREK ? ? ? .                  3 
? phasing          ? ? ? ? ? ? ? ? ? ? ? PHASER ? ? ? .                  4 
# 
loop_
_pdbx_validate_close_contact.id 
_pdbx_validate_close_contact.PDB_model_num 
_pdbx_validate_close_contact.auth_atom_id_1 
_pdbx_validate_close_contact.auth_asym_id_1 
_pdbx_validate_close_contact.auth_comp_id_1 
_pdbx_validate_close_contact.auth_seq_id_1 
_pdbx_validate_close_contact.PDB_ins_code_1 
_pdbx_validate_close_contact.label_alt_id_1 
_pdbx_validate_close_contact.auth_atom_id_2 
_pdbx_validate_close_contact.auth_asym_id_2 
_pdbx_validate_close_contact.auth_comp_id_2 
_pdbx_validate_close_contact.auth_seq_id_2 
_pdbx_validate_close_contact.PDB_ins_code_2 
_pdbx_validate_close_contact.label_alt_id_2 
_pdbx_validate_close_contact.dist 
1 1 O A HOH 212 ? ? O A HOH 223 ? ? 2.18 
2 1 O A HOH 226 ? ? O A HOH 238 ? ? 2.19 
# 
loop_
_pdbx_unobs_or_zero_occ_atoms.id 
_pdbx_unobs_or_zero_occ_atoms.PDB_model_num 
_pdbx_unobs_or_zero_occ_atoms.polymer_flag 
_pdbx_unobs_or_zero_occ_atoms.occupancy_flag 
_pdbx_unobs_or_zero_occ_atoms.auth_asym_id 
_pdbx_unobs_or_zero_occ_atoms.auth_comp_id 
_pdbx_unobs_or_zero_occ_atoms.auth_seq_id 
_pdbx_unobs_or_zero_occ_atoms.PDB_ins_code 
_pdbx_unobs_or_zero_occ_atoms.auth_atom_id 
_pdbx_unobs_or_zero_occ_atoms.label_alt_id 
_pdbx_unobs_or_zero_occ_atoms.label_asym_id 
_pdbx_unobs_or_zero_occ_atoms.label_comp_id 
_pdbx_unobs_or_zero_occ_atoms.label_seq_id 
_pdbx_unobs_or_zero_occ_atoms.label_atom_id 
1 1 Y 1 A LYS 54 ? CG ? A LYS 54 CG 
2 1 Y 1 A LYS 54 ? CD ? A LYS 54 CD 
3 1 Y 1 A LYS 54 ? CE ? A LYS 54 CE 
4 1 Y 1 A LYS 54 ? NZ ? A LYS 54 NZ 
# 
loop_
_pdbx_unobs_or_zero_occ_residues.id 
_pdbx_unobs_or_zero_occ_residues.PDB_model_num 
_pdbx_unobs_or_zero_occ_residues.polymer_flag 
_pdbx_unobs_or_zero_occ_residues.occupancy_flag 
_pdbx_unobs_or_zero_occ_residues.auth_asym_id 
_pdbx_unobs_or_zero_occ_residues.auth_comp_id 
_pdbx_unobs_or_zero_occ_residues.auth_seq_id 
_pdbx_unobs_or_zero_occ_residues.PDB_ins_code 
_pdbx_unobs_or_zero_occ_residues.label_asym_id 
_pdbx_unobs_or_zero_occ_residues.label_comp_id 
_pdbx_unobs_or_zero_occ_residues.label_seq_id 
1  1 Y 1 A THR 55 ? A THR 55 
2  1 Y 1 B GLN 53 ? B GLN 53 
3  1 Y 1 B LYS 54 ? B LYS 54 
4  1 Y 1 B THR 55 ? B THR 55 
5  1 Y 1 C ALA 1  ? C ALA 1  
6  1 Y 1 C ARG 2  ? C ARG 2  
7  1 Y 1 C THR 3  ? C THR 3  
8  1 Y 1 C GLY 13 ? C GLY 13 
9  1 Y 1 C LYS 14 ? C LYS 14 
10 1 Y 1 C ALA 15 ? C ALA 15 
11 1 Y 1 C NH2 16 ? C NH2 16 
12 1 Y 1 D ALA 1  ? D ALA 1  
13 1 Y 1 D ARG 2  ? D ARG 2  
14 1 Y 1 D THR 3  ? D THR 3  
15 1 Y 1 D THR 11 ? D THR 11 
16 1 Y 1 D GLY 12 ? D GLY 12 
17 1 Y 1 D GLY 13 ? D GLY 13 
18 1 Y 1 D LYS 14 ? D LYS 14 
19 1 Y 1 D ALA 15 ? D ALA 15 
20 1 Y 1 D NH2 16 ? D NH2 16 
# 
loop_
_chem_comp_atom.comp_id 
_chem_comp_atom.atom_id 
_chem_comp_atom.type_symbol 
_chem_comp_atom.pdbx_aromatic_flag 
_chem_comp_atom.pdbx_stereo_config 
_chem_comp_atom.pdbx_ordinal 
ALA N    N N N 1   
ALA CA   C N S 2   
ALA C    C N N 3   
ALA O    O N N 4   
ALA CB   C N N 5   
ALA OXT  O N N 6   
ALA H    H N N 7   
ALA H2   H N N 8   
ALA HA   H N N 9   
ALA HB1  H N N 10  
ALA HB2  H N N 11  
ALA HB3  H N N 12  
ALA HXT  H N N 13  
ARG N    N N N 14  
ARG CA   C N S 15  
ARG C    C N N 16  
ARG O    O N N 17  
ARG CB   C N N 18  
ARG CG   C N N 19  
ARG CD   C N N 20  
ARG NE   N N N 21  
ARG CZ   C N N 22  
ARG NH1  N N N 23  
ARG NH2  N N N 24  
ARG OXT  O N N 25  
ARG H    H N N 26  
ARG H2   H N N 27  
ARG HA   H N N 28  
ARG HB2  H N N 29  
ARG HB3  H N N 30  
ARG HG2  H N N 31  
ARG HG3  H N N 32  
ARG HD2  H N N 33  
ARG HD3  H N N 34  
ARG HE   H N N 35  
ARG HH11 H N N 36  
ARG HH12 H N N 37  
ARG HH21 H N N 38  
ARG HH22 H N N 39  
ARG HXT  H N N 40  
ASN N    N N N 41  
ASN CA   C N S 42  
ASN C    C N N 43  
ASN O    O N N 44  
ASN CB   C N N 45  
ASN CG   C N N 46  
ASN OD1  O N N 47  
ASN ND2  N N N 48  
ASN OXT  O N N 49  
ASN H    H N N 50  
ASN H2   H N N 51  
ASN HA   H N N 52  
ASN HB2  H N N 53  
ASN HB3  H N N 54  
ASN HD21 H N N 55  
ASN HD22 H N N 56  
ASN HXT  H N N 57  
ASP N    N N N 58  
ASP CA   C N S 59  
ASP C    C N N 60  
ASP O    O N N 61  
ASP CB   C N N 62  
ASP CG   C N N 63  
ASP OD1  O N N 64  
ASP OD2  O N N 65  
ASP OXT  O N N 66  
ASP H    H N N 67  
ASP H2   H N N 68  
ASP HA   H N N 69  
ASP HB2  H N N 70  
ASP HB3  H N N 71  
ASP HD2  H N N 72  
ASP HXT  H N N 73  
CYS N    N N N 74  
CYS CA   C N R 75  
CYS C    C N N 76  
CYS O    O N N 77  
CYS CB   C N N 78  
CYS SG   S N N 79  
CYS OXT  O N N 80  
CYS H    H N N 81  
CYS H2   H N N 82  
CYS HA   H N N 83  
CYS HB2  H N N 84  
CYS HB3  H N N 85  
CYS HG   H N N 86  
CYS HXT  H N N 87  
GLN N    N N N 88  
GLN CA   C N S 89  
GLN C    C N N 90  
GLN O    O N N 91  
GLN CB   C N N 92  
GLN CG   C N N 93  
GLN CD   C N N 94  
GLN OE1  O N N 95  
GLN NE2  N N N 96  
GLN OXT  O N N 97  
GLN H    H N N 98  
GLN H2   H N N 99  
GLN HA   H N N 100 
GLN HB2  H N N 101 
GLN HB3  H N N 102 
GLN HG2  H N N 103 
GLN HG3  H N N 104 
GLN HE21 H N N 105 
GLN HE22 H N N 106 
GLN HXT  H N N 107 
GLU N    N N N 108 
GLU CA   C N S 109 
GLU C    C N N 110 
GLU O    O N N 111 
GLU CB   C N N 112 
GLU CG   C N N 113 
GLU CD   C N N 114 
GLU OE1  O N N 115 
GLU OE2  O N N 116 
GLU OXT  O N N 117 
GLU H    H N N 118 
GLU H2   H N N 119 
GLU HA   H N N 120 
GLU HB2  H N N 121 
GLU HB3  H N N 122 
GLU HG2  H N N 123 
GLU HG3  H N N 124 
GLU HE2  H N N 125 
GLU HXT  H N N 126 
GLY N    N N N 127 
GLY CA   C N N 128 
GLY C    C N N 129 
GLY O    O N N 130 
GLY OXT  O N N 131 
GLY H    H N N 132 
GLY H2   H N N 133 
GLY HA2  H N N 134 
GLY HA3  H N N 135 
GLY HXT  H N N 136 
GOL C1   C N N 137 
GOL O1   O N N 138 
GOL C2   C N N 139 
GOL O2   O N N 140 
GOL C3   C N N 141 
GOL O3   O N N 142 
GOL H11  H N N 143 
GOL H12  H N N 144 
GOL HO1  H N N 145 
GOL H2   H N N 146 
GOL HO2  H N N 147 
GOL H31  H N N 148 
GOL H32  H N N 149 
GOL HO3  H N N 150 
HOH O    O N N 151 
HOH H1   H N N 152 
HOH H2   H N N 153 
ILE N    N N N 154 
ILE CA   C N S 155 
ILE C    C N N 156 
ILE O    O N N 157 
ILE CB   C N S 158 
ILE CG1  C N N 159 
ILE CG2  C N N 160 
ILE CD1  C N N 161 
ILE OXT  O N N 162 
ILE H    H N N 163 
ILE H2   H N N 164 
ILE HA   H N N 165 
ILE HB   H N N 166 
ILE HG12 H N N 167 
ILE HG13 H N N 168 
ILE HG21 H N N 169 
ILE HG22 H N N 170 
ILE HG23 H N N 171 
ILE HD11 H N N 172 
ILE HD12 H N N 173 
ILE HD13 H N N 174 
ILE HXT  H N N 175 
LEU N    N N N 176 
LEU CA   C N S 177 
LEU C    C N N 178 
LEU O    O N N 179 
LEU CB   C N N 180 
LEU CG   C N N 181 
LEU CD1  C N N 182 
LEU CD2  C N N 183 
LEU OXT  O N N 184 
LEU H    H N N 185 
LEU H2   H N N 186 
LEU HA   H N N 187 
LEU HB2  H N N 188 
LEU HB3  H N N 189 
LEU HG   H N N 190 
LEU HD11 H N N 191 
LEU HD12 H N N 192 
LEU HD13 H N N 193 
LEU HD21 H N N 194 
LEU HD22 H N N 195 
LEU HD23 H N N 196 
LEU HXT  H N N 197 
LYS N    N N N 198 
LYS CA   C N S 199 
LYS C    C N N 200 
LYS O    O N N 201 
LYS CB   C N N 202 
LYS CG   C N N 203 
LYS CD   C N N 204 
LYS CE   C N N 205 
LYS NZ   N N N 206 
LYS OXT  O N N 207 
LYS H    H N N 208 
LYS H2   H N N 209 
LYS HA   H N N 210 
LYS HB2  H N N 211 
LYS HB3  H N N 212 
LYS HG2  H N N 213 
LYS HG3  H N N 214 
LYS HD2  H N N 215 
LYS HD3  H N N 216 
LYS HE2  H N N 217 
LYS HE3  H N N 218 
LYS HZ1  H N N 219 
LYS HZ2  H N N 220 
LYS HZ3  H N N 221 
LYS HXT  H N N 222 
M3L N    N N N 223 
M3L CA   C N S 224 
M3L CB   C N N 225 
M3L CG   C N N 226 
M3L CD   C N N 227 
M3L CE   C N N 228 
M3L NZ   N N N 229 
M3L C    C N N 230 
M3L O    O N N 231 
M3L OXT  O N N 232 
M3L CM1  C N N 233 
M3L CM2  C N N 234 
M3L CM3  C N N 235 
M3L H    H N N 236 
M3L H2   H N N 237 
M3L HA   H N N 238 
M3L HB2  H N N 239 
M3L HB3  H N N 240 
M3L HG2  H N N 241 
M3L HG3  H N N 242 
M3L HD2  H N N 243 
M3L HD3  H N N 244 
M3L HE2  H N N 245 
M3L HE3  H N N 246 
M3L HXT  H N N 247 
M3L HM11 H N N 248 
M3L HM12 H N N 249 
M3L HM13 H N N 250 
M3L HM21 H N N 251 
M3L HM22 H N N 252 
M3L HM23 H N N 253 
M3L HM31 H N N 254 
M3L HM32 H N N 255 
M3L HM33 H N N 256 
NH2 N    N N N 257 
NH2 HN1  H N N 258 
NH2 HN2  H N N 259 
PHE N    N N N 260 
PHE CA   C N S 261 
PHE C    C N N 262 
PHE O    O N N 263 
PHE CB   C N N 264 
PHE CG   C Y N 265 
PHE CD1  C Y N 266 
PHE CD2  C Y N 267 
PHE CE1  C Y N 268 
PHE CE2  C Y N 269 
PHE CZ   C Y N 270 
PHE OXT  O N N 271 
PHE H    H N N 272 
PHE H2   H N N 273 
PHE HA   H N N 274 
PHE HB2  H N N 275 
PHE HB3  H N N 276 
PHE HD1  H N N 277 
PHE HD2  H N N 278 
PHE HE1  H N N 279 
PHE HE2  H N N 280 
PHE HZ   H N N 281 
PHE HXT  H N N 282 
PRO N    N N N 283 
PRO CA   C N S 284 
PRO C    C N N 285 
PRO O    O N N 286 
PRO CB   C N N 287 
PRO CG   C N N 288 
PRO CD   C N N 289 
PRO OXT  O N N 290 
PRO H    H N N 291 
PRO HA   H N N 292 
PRO HB2  H N N 293 
PRO HB3  H N N 294 
PRO HG2  H N N 295 
PRO HG3  H N N 296 
PRO HD2  H N N 297 
PRO HD3  H N N 298 
PRO HXT  H N N 299 
SER N    N N N 300 
SER CA   C N S 301 
SER C    C N N 302 
SER O    O N N 303 
SER CB   C N N 304 
SER OG   O N N 305 
SER OXT  O N N 306 
SER H    H N N 307 
SER H2   H N N 308 
SER HA   H N N 309 
SER HB2  H N N 310 
SER HB3  H N N 311 
SER HG   H N N 312 
SER HXT  H N N 313 
THR N    N N N 314 
THR CA   C N S 315 
THR C    C N N 316 
THR O    O N N 317 
THR CB   C N R 318 
THR OG1  O N N 319 
THR CG2  C N N 320 
THR OXT  O N N 321 
THR H    H N N 322 
THR H2   H N N 323 
THR HA   H N N 324 
THR HB   H N N 325 
THR HG1  H N N 326 
THR HG21 H N N 327 
THR HG22 H N N 328 
THR HG23 H N N 329 
THR HXT  H N N 330 
TRP N    N N N 331 
TRP CA   C N S 332 
TRP C    C N N 333 
TRP O    O N N 334 
TRP CB   C N N 335 
TRP CG   C Y N 336 
TRP CD1  C Y N 337 
TRP CD2  C Y N 338 
TRP NE1  N Y N 339 
TRP CE2  C Y N 340 
TRP CE3  C Y N 341 
TRP CZ2  C Y N 342 
TRP CZ3  C Y N 343 
TRP CH2  C Y N 344 
TRP OXT  O N N 345 
TRP H    H N N 346 
TRP H2   H N N 347 
TRP HA   H N N 348 
TRP HB2  H N N 349 
TRP HB3  H N N 350 
TRP HD1  H N N 351 
TRP HE1  H N N 352 
TRP HE3  H N N 353 
TRP HZ2  H N N 354 
TRP HZ3  H N N 355 
TRP HH2  H N N 356 
TRP HXT  H N N 357 
TYR N    N N N 358 
TYR CA   C N S 359 
TYR C    C N N 360 
TYR O    O N N 361 
TYR CB   C N N 362 
TYR CG   C Y N 363 
TYR CD1  C Y N 364 
TYR CD2  C Y N 365 
TYR CE1  C Y N 366 
TYR CE2  C Y N 367 
TYR CZ   C Y N 368 
TYR OH   O N N 369 
TYR OXT  O N N 370 
TYR H    H N N 371 
TYR H2   H N N 372 
TYR HA   H N N 373 
TYR HB2  H N N 374 
TYR HB3  H N N 375 
TYR HD1  H N N 376 
TYR HD2  H N N 377 
TYR HE1  H N N 378 
TYR HE2  H N N 379 
TYR HH   H N N 380 
TYR HXT  H N N 381 
VAL N    N N N 382 
VAL CA   C N S 383 
VAL C    C N N 384 
VAL O    O N N 385 
VAL CB   C N N 386 
VAL CG1  C N N 387 
VAL CG2  C N N 388 
VAL OXT  O N N 389 
VAL H    H N N 390 
VAL H2   H N N 391 
VAL HA   H N N 392 
VAL HB   H N N 393 
VAL HG11 H N N 394 
VAL HG12 H N N 395 
VAL HG13 H N N 396 
VAL HG21 H N N 397 
VAL HG22 H N N 398 
VAL HG23 H N N 399 
VAL HXT  H N N 400 
# 
loop_
_chem_comp_bond.comp_id 
_chem_comp_bond.atom_id_1 
_chem_comp_bond.atom_id_2 
_chem_comp_bond.value_order 
_chem_comp_bond.pdbx_aromatic_flag 
_chem_comp_bond.pdbx_stereo_config 
_chem_comp_bond.pdbx_ordinal 
ALA N   CA   sing N N 1   
ALA N   H    sing N N 2   
ALA N   H2   sing N N 3   
ALA CA  C    sing N N 4   
ALA CA  CB   sing N N 5   
ALA CA  HA   sing N N 6   
ALA C   O    doub N N 7   
ALA C   OXT  sing N N 8   
ALA CB  HB1  sing N N 9   
ALA CB  HB2  sing N N 10  
ALA CB  HB3  sing N N 11  
ALA OXT HXT  sing N N 12  
ARG N   CA   sing N N 13  
ARG N   H    sing N N 14  
ARG N   H2   sing N N 15  
ARG CA  C    sing N N 16  
ARG CA  CB   sing N N 17  
ARG CA  HA   sing N N 18  
ARG C   O    doub N N 19  
ARG C   OXT  sing N N 20  
ARG CB  CG   sing N N 21  
ARG CB  HB2  sing N N 22  
ARG CB  HB3  sing N N 23  
ARG CG  CD   sing N N 24  
ARG CG  HG2  sing N N 25  
ARG CG  HG3  sing N N 26  
ARG CD  NE   sing N N 27  
ARG CD  HD2  sing N N 28  
ARG CD  HD3  sing N N 29  
ARG NE  CZ   sing N N 30  
ARG NE  HE   sing N N 31  
ARG CZ  NH1  sing N N 32  
ARG CZ  NH2  doub N N 33  
ARG NH1 HH11 sing N N 34  
ARG NH1 HH12 sing N N 35  
ARG NH2 HH21 sing N N 36  
ARG NH2 HH22 sing N N 37  
ARG OXT HXT  sing N N 38  
ASN N   CA   sing N N 39  
ASN N   H    sing N N 40  
ASN N   H2   sing N N 41  
ASN CA  C    sing N N 42  
ASN CA  CB   sing N N 43  
ASN CA  HA   sing N N 44  
ASN C   O    doub N N 45  
ASN C   OXT  sing N N 46  
ASN CB  CG   sing N N 47  
ASN CB  HB2  sing N N 48  
ASN CB  HB3  sing N N 49  
ASN CG  OD1  doub N N 50  
ASN CG  ND2  sing N N 51  
ASN ND2 HD21 sing N N 52  
ASN ND2 HD22 sing N N 53  
ASN OXT HXT  sing N N 54  
ASP N   CA   sing N N 55  
ASP N   H    sing N N 56  
ASP N   H2   sing N N 57  
ASP CA  C    sing N N 58  
ASP CA  CB   sing N N 59  
ASP CA  HA   sing N N 60  
ASP C   O    doub N N 61  
ASP C   OXT  sing N N 62  
ASP CB  CG   sing N N 63  
ASP CB  HB2  sing N N 64  
ASP CB  HB3  sing N N 65  
ASP CG  OD1  doub N N 66  
ASP CG  OD2  sing N N 67  
ASP OD2 HD2  sing N N 68  
ASP OXT HXT  sing N N 69  
CYS N   CA   sing N N 70  
CYS N   H    sing N N 71  
CYS N   H2   sing N N 72  
CYS CA  C    sing N N 73  
CYS CA  CB   sing N N 74  
CYS CA  HA   sing N N 75  
CYS C   O    doub N N 76  
CYS C   OXT  sing N N 77  
CYS CB  SG   sing N N 78  
CYS CB  HB2  sing N N 79  
CYS CB  HB3  sing N N 80  
CYS SG  HG   sing N N 81  
CYS OXT HXT  sing N N 82  
GLN N   CA   sing N N 83  
GLN N   H    sing N N 84  
GLN N   H2   sing N N 85  
GLN CA  C    sing N N 86  
GLN CA  CB   sing N N 87  
GLN CA  HA   sing N N 88  
GLN C   O    doub N N 89  
GLN C   OXT  sing N N 90  
GLN CB  CG   sing N N 91  
GLN CB  HB2  sing N N 92  
GLN CB  HB3  sing N N 93  
GLN CG  CD   sing N N 94  
GLN CG  HG2  sing N N 95  
GLN CG  HG3  sing N N 96  
GLN CD  OE1  doub N N 97  
GLN CD  NE2  sing N N 98  
GLN NE2 HE21 sing N N 99  
GLN NE2 HE22 sing N N 100 
GLN OXT HXT  sing N N 101 
GLU N   CA   sing N N 102 
GLU N   H    sing N N 103 
GLU N   H2   sing N N 104 
GLU CA  C    sing N N 105 
GLU CA  CB   sing N N 106 
GLU CA  HA   sing N N 107 
GLU C   O    doub N N 108 
GLU C   OXT  sing N N 109 
GLU CB  CG   sing N N 110 
GLU CB  HB2  sing N N 111 
GLU CB  HB3  sing N N 112 
GLU CG  CD   sing N N 113 
GLU CG  HG2  sing N N 114 
GLU CG  HG3  sing N N 115 
GLU CD  OE1  doub N N 116 
GLU CD  OE2  sing N N 117 
GLU OE2 HE2  sing N N 118 
GLU OXT HXT  sing N N 119 
GLY N   CA   sing N N 120 
GLY N   H    sing N N 121 
GLY N   H2   sing N N 122 
GLY CA  C    sing N N 123 
GLY CA  HA2  sing N N 124 
GLY CA  HA3  sing N N 125 
GLY C   O    doub N N 126 
GLY C   OXT  sing N N 127 
GLY OXT HXT  sing N N 128 
GOL C1  O1   sing N N 129 
GOL C1  C2   sing N N 130 
GOL C1  H11  sing N N 131 
GOL C1  H12  sing N N 132 
GOL O1  HO1  sing N N 133 
GOL C2  O2   sing N N 134 
GOL C2  C3   sing N N 135 
GOL C2  H2   sing N N 136 
GOL O2  HO2  sing N N 137 
GOL C3  O3   sing N N 138 
GOL C3  H31  sing N N 139 
GOL C3  H32  sing N N 140 
GOL O3  HO3  sing N N 141 
HOH O   H1   sing N N 142 
HOH O   H2   sing N N 143 
ILE N   CA   sing N N 144 
ILE N   H    sing N N 145 
ILE N   H2   sing N N 146 
ILE CA  C    sing N N 147 
ILE CA  CB   sing N N 148 
ILE CA  HA   sing N N 149 
ILE C   O    doub N N 150 
ILE C   OXT  sing N N 151 
ILE CB  CG1  sing N N 152 
ILE CB  CG2  sing N N 153 
ILE CB  HB   sing N N 154 
ILE CG1 CD1  sing N N 155 
ILE CG1 HG12 sing N N 156 
ILE CG1 HG13 sing N N 157 
ILE CG2 HG21 sing N N 158 
ILE CG2 HG22 sing N N 159 
ILE CG2 HG23 sing N N 160 
ILE CD1 HD11 sing N N 161 
ILE CD1 HD12 sing N N 162 
ILE CD1 HD13 sing N N 163 
ILE OXT HXT  sing N N 164 
LEU N   CA   sing N N 165 
LEU N   H    sing N N 166 
LEU N   H2   sing N N 167 
LEU CA  C    sing N N 168 
LEU CA  CB   sing N N 169 
LEU CA  HA   sing N N 170 
LEU C   O    doub N N 171 
LEU C   OXT  sing N N 172 
LEU CB  CG   sing N N 173 
LEU CB  HB2  sing N N 174 
LEU CB  HB3  sing N N 175 
LEU CG  CD1  sing N N 176 
LEU CG  CD2  sing N N 177 
LEU CG  HG   sing N N 178 
LEU CD1 HD11 sing N N 179 
LEU CD1 HD12 sing N N 180 
LEU CD1 HD13 sing N N 181 
LEU CD2 HD21 sing N N 182 
LEU CD2 HD22 sing N N 183 
LEU CD2 HD23 sing N N 184 
LEU OXT HXT  sing N N 185 
LYS N   CA   sing N N 186 
LYS N   H    sing N N 187 
LYS N   H2   sing N N 188 
LYS CA  C    sing N N 189 
LYS CA  CB   sing N N 190 
LYS CA  HA   sing N N 191 
LYS C   O    doub N N 192 
LYS C   OXT  sing N N 193 
LYS CB  CG   sing N N 194 
LYS CB  HB2  sing N N 195 
LYS CB  HB3  sing N N 196 
LYS CG  CD   sing N N 197 
LYS CG  HG2  sing N N 198 
LYS CG  HG3  sing N N 199 
LYS CD  CE   sing N N 200 
LYS CD  HD2  sing N N 201 
LYS CD  HD3  sing N N 202 
LYS CE  NZ   sing N N 203 
LYS CE  HE2  sing N N 204 
LYS CE  HE3  sing N N 205 
LYS NZ  HZ1  sing N N 206 
LYS NZ  HZ2  sing N N 207 
LYS NZ  HZ3  sing N N 208 
LYS OXT HXT  sing N N 209 
M3L N   CA   sing N N 210 
M3L N   H    sing N N 211 
M3L N   H2   sing N N 212 
M3L CA  CB   sing N N 213 
M3L CA  C    sing N N 214 
M3L CA  HA   sing N N 215 
M3L CB  CG   sing N N 216 
M3L CB  HB2  sing N N 217 
M3L CB  HB3  sing N N 218 
M3L CG  CD   sing N N 219 
M3L CG  HG2  sing N N 220 
M3L CG  HG3  sing N N 221 
M3L CD  CE   sing N N 222 
M3L CD  HD2  sing N N 223 
M3L CD  HD3  sing N N 224 
M3L CE  NZ   sing N N 225 
M3L CE  HE2  sing N N 226 
M3L CE  HE3  sing N N 227 
M3L NZ  CM1  sing N N 228 
M3L NZ  CM2  sing N N 229 
M3L NZ  CM3  sing N N 230 
M3L C   O    doub N N 231 
M3L C   OXT  sing N N 232 
M3L OXT HXT  sing N N 233 
M3L CM1 HM11 sing N N 234 
M3L CM1 HM12 sing N N 235 
M3L CM1 HM13 sing N N 236 
M3L CM2 HM21 sing N N 237 
M3L CM2 HM22 sing N N 238 
M3L CM2 HM23 sing N N 239 
M3L CM3 HM31 sing N N 240 
M3L CM3 HM32 sing N N 241 
M3L CM3 HM33 sing N N 242 
NH2 N   HN1  sing N N 243 
NH2 N   HN2  sing N N 244 
PHE N   CA   sing N N 245 
PHE N   H    sing N N 246 
PHE N   H2   sing N N 247 
PHE CA  C    sing N N 248 
PHE CA  CB   sing N N 249 
PHE CA  HA   sing N N 250 
PHE C   O    doub N N 251 
PHE C   OXT  sing N N 252 
PHE CB  CG   sing N N 253 
PHE CB  HB2  sing N N 254 
PHE CB  HB3  sing N N 255 
PHE CG  CD1  doub Y N 256 
PHE CG  CD2  sing Y N 257 
PHE CD1 CE1  sing Y N 258 
PHE CD1 HD1  sing N N 259 
PHE CD2 CE2  doub Y N 260 
PHE CD2 HD2  sing N N 261 
PHE CE1 CZ   doub Y N 262 
PHE CE1 HE1  sing N N 263 
PHE CE2 CZ   sing Y N 264 
PHE CE2 HE2  sing N N 265 
PHE CZ  HZ   sing N N 266 
PHE OXT HXT  sing N N 267 
PRO N   CA   sing N N 268 
PRO N   CD   sing N N 269 
PRO N   H    sing N N 270 
PRO CA  C    sing N N 271 
PRO CA  CB   sing N N 272 
PRO CA  HA   sing N N 273 
PRO C   O    doub N N 274 
PRO C   OXT  sing N N 275 
PRO CB  CG   sing N N 276 
PRO CB  HB2  sing N N 277 
PRO CB  HB3  sing N N 278 
PRO CG  CD   sing N N 279 
PRO CG  HG2  sing N N 280 
PRO CG  HG3  sing N N 281 
PRO CD  HD2  sing N N 282 
PRO CD  HD3  sing N N 283 
PRO OXT HXT  sing N N 284 
SER N   CA   sing N N 285 
SER N   H    sing N N 286 
SER N   H2   sing N N 287 
SER CA  C    sing N N 288 
SER CA  CB   sing N N 289 
SER CA  HA   sing N N 290 
SER C   O    doub N N 291 
SER C   OXT  sing N N 292 
SER CB  OG   sing N N 293 
SER CB  HB2  sing N N 294 
SER CB  HB3  sing N N 295 
SER OG  HG   sing N N 296 
SER OXT HXT  sing N N 297 
THR N   CA   sing N N 298 
THR N   H    sing N N 299 
THR N   H2   sing N N 300 
THR CA  C    sing N N 301 
THR CA  CB   sing N N 302 
THR CA  HA   sing N N 303 
THR C   O    doub N N 304 
THR C   OXT  sing N N 305 
THR CB  OG1  sing N N 306 
THR CB  CG2  sing N N 307 
THR CB  HB   sing N N 308 
THR OG1 HG1  sing N N 309 
THR CG2 HG21 sing N N 310 
THR CG2 HG22 sing N N 311 
THR CG2 HG23 sing N N 312 
THR OXT HXT  sing N N 313 
TRP N   CA   sing N N 314 
TRP N   H    sing N N 315 
TRP N   H2   sing N N 316 
TRP CA  C    sing N N 317 
TRP CA  CB   sing N N 318 
TRP CA  HA   sing N N 319 
TRP C   O    doub N N 320 
TRP C   OXT  sing N N 321 
TRP CB  CG   sing N N 322 
TRP CB  HB2  sing N N 323 
TRP CB  HB3  sing N N 324 
TRP CG  CD1  doub Y N 325 
TRP CG  CD2  sing Y N 326 
TRP CD1 NE1  sing Y N 327 
TRP CD1 HD1  sing N N 328 
TRP CD2 CE2  doub Y N 329 
TRP CD2 CE3  sing Y N 330 
TRP NE1 CE2  sing Y N 331 
TRP NE1 HE1  sing N N 332 
TRP CE2 CZ2  sing Y N 333 
TRP CE3 CZ3  doub Y N 334 
TRP CE3 HE3  sing N N 335 
TRP CZ2 CH2  doub Y N 336 
TRP CZ2 HZ2  sing N N 337 
TRP CZ3 CH2  sing Y N 338 
TRP CZ3 HZ3  sing N N 339 
TRP CH2 HH2  sing N N 340 
TRP OXT HXT  sing N N 341 
TYR N   CA   sing N N 342 
TYR N   H    sing N N 343 
TYR N   H2   sing N N 344 
TYR CA  C    sing N N 345 
TYR CA  CB   sing N N 346 
TYR CA  HA   sing N N 347 
TYR C   O    doub N N 348 
TYR C   OXT  sing N N 349 
TYR CB  CG   sing N N 350 
TYR CB  HB2  sing N N 351 
TYR CB  HB3  sing N N 352 
TYR CG  CD1  doub Y N 353 
TYR CG  CD2  sing Y N 354 
TYR CD1 CE1  sing Y N 355 
TYR CD1 HD1  sing N N 356 
TYR CD2 CE2  doub Y N 357 
TYR CD2 HD2  sing N N 358 
TYR CE1 CZ   doub Y N 359 
TYR CE1 HE1  sing N N 360 
TYR CE2 CZ   sing Y N 361 
TYR CE2 HE2  sing N N 362 
TYR CZ  OH   sing N N 363 
TYR OH  HH   sing N N 364 
TYR OXT HXT  sing N N 365 
VAL N   CA   sing N N 366 
VAL N   H    sing N N 367 
VAL N   H2   sing N N 368 
VAL CA  C    sing N N 369 
VAL CA  CB   sing N N 370 
VAL CA  HA   sing N N 371 
VAL C   O    doub N N 372 
VAL C   OXT  sing N N 373 
VAL CB  CG1  sing N N 374 
VAL CB  CG2  sing N N 375 
VAL CB  HB   sing N N 376 
VAL CG1 HG11 sing N N 377 
VAL CG1 HG12 sing N N 378 
VAL CG1 HG13 sing N N 379 
VAL CG2 HG21 sing N N 380 
VAL CG2 HG22 sing N N 381 
VAL CG2 HG23 sing N N 382 
VAL OXT HXT  sing N N 383 
# 
_pdbx_audit_support.funding_organization   
'National Institutes of Health/National Institute of General Medical Sciences (NIH/NIGMS)' 
_pdbx_audit_support.country                'United States' 
_pdbx_audit_support.grant_number           1R01GM123234 
_pdbx_audit_support.ordinal                1 
# 
loop_
_pdbx_entity_nonpoly.entity_id 
_pdbx_entity_nonpoly.name 
_pdbx_entity_nonpoly.comp_id 
3 GLYCEROL GOL 
4 water    HOH 
# 
_pdbx_initial_refinement_model.id               1 
_pdbx_initial_refinement_model.entity_id_list   ? 
_pdbx_initial_refinement_model.type             'experimental model' 
_pdbx_initial_refinement_model.source_name      PDB 
_pdbx_initial_refinement_model.accession_code   3FDT 
_pdbx_initial_refinement_model.details          'PDB entry 3FDT' 
# 
_pdbx_struct_assembly_auth_evidence.id                     1 
_pdbx_struct_assembly_auth_evidence.assembly_id            1 
_pdbx_struct_assembly_auth_evidence.experimental_support   'assay for oligomerization' 
_pdbx_struct_assembly_auth_evidence.details                ? 
# 
